data_2A2O
#
_entry.id   2A2O
#
_cell.length_a   201.238
_cell.length_b   201.238
_cell.length_c   291.030
_cell.angle_alpha   90.000
_cell.angle_beta   90.000
_cell.angle_gamma   120.000
#
_symmetry.space_group_name_H-M   'P 63 2 2'
#
loop_
_entity.id
_entity.type
_entity.pdbx_description
1 polymer 'hypothetical protein BT3146'
2 non-polymer 1,2-ETHANEDIOL
3 non-polymer 'POTASSIUM ION'
4 water water
#
_entity_poly.entity_id   1
_entity_poly.type   'polypeptide(L)'
_entity_poly.pdbx_seq_one_letter_code
;(MSE)GSDKIHHHHHH(MSE)NDFKNQWLRKRTFAIPASRLTGRLTTLKSDVPAADSLFWKLWNGSLDTAVQVLQTDYFK
GIAAGTLDPNAYGSL(MSE)VQDGYYCFRGRDDYATAATCAQDETLREFFKAKAKSYDEYNETYHQTWHLREASGLIPGT
DIKDYADYEAYVAGSLASPY(MSE)CVV(MSE)LPCEYLWPWIANFLDGYTPTNSLYRFWIEWNGGTPNGAYQ(MSE)GN
(MSE)LEQYRDKIDEDKAVEIFNTA(MSE)NYELKVFTSSTILTTIENGK
;
_entity_poly.pdbx_strand_id   A,B,C,D,E,F,G
#
loop_
_chem_comp.id
_chem_comp.type
_chem_comp.name
_chem_comp.formula
EDO non-polymer 1,2-ETHANEDIOL 'C2 H6 O2'
K non-polymer 'POTASSIUM ION' 'K 1'
#
# COMPACT_ATOMS: atom_id res chain seq x y z
N ARG A 22 4.86 -25.80 5.30
CA ARG A 22 5.05 -24.79 4.21
C ARG A 22 6.50 -24.24 4.00
N LYS A 23 7.46 -24.46 4.94
CA LYS A 23 8.89 -24.16 4.66
C LYS A 23 9.30 -24.78 3.34
N ARG A 24 9.64 -23.93 2.39
CA ARG A 24 9.88 -24.39 1.07
C ARG A 24 11.31 -24.96 1.00
N THR A 25 11.42 -26.27 1.09
CA THR A 25 12.70 -26.93 0.92
C THR A 25 12.50 -28.24 0.21
N PHE A 26 13.46 -28.57 -0.64
CA PHE A 26 13.50 -29.85 -1.32
C PHE A 26 14.73 -30.64 -0.92
N ALA A 27 15.37 -30.23 0.18
CA ALA A 27 16.54 -30.91 0.70
C ALA A 27 16.23 -32.36 1.06
N ILE A 28 17.23 -33.22 0.93
CA ILE A 28 17.10 -34.56 1.46
C ILE A 28 17.47 -34.44 2.94
N PRO A 29 16.53 -34.81 3.82
CA PRO A 29 16.77 -34.70 5.26
C PRO A 29 17.74 -35.77 5.75
N ALA A 30 18.36 -35.51 6.89
CA ALA A 30 19.38 -36.40 7.43
C ALA A 30 18.88 -37.83 7.51
N SER A 31 17.62 -38.01 7.89
CA SER A 31 17.09 -39.38 8.02
C SER A 31 17.08 -40.15 6.69
N ARG A 32 17.15 -39.47 5.55
CA ARG A 32 17.16 -40.16 4.27
C ARG A 32 18.51 -40.10 3.53
N LEU A 33 19.55 -39.65 4.22
CA LEU A 33 20.92 -39.71 3.71
C LEU A 33 21.49 -41.04 4.13
N THR A 34 21.05 -42.06 3.41
CA THR A 34 21.41 -43.43 3.67
C THR A 34 22.13 -43.99 2.46
N GLY A 35 22.65 -45.19 2.61
CA GLY A 35 23.31 -45.87 1.50
C GLY A 35 24.46 -45.02 0.94
N ARG A 36 24.48 -44.87 -0.37
CA ARG A 36 25.52 -44.10 -1.04
C ARG A 36 25.46 -42.61 -0.73
N LEU A 37 24.36 -42.14 -0.12
CA LEU A 37 24.18 -40.73 0.23
C LEU A 37 24.61 -40.37 1.65
N THR A 38 25.06 -41.36 2.39
CA THR A 38 25.43 -41.17 3.79
C THR A 38 26.33 -39.96 4.06
N THR A 39 27.34 -39.79 3.22
CA THR A 39 28.33 -38.73 3.41
C THR A 39 28.03 -37.42 2.66
N LEU A 40 26.91 -37.35 1.96
CA LEU A 40 26.56 -36.12 1.22
C LEU A 40 26.35 -34.94 2.17
N LYS A 41 27.07 -33.86 1.94
CA LYS A 41 27.00 -32.70 2.80
C LYS A 41 26.17 -31.52 2.22
N SER A 42 25.72 -30.66 3.11
CA SER A 42 24.94 -29.47 2.80
C SER A 42 25.68 -28.18 3.08
N ASP A 43 27.00 -28.24 3.29
CA ASP A 43 27.76 -27.01 3.49
C ASP A 43 27.86 -26.24 2.20
N VAL A 44 28.16 -24.95 2.37
CA VAL A 44 28.32 -24.03 1.28
C VAL A 44 29.40 -24.59 0.34
N PRO A 45 29.08 -24.76 -0.95
CA PRO A 45 30.12 -25.23 -1.87
C PRO A 45 31.34 -24.31 -1.91
N ALA A 46 32.49 -24.87 -2.21
CA ALA A 46 33.72 -24.12 -2.29
C ALA A 46 33.65 -23.09 -3.41
N ALA A 47 34.40 -22.01 -3.24
CA ALA A 47 34.38 -20.88 -4.16
C ALA A 47 34.68 -21.26 -5.60
N ASP A 48 35.50 -22.29 -5.79
CA ASP A 48 35.87 -22.73 -7.14
C ASP A 48 34.90 -23.76 -7.74
N SER A 49 33.79 -24.02 -7.04
CA SER A 49 32.84 -25.06 -7.42
C SER A 49 32.04 -24.68 -8.67
N LEU A 50 31.56 -25.69 -9.38
CA LEU A 50 30.68 -25.44 -10.50
C LEU A 50 29.38 -24.72 -10.06
N PHE A 51 28.88 -25.10 -8.89
CA PHE A 51 27.76 -24.37 -8.28
C PHE A 51 27.92 -22.86 -8.35
N TRP A 52 29.01 -22.33 -7.81
CA TRP A 52 29.18 -20.86 -7.81
C TRP A 52 29.49 -20.32 -9.20
N LYS A 53 30.23 -21.07 -9.99
CA LYS A 53 30.44 -20.68 -11.37
C LYS A 53 29.10 -20.45 -12.13
N LEU A 54 28.19 -21.39 -11.95
CA LEU A 54 26.87 -21.29 -12.57
C LEU A 54 26.10 -20.08 -12.05
N TRP A 55 25.97 -19.96 -10.72
CA TRP A 55 25.23 -18.86 -10.13
C TRP A 55 25.81 -17.50 -10.52
N ASN A 56 27.12 -17.35 -10.41
CA ASN A 56 27.73 -16.06 -10.67
C ASN A 56 27.53 -15.61 -12.10
N GLY A 57 27.54 -16.54 -13.04
CA GLY A 57 27.29 -16.20 -14.43
C GLY A 57 25.86 -15.79 -14.78
N SER A 58 24.90 -16.01 -13.88
CA SER A 58 23.51 -15.66 -14.14
C SER A 58 22.97 -14.58 -13.17
N LEU A 59 23.87 -13.95 -12.42
CA LEU A 59 23.49 -13.02 -11.38
C LEU A 59 22.71 -11.84 -11.95
N ASP A 60 23.04 -11.39 -13.14
CA ASP A 60 22.29 -10.34 -13.84
C ASP A 60 20.80 -10.73 -13.98
N THR A 61 20.54 -12.00 -14.28
CA THR A 61 19.17 -12.50 -14.39
C THR A 61 18.44 -12.48 -13.06
N ALA A 62 19.13 -12.88 -12.00
CA ALA A 62 18.56 -12.85 -10.65
C ALA A 62 18.17 -11.44 -10.27
N VAL A 63 19.03 -10.48 -10.59
CA VAL A 63 18.75 -9.09 -10.31
C VAL A 63 17.49 -8.64 -11.06
N GLN A 64 17.35 -9.08 -12.30
CA GLN A 64 16.12 -8.74 -13.06
C GLN A 64 14.87 -9.41 -12.43
N VAL A 65 15.03 -10.56 -11.77
CA VAL A 65 13.89 -11.17 -11.04
C VAL A 65 13.44 -10.23 -9.90
N LEU A 66 14.40 -9.60 -9.22
CA LEU A 66 14.07 -8.64 -8.18
C LEU A 66 13.35 -7.39 -8.73
N GLN A 67 13.52 -7.14 -10.02
CA GLN A 67 12.92 -5.97 -10.65
C GLN A 67 11.52 -6.24 -11.19
N THR A 68 11.03 -7.47 -11.05
CA THR A 68 9.66 -7.78 -11.45
C THR A 68 8.63 -7.11 -10.53
N ASP A 69 7.48 -6.78 -11.10
CA ASP A 69 6.31 -6.31 -10.32
C ASP A 69 5.93 -7.30 -9.26
N TYR A 70 6.14 -8.58 -9.51
CA TYR A 70 5.85 -9.58 -8.50
C TYR A 70 6.59 -9.28 -7.19
N PHE A 71 7.90 -9.12 -7.27
CA PHE A 71 8.69 -8.96 -6.04
C PHE A 71 8.61 -7.57 -5.48
N LYS A 72 8.35 -6.59 -6.32
CA LYS A 72 8.05 -5.26 -5.84
C LYS A 72 6.78 -5.27 -5.03
N GLY A 73 5.82 -6.08 -5.48
CA GLY A 73 4.57 -6.29 -4.74
C GLY A 73 4.72 -7.03 -3.42
N ILE A 74 5.55 -8.06 -3.40
CA ILE A 74 5.86 -8.80 -2.17
C ILE A 74 6.43 -7.83 -1.12
N ALA A 75 7.44 -7.06 -1.51
CA ALA A 75 8.12 -6.16 -0.58
C ALA A 75 7.19 -5.06 -0.05
N ALA A 76 6.35 -4.53 -0.92
CA ALA A 76 5.40 -3.49 -0.57
C ALA A 76 4.14 -3.99 0.09
N GLY A 77 3.90 -5.30 0.02
CA GLY A 77 2.66 -5.89 0.54
C GLY A 77 1.46 -5.62 -0.32
N THR A 78 1.67 -5.22 -1.58
CA THR A 78 0.59 -4.83 -2.46
C THR A 78 0.42 -5.77 -3.65
N LEU A 79 1.15 -6.88 -3.69
CA LEU A 79 0.95 -7.85 -4.76
C LEU A 79 -0.52 -8.26 -4.81
N ASP A 80 -1.11 -8.20 -6.00
CA ASP A 80 -2.48 -8.63 -6.24
C ASP A 80 -2.62 -10.07 -5.78
N PRO A 81 -3.52 -10.32 -4.81
CA PRO A 81 -3.75 -11.69 -4.34
C PRO A 81 -4.14 -12.67 -5.46
N ASN A 82 -4.73 -12.15 -6.53
CA ASN A 82 -5.03 -12.98 -7.69
C ASN A 82 -3.77 -13.38 -8.47
N ALA A 83 -2.80 -12.47 -8.52
CA ALA A 83 -1.50 -12.81 -9.14
C ALA A 83 -0.78 -13.87 -8.31
N TYR A 84 -0.77 -13.65 -7.00
CA TYR A 84 -0.12 -14.56 -6.07
C TYR A 84 -0.67 -15.96 -6.25
N GLY A 85 -1.98 -16.07 -6.25
CA GLY A 85 -2.64 -17.36 -6.30
C GLY A 85 -2.53 -18.08 -7.63
N SER A 86 -2.71 -17.32 -8.72
CA SER A 86 -2.56 -17.86 -10.06
C SER A 86 -1.18 -18.42 -10.25
N LEU A 87 -0.15 -17.75 -9.72
CA LEU A 87 1.19 -18.26 -9.85
C LEU A 87 1.38 -19.50 -8.99
N MSE A 88 0.79 -19.49 -7.81
CA MSE A 88 0.91 -20.64 -6.94
C MSE A 88 0.37 -21.93 -7.59
O MSE A 88 0.91 -23.00 -7.39
CB MSE A 88 0.21 -20.37 -5.60
CG MSE A 88 0.36 -21.51 -4.64
SE MSE A 88 2.09 -21.42 -3.73
CE MSE A 88 3.48 -21.86 -5.03
N VAL A 89 -0.73 -21.81 -8.32
CA VAL A 89 -1.34 -22.96 -8.99
C VAL A 89 -0.39 -23.50 -10.04
N GLN A 90 0.23 -22.58 -10.75
CA GLN A 90 1.22 -22.93 -11.75
C GLN A 90 2.47 -23.54 -11.16
N ASP A 91 2.88 -23.03 -10.01
CA ASP A 91 3.95 -23.66 -9.29
C ASP A 91 3.62 -25.07 -8.82
N GLY A 92 2.36 -25.31 -8.52
CA GLY A 92 1.92 -26.67 -8.23
C GLY A 92 2.15 -27.59 -9.41
N TYR A 93 1.70 -27.15 -10.59
CA TYR A 93 1.92 -27.86 -11.85
C TYR A 93 3.40 -28.17 -12.01
N TYR A 94 4.23 -27.13 -11.85
CA TYR A 94 5.66 -27.24 -11.99
C TYR A 94 6.28 -28.27 -11.04
N CYS A 95 5.88 -28.22 -9.77
CA CYS A 95 6.41 -29.13 -8.77
C CYS A 95 5.93 -30.54 -8.95
N PHE A 96 4.69 -30.71 -9.39
CA PHE A 96 4.19 -32.06 -9.67
C PHE A 96 5.04 -32.69 -10.76
N ARG A 97 5.28 -31.91 -11.82
CA ARG A 97 6.11 -32.41 -12.93
C ARG A 97 7.58 -32.57 -12.53
N GLY A 98 8.10 -31.68 -11.70
CA GLY A 98 9.48 -31.82 -11.20
C GLY A 98 9.73 -33.11 -10.45
N ARG A 99 8.75 -33.50 -9.65
CA ARG A 99 8.82 -34.78 -8.96
C ARG A 99 8.94 -35.92 -9.95
N ASP A 100 8.09 -35.89 -10.99
CA ASP A 100 8.15 -36.88 -12.06
C ASP A 100 9.51 -36.87 -12.79
N ASP A 101 10.07 -35.68 -12.96
CA ASP A 101 11.36 -35.58 -13.62
C ASP A 101 12.45 -36.28 -12.82
N TYR A 102 12.43 -36.11 -11.50
CA TYR A 102 13.43 -36.76 -10.66
C TYR A 102 13.26 -38.28 -10.73
N ALA A 103 12.01 -38.75 -10.78
CA ALA A 103 11.79 -40.20 -10.95
C ALA A 103 12.32 -40.68 -12.32
N THR A 104 12.11 -39.88 -13.35
CA THR A 104 12.68 -40.20 -14.66
C THR A 104 14.21 -40.23 -14.65
N ALA A 105 14.81 -39.26 -14.00
CA ALA A 105 16.25 -39.18 -13.88
C ALA A 105 16.80 -40.38 -13.10
N ALA A 106 16.11 -40.79 -12.04
CA ALA A 106 16.50 -42.01 -11.31
C ALA A 106 16.49 -43.22 -12.25
N THR A 107 15.44 -43.32 -13.08
CA THR A 107 15.31 -44.40 -14.03
C THR A 107 16.44 -44.37 -15.07
N CYS A 108 16.81 -43.19 -15.56
CA CYS A 108 17.90 -43.10 -16.52
C CYS A 108 19.30 -43.11 -15.93
N ALA A 109 19.45 -43.06 -14.60
CA ALA A 109 20.78 -42.93 -14.02
C ALA A 109 21.49 -44.27 -14.15
N GLN A 110 22.70 -44.28 -14.69
CA GLN A 110 23.47 -45.53 -14.78
C GLN A 110 24.37 -45.66 -13.53
N ASP A 111 24.72 -44.51 -12.97
CA ASP A 111 25.43 -44.42 -11.72
C ASP A 111 24.48 -44.63 -10.50
N GLU A 112 24.89 -45.49 -9.57
CA GLU A 112 24.03 -45.85 -8.43
C GLU A 112 23.82 -44.72 -7.44
N THR A 113 24.86 -43.95 -7.20
CA THR A 113 24.77 -42.82 -6.29
C THR A 113 23.74 -41.79 -6.78
N LEU A 114 23.78 -41.50 -8.06
CA LEU A 114 22.83 -40.58 -8.64
C LEU A 114 21.41 -41.13 -8.69
N ARG A 115 21.27 -42.44 -8.89
CA ARG A 115 19.96 -43.08 -8.81
C ARG A 115 19.33 -42.84 -7.42
N GLU A 116 20.14 -43.05 -6.38
CA GLU A 116 19.70 -42.88 -5.01
C GLU A 116 19.40 -41.41 -4.74
N PHE A 117 20.25 -40.54 -5.24
CA PHE A 117 20.06 -39.11 -5.02
C PHE A 117 18.75 -38.66 -5.65
N PHE A 118 18.51 -39.05 -6.89
CA PHE A 118 17.31 -38.62 -7.61
C PHE A 118 16.02 -39.20 -6.99
N LYS A 119 16.08 -40.45 -6.55
CA LYS A 119 14.96 -41.06 -5.82
C LYS A 119 14.68 -40.29 -4.55
N ALA A 120 15.72 -39.88 -3.83
CA ALA A 120 15.51 -39.16 -2.59
C ALA A 120 14.92 -37.79 -2.87
N LYS A 121 15.37 -37.14 -3.95
CA LYS A 121 14.81 -35.83 -4.35
C LYS A 121 13.33 -35.92 -4.72
N ALA A 122 12.98 -36.98 -5.45
CA ALA A 122 11.59 -37.21 -5.80
C ALA A 122 10.72 -37.27 -4.56
N LYS A 123 11.22 -37.97 -3.55
CA LYS A 123 10.53 -38.06 -2.26
C LYS A 123 10.43 -36.71 -1.56
N SER A 124 11.48 -35.91 -1.61
CA SER A 124 11.43 -34.57 -1.01
C SER A 124 10.36 -33.71 -1.71
N TYR A 125 10.23 -33.86 -3.04
CA TYR A 125 9.17 -33.21 -3.80
C TYR A 125 7.79 -33.71 -3.38
N ASP A 126 7.61 -35.01 -3.24
CA ASP A 126 6.35 -35.54 -2.74
C ASP A 126 5.92 -34.90 -1.43
N GLU A 127 6.87 -34.77 -0.52
CA GLU A 127 6.61 -34.21 0.78
C GLU A 127 6.20 -32.77 0.66
N TYR A 128 6.96 -31.97 -0.09
CA TYR A 128 6.59 -30.57 -0.30
C TYR A 128 5.23 -30.45 -1.01
N ASN A 129 5.00 -31.32 -1.98
CA ASN A 129 3.81 -31.23 -2.81
C ASN A 129 2.48 -31.43 -2.07
N GLU A 130 2.53 -31.95 -0.86
CA GLU A 130 1.32 -32.03 -0.02
C GLU A 130 0.69 -30.66 0.19
N THR A 131 1.48 -29.60 0.15
CA THR A 131 0.94 -28.26 0.27
C THR A 131 -0.01 -27.97 -0.90
N TYR A 132 0.34 -28.41 -2.10
CA TYR A 132 -0.48 -28.18 -3.26
C TYR A 132 -1.73 -29.05 -3.25
N HIS A 133 -1.61 -30.29 -2.79
CA HIS A 133 -2.81 -31.16 -2.70
C HIS A 133 -3.78 -30.70 -1.63
N GLN A 134 -3.26 -30.30 -0.49
CA GLN A 134 -4.07 -30.09 0.70
C GLN A 134 -4.49 -28.64 0.86
N THR A 135 -3.55 -27.72 0.88
CA THR A 135 -3.90 -26.33 1.03
C THR A 135 -4.54 -25.74 -0.24
N TRP A 136 -3.98 -26.07 -1.39
CA TRP A 136 -4.41 -25.49 -2.67
C TRP A 136 -5.35 -26.38 -3.46
N HIS A 137 -5.62 -27.58 -2.96
CA HIS A 137 -6.66 -28.43 -3.52
C HIS A 137 -6.44 -28.82 -4.96
N LEU A 138 -5.17 -28.97 -5.34
CA LEU A 138 -4.78 -29.41 -6.67
C LEU A 138 -4.50 -30.90 -6.66
N ARG A 139 -5.16 -31.61 -7.55
CA ARG A 139 -5.01 -33.07 -7.60
C ARG A 139 -3.74 -33.54 -8.29
N GLU A 140 -3.43 -32.95 -9.44
CA GLU A 140 -2.37 -33.45 -10.33
C GLU A 140 -2.19 -32.48 -11.48
N ALA A 141 -1.06 -32.58 -12.17
CA ALA A 141 -0.68 -31.62 -13.25
C ALA A 141 -1.66 -31.61 -14.38
N SER A 142 -2.19 -32.78 -14.70
CA SER A 142 -3.13 -32.94 -15.80
C SER A 142 -4.42 -32.17 -15.56
N GLY A 143 -4.70 -31.81 -14.30
CA GLY A 143 -5.88 -31.03 -13.93
C GLY A 143 -5.71 -29.54 -14.01
N LEU A 144 -4.52 -29.10 -14.40
CA LEU A 144 -4.21 -27.70 -14.49
C LEU A 144 -3.93 -27.37 -15.94
N ILE A 145 -4.12 -26.09 -16.29
CA ILE A 145 -3.76 -25.57 -17.60
C ILE A 145 -2.60 -24.60 -17.43
N PRO A 146 -1.37 -25.06 -17.66
CA PRO A 146 -0.23 -24.19 -17.36
C PRO A 146 -0.16 -22.98 -18.30
N GLY A 147 0.29 -21.83 -17.83
CA GLY A 147 0.64 -20.75 -18.75
C GLY A 147 1.84 -21.17 -19.60
N THR A 148 2.07 -20.44 -20.65
CA THR A 148 3.11 -20.76 -21.61
C THR A 148 4.50 -20.86 -21.00
N ASP A 149 4.84 -19.90 -20.17
CA ASP A 149 6.17 -19.87 -19.57
C ASP A 149 6.45 -21.06 -18.65
N ILE A 150 5.50 -21.36 -17.76
CA ILE A 150 5.66 -22.53 -16.89
C ILE A 150 5.62 -23.84 -17.67
N LYS A 151 4.76 -23.93 -18.67
CA LYS A 151 4.76 -25.11 -19.51
C LYS A 151 6.14 -25.31 -20.16
N ASP A 152 6.66 -24.24 -20.77
CA ASP A 152 7.96 -24.32 -21.46
C ASP A 152 9.09 -24.71 -20.52
N TYR A 153 9.06 -24.15 -19.32
CA TYR A 153 10.07 -24.43 -18.32
C TYR A 153 10.01 -25.90 -17.85
N ALA A 154 8.80 -26.36 -17.55
CA ALA A 154 8.61 -27.75 -17.16
C ALA A 154 9.01 -28.70 -18.30
N ASP A 155 8.65 -28.35 -19.53
CA ASP A 155 9.06 -29.17 -20.70
C ASP A 155 10.59 -29.24 -20.79
N TYR A 156 11.24 -28.14 -20.51
CA TYR A 156 12.72 -28.10 -20.62
C TYR A 156 13.36 -29.00 -19.57
N GLU A 157 12.84 -28.96 -18.35
CA GLU A 157 13.32 -29.86 -17.32
C GLU A 157 13.08 -31.31 -17.64
N ALA A 158 11.92 -31.63 -18.22
CA ALA A 158 11.62 -33.00 -18.61
C ALA A 158 12.59 -33.47 -19.70
N TYR A 159 12.93 -32.59 -20.60
CA TYR A 159 13.89 -32.91 -21.66
C TYR A 159 15.27 -33.22 -21.07
N VAL A 160 15.72 -32.38 -20.14
CA VAL A 160 17.03 -32.61 -19.52
C VAL A 160 17.03 -33.94 -18.80
N ALA A 161 15.96 -34.19 -18.07
CA ALA A 161 15.86 -35.42 -17.26
C ALA A 161 15.89 -36.69 -18.12
N GLY A 162 15.21 -36.65 -19.25
CA GLY A 162 15.03 -37.84 -20.06
C GLY A 162 15.97 -37.99 -21.23
N SER A 163 16.68 -36.94 -21.60
CA SER A 163 17.49 -36.99 -22.81
C SER A 163 18.97 -36.67 -22.57
N LEU A 164 19.33 -36.03 -21.47
CA LEU A 164 20.72 -35.66 -21.25
C LEU A 164 21.34 -36.46 -20.11
N ALA A 165 22.67 -36.45 -20.07
CA ALA A 165 23.38 -37.18 -19.05
C ALA A 165 22.95 -36.73 -17.65
N SER A 166 23.01 -37.69 -16.72
CA SER A 166 22.45 -37.53 -15.38
C SER A 166 22.85 -36.28 -14.64
N PRO A 167 24.15 -35.96 -14.63
CA PRO A 167 24.51 -34.81 -13.81
C PRO A 167 23.87 -33.47 -14.25
N TYR A 168 23.44 -33.37 -15.51
CA TYR A 168 22.81 -32.14 -15.96
C TYR A 168 21.48 -31.90 -15.28
N MSE A 169 20.87 -32.94 -14.73
CA MSE A 169 19.63 -32.79 -13.98
C MSE A 169 19.86 -31.93 -12.73
O MSE A 169 19.05 -31.10 -12.39
CB MSE A 169 19.07 -34.14 -13.59
CG MSE A 169 17.81 -34.10 -12.81
SE MSE A 169 16.31 -33.35 -13.86
CE MSE A 169 14.93 -33.63 -12.42
N CYS A 170 20.98 -32.15 -12.05
CA CYS A 170 21.38 -31.28 -10.94
C CYS A 170 21.56 -29.83 -11.40
N VAL A 171 22.07 -29.62 -12.61
CA VAL A 171 22.26 -28.29 -13.13
C VAL A 171 20.91 -27.58 -13.36
N VAL A 172 20.00 -28.25 -14.05
CA VAL A 172 18.76 -27.59 -14.46
C VAL A 172 17.82 -27.31 -13.27
N MSE A 173 17.90 -28.16 -12.23
CA MSE A 173 17.03 -28.01 -11.06
C MSE A 173 17.58 -27.05 -10.00
O MSE A 173 16.87 -26.67 -9.09
CB MSE A 173 16.76 -29.38 -10.41
CG MSE A 173 16.14 -30.44 -11.29
SE MSE A 173 14.49 -29.79 -12.14
CE MSE A 173 13.38 -29.49 -10.56
N LEU A 174 18.82 -26.64 -10.14
CA LEU A 174 19.44 -25.74 -9.17
C LEU A 174 18.81 -24.36 -9.07
N PRO A 175 18.53 -23.69 -10.21
CA PRO A 175 17.89 -22.38 -10.06
C PRO A 175 16.65 -22.35 -9.16
N CYS A 176 15.72 -23.28 -9.32
CA CYS A 176 14.53 -23.17 -8.48
C CYS A 176 14.87 -23.39 -6.99
N GLU A 177 15.91 -24.16 -6.69
CA GLU A 177 16.32 -24.36 -5.28
C GLU A 177 17.14 -23.21 -4.65
N TYR A 178 17.91 -22.49 -5.45
CA TYR A 178 18.75 -21.42 -4.89
C TYR A 178 18.14 -20.04 -5.11
N LEU A 179 17.47 -19.82 -6.23
CA LEU A 179 17.00 -18.49 -6.53
C LEU A 179 16.00 -17.96 -5.50
N TRP A 180 15.08 -18.83 -5.07
CA TRP A 180 14.01 -18.37 -4.19
C TRP A 180 14.55 -17.95 -2.83
N PRO A 181 15.36 -18.80 -2.17
CA PRO A 181 15.99 -18.35 -0.94
C PRO A 181 16.86 -17.11 -1.14
N TRP A 182 17.56 -17.04 -2.25
CA TRP A 182 18.37 -15.85 -2.50
C TRP A 182 17.49 -14.61 -2.56
N ILE A 183 16.36 -14.69 -3.25
CA ILE A 183 15.44 -13.56 -3.34
C ILE A 183 14.90 -13.21 -1.95
N ALA A 184 14.47 -14.22 -1.21
CA ALA A 184 13.92 -14.00 0.13
C ALA A 184 14.93 -13.33 1.03
N ASN A 185 16.18 -13.81 0.99
CA ASN A 185 17.19 -13.23 1.81
C ASN A 185 17.55 -11.80 1.40
N PHE A 186 17.47 -11.51 0.10
CA PHE A 186 17.67 -10.14 -0.40
C PHE A 186 16.54 -9.25 0.12
N LEU A 187 15.31 -9.72 -0.01
CA LEU A 187 14.12 -8.87 0.29
C LEU A 187 13.76 -8.77 1.76
N ASP A 188 14.34 -9.63 2.56
CA ASP A 188 14.12 -9.64 3.99
C ASP A 188 14.16 -8.21 4.55
N GLY A 189 15.27 -7.50 4.34
CA GLY A 189 15.43 -6.16 4.87
C GLY A 189 14.65 -5.08 4.17
N TYR A 190 13.90 -5.45 3.13
CA TYR A 190 13.00 -4.53 2.42
C TYR A 190 11.51 -4.83 2.68
N THR A 191 11.21 -5.88 3.45
CA THR A 191 9.84 -6.37 3.59
C THR A 191 9.46 -6.28 5.08
N PRO A 192 8.66 -5.26 5.45
CA PRO A 192 8.32 -5.12 6.88
C PRO A 192 7.66 -6.37 7.49
N THR A 193 8.01 -6.65 8.75
CA THR A 193 7.59 -7.86 9.43
C THR A 193 6.08 -7.90 9.58
N ASN A 194 5.42 -6.76 9.57
CA ASN A 194 3.96 -6.73 9.69
C ASN A 194 3.24 -6.62 8.35
N SER A 195 3.93 -6.83 7.25
CA SER A 195 3.30 -6.63 5.94
C SER A 195 2.65 -7.93 5.44
N LEU A 196 1.79 -7.82 4.45
CA LEU A 196 0.89 -8.92 4.15
C LEU A 196 1.60 -10.15 3.58
N TYR A 197 2.66 -9.91 2.79
CA TYR A 197 3.40 -11.01 2.16
C TYR A 197 4.71 -11.35 2.85
N ARG A 198 4.88 -10.89 4.08
CA ARG A 198 6.07 -11.21 4.86
C ARG A 198 6.28 -12.71 5.00
N PHE A 199 5.20 -13.47 5.03
CA PHE A 199 5.30 -14.95 5.08
C PHE A 199 6.19 -15.51 3.97
N TRP A 200 6.24 -14.83 2.81
CA TRP A 200 7.03 -15.28 1.67
C TRP A 200 8.50 -15.37 2.06
N ILE A 201 8.96 -14.34 2.76
CA ILE A 201 10.32 -14.26 3.22
C ILE A 201 10.63 -15.39 4.19
N GLU A 202 9.71 -15.59 5.13
CA GLU A 202 9.91 -16.58 6.20
C GLU A 202 9.85 -18.00 5.62
N TRP A 203 9.00 -18.27 4.64
CA TRP A 203 8.92 -19.60 4.05
C TRP A 203 10.06 -19.96 3.13
N ASN A 204 10.68 -18.97 2.53
CA ASN A 204 11.72 -19.23 1.50
C ASN A 204 13.11 -18.89 1.92
N GLY A 205 13.24 -18.05 2.93
CA GLY A 205 14.53 -17.55 3.32
C GLY A 205 15.28 -18.48 4.27
N GLY A 206 16.45 -18.01 4.68
CA GLY A 206 17.38 -18.78 5.48
C GLY A 206 18.41 -19.47 4.60
N THR A 207 19.05 -20.46 5.19
CA THR A 207 20.17 -21.15 4.59
C THR A 207 19.62 -22.06 3.50
N PRO A 208 20.11 -21.90 2.26
CA PRO A 208 19.64 -22.74 1.15
C PRO A 208 20.31 -24.14 1.12
N ASN A 209 20.03 -24.93 2.14
CA ASN A 209 20.70 -26.20 2.34
C ASN A 209 20.43 -27.17 1.19
N GLY A 210 19.22 -27.13 0.63
CA GLY A 210 18.89 -27.99 -0.50
C GLY A 210 19.75 -27.74 -1.71
N ALA A 211 19.90 -26.45 -2.05
CA ALA A 211 20.76 -26.04 -3.16
C ALA A 211 22.22 -26.43 -2.93
N TYR A 212 22.71 -26.15 -1.71
CA TYR A 212 24.10 -26.48 -1.38
C TYR A 212 24.34 -27.97 -1.51
N GLN A 213 23.41 -28.76 -0.99
CA GLN A 213 23.47 -30.21 -1.04
C GLN A 213 23.57 -30.70 -2.48
N MSE A 214 22.75 -30.12 -3.35
CA MSE A 214 22.77 -30.54 -4.76
C MSE A 214 24.01 -30.05 -5.43
O MSE A 214 24.55 -30.74 -6.27
CB MSE A 214 21.53 -30.05 -5.50
CG MSE A 214 21.41 -30.69 -6.86
SE MSE A 214 19.58 -31.01 -7.40
CE MSE A 214 18.98 -29.14 -7.31
N GLY A 215 24.46 -28.85 -5.08
CA GLY A 215 25.75 -28.37 -5.55
C GLY A 215 26.93 -29.26 -5.19
N ASN A 216 26.91 -29.77 -3.96
CA ASN A 216 27.92 -30.71 -3.50
C ASN A 216 27.86 -32.06 -4.21
N MSE A 217 26.68 -32.50 -4.57
CA MSE A 217 26.49 -33.72 -5.38
C MSE A 217 27.05 -33.50 -6.78
O MSE A 217 27.83 -34.30 -7.29
CB MSE A 217 25.00 -34.04 -5.46
CG MSE A 217 24.63 -35.30 -6.22
SE MSE A 217 25.37 -36.98 -5.39
CE MSE A 217 24.33 -37.11 -3.90
N LEU A 218 26.64 -32.41 -7.39
CA LEU A 218 27.09 -32.05 -8.72
C LEU A 218 28.63 -31.95 -8.86
N GLU A 219 29.27 -31.38 -7.87
CA GLU A 219 30.70 -31.19 -7.91
C GLU A 219 31.43 -32.52 -8.09
N GLN A 220 30.87 -33.60 -7.55
CA GLN A 220 31.45 -34.95 -7.68
C GLN A 220 31.40 -35.50 -9.11
N TYR A 221 30.57 -34.92 -9.97
CA TYR A 221 30.43 -35.37 -11.37
C TYR A 221 30.86 -34.31 -12.39
N ARG A 222 31.50 -33.28 -11.88
CA ARG A 222 31.94 -32.16 -12.68
C ARG A 222 32.82 -32.54 -13.85
N ASP A 223 33.73 -33.48 -13.61
CA ASP A 223 34.63 -34.01 -14.64
C ASP A 223 33.93 -34.85 -15.71
N LYS A 224 32.68 -35.25 -15.45
CA LYS A 224 31.89 -36.07 -16.36
C LYS A 224 30.97 -35.26 -17.26
N ILE A 225 30.98 -33.93 -17.14
CA ILE A 225 30.18 -33.13 -18.02
C ILE A 225 30.93 -32.01 -18.67
N ASP A 226 30.28 -31.42 -19.68
CA ASP A 226 30.75 -30.25 -20.38
C ASP A 226 30.24 -29.02 -19.64
N GLU A 227 31.17 -28.22 -19.13
CA GLU A 227 30.79 -27.07 -18.36
C GLU A 227 30.11 -25.97 -19.15
N ASP A 228 30.46 -25.83 -20.41
CA ASP A 228 29.76 -24.90 -21.28
C ASP A 228 28.31 -25.30 -21.46
N LYS A 229 28.06 -26.58 -21.60
CA LYS A 229 26.70 -27.07 -21.73
C LYS A 229 25.92 -26.83 -20.43
N ALA A 230 26.60 -27.05 -19.30
CA ALA A 230 25.99 -26.81 -18.01
C ALA A 230 25.62 -25.33 -17.85
N VAL A 231 26.51 -24.43 -18.27
CA VAL A 231 26.21 -23.00 -18.22
C VAL A 231 24.97 -22.69 -19.04
N GLU A 232 24.90 -23.25 -20.23
CA GLU A 232 23.77 -23.04 -21.10
C GLU A 232 22.44 -23.50 -20.48
N ILE A 233 22.47 -24.67 -19.86
CA ILE A 233 21.28 -25.27 -19.23
C ILE A 233 20.82 -24.47 -18.02
N PHE A 234 21.78 -24.13 -17.17
CA PHE A 234 21.49 -23.35 -15.99
C PHE A 234 20.92 -21.97 -16.34
N ASN A 235 21.52 -21.30 -17.31
CA ASN A 235 21.05 -19.99 -17.78
C ASN A 235 19.67 -20.06 -18.40
N THR A 236 19.39 -21.12 -19.13
CA THR A 236 18.06 -21.32 -19.68
C THR A 236 17.02 -21.40 -18.57
N ALA A 237 17.31 -22.18 -17.55
CA ALA A 237 16.42 -22.31 -16.40
C ALA A 237 16.20 -20.98 -15.68
N MSE A 238 17.30 -20.26 -15.47
CA MSE A 238 17.25 -18.94 -14.84
C MSE A 238 16.39 -17.98 -15.66
O MSE A 238 15.56 -17.23 -15.10
CB MSE A 238 18.66 -18.36 -14.62
CG MSE A 238 19.43 -19.03 -13.51
SE MSE A 238 18.72 -18.52 -11.75
CE MSE A 238 19.12 -16.55 -11.78
N ASN A 239 16.55 -18.02 -16.98
CA ASN A 239 15.71 -17.20 -17.84
C ASN A 239 14.25 -17.55 -17.72
N TYR A 240 13.94 -18.84 -17.59
CA TYR A 240 12.55 -19.25 -17.38
C TYR A 240 12.01 -18.74 -16.07
N GLU A 241 12.81 -18.78 -15.00
CA GLU A 241 12.35 -18.20 -13.74
C GLU A 241 11.94 -16.74 -13.94
N LEU A 242 12.75 -15.98 -14.65
CA LEU A 242 12.47 -14.61 -14.90
C LEU A 242 11.19 -14.44 -15.73
N LYS A 243 11.07 -15.22 -16.80
CA LYS A 243 9.88 -15.15 -17.63
C LYS A 243 8.61 -15.44 -16.81
N VAL A 244 8.68 -16.48 -15.99
CA VAL A 244 7.54 -16.86 -15.15
C VAL A 244 7.18 -15.74 -14.18
N PHE A 245 8.15 -15.15 -13.48
CA PHE A 245 7.80 -14.10 -12.54
C PHE A 245 7.29 -12.87 -13.24
N THR A 246 7.88 -12.57 -14.37
CA THR A 246 7.43 -11.42 -15.17
C THR A 246 6.00 -11.58 -15.62
N SER A 247 5.63 -12.77 -16.10
CA SER A 247 4.29 -12.95 -16.65
C SER A 247 3.23 -13.12 -15.56
N SER A 248 3.67 -13.39 -14.34
CA SER A 248 2.76 -13.70 -13.26
C SER A 248 1.77 -12.58 -12.89
N THR A 249 2.17 -11.33 -13.15
CA THR A 249 1.38 -10.17 -12.77
C THR A 249 0.64 -9.59 -13.96
N ILE A 250 0.75 -10.21 -15.13
CA ILE A 250 0.00 -9.81 -16.31
C ILE A 250 -1.23 -10.71 -16.39
N LEU A 251 -2.38 -10.20 -15.91
CA LEU A 251 -3.62 -10.97 -15.81
C LEU A 251 -4.66 -10.50 -16.84
N ARG B 22 -13.57 -7.90 -13.66
CA ARG B 22 -13.72 -9.41 -13.82
C ARG B 22 -15.08 -9.87 -13.20
N LYS B 23 -16.14 -9.12 -13.61
CA LYS B 23 -17.45 -9.00 -12.91
C LYS B 23 -18.14 -10.33 -12.71
N ARG B 24 -18.42 -10.65 -11.45
CA ARG B 24 -18.98 -11.93 -11.14
C ARG B 24 -20.48 -11.82 -11.35
N THR B 25 -20.93 -12.29 -12.50
CA THR B 25 -22.34 -12.38 -12.80
C THR B 25 -22.64 -13.68 -13.60
N PHE B 26 -23.79 -14.26 -13.32
CA PHE B 26 -24.29 -15.43 -14.02
C PHE B 26 -25.61 -15.11 -14.69
N ALA B 27 -25.90 -13.81 -14.81
CA ALA B 27 -27.12 -13.37 -15.46
C ALA B 27 -27.14 -13.78 -16.93
N ILE B 28 -28.33 -13.98 -17.45
CA ILE B 28 -28.47 -14.21 -18.87
C ILE B 28 -28.54 -12.84 -19.49
N PRO B 29 -27.62 -12.52 -20.39
CA PRO B 29 -27.60 -11.18 -20.97
C PRO B 29 -28.71 -10.96 -22.01
N ALA B 30 -29.01 -9.70 -22.28
CA ALA B 30 -30.11 -9.36 -23.20
C ALA B 30 -30.03 -10.12 -24.51
N SER B 31 -28.84 -10.24 -25.05
CA SER B 31 -28.66 -10.92 -26.35
C SER B 31 -29.11 -12.38 -26.34
N ARG B 32 -29.17 -13.00 -25.17
CA ARG B 32 -29.57 -14.40 -25.11
C ARG B 32 -30.95 -14.60 -24.47
N LEU B 33 -31.67 -13.51 -24.29
CA LEU B 33 -33.07 -13.58 -23.88
C LEU B 33 -33.93 -13.71 -25.12
N THR B 34 -33.91 -14.91 -25.69
CA THR B 34 -34.56 -15.22 -26.95
C THR B 34 -35.59 -16.28 -26.67
N GLY B 35 -36.41 -16.56 -27.69
CA GLY B 35 -37.41 -17.61 -27.60
C GLY B 35 -38.36 -17.39 -26.45
N ARG B 36 -38.54 -18.42 -25.63
CA ARG B 36 -39.44 -18.35 -24.50
C ARG B 36 -38.95 -17.38 -23.41
N LEU B 37 -37.67 -16.99 -23.46
CA LEU B 37 -37.07 -16.08 -22.47
C LEU B 37 -37.14 -14.61 -22.83
N THR B 38 -37.73 -14.32 -23.98
CA THR B 38 -37.81 -12.96 -24.49
C THR B 38 -38.32 -11.94 -23.47
N THR B 39 -39.35 -12.30 -22.72
CA THR B 39 -39.96 -11.38 -21.77
C THR B 39 -39.44 -11.51 -20.33
N LEU B 40 -38.44 -12.35 -20.11
CA LEU B 40 -37.92 -12.51 -18.73
C LEU B 40 -37.25 -11.24 -18.25
N LYS B 41 -37.68 -10.75 -17.08
CA LYS B 41 -37.20 -9.50 -16.52
C LYS B 41 -36.22 -9.69 -15.35
N SER B 42 -35.39 -8.66 -15.16
CA SER B 42 -34.37 -8.60 -14.12
C SER B 42 -34.68 -7.54 -13.08
N ASP B 43 -35.90 -7.02 -13.05
CA ASP B 43 -36.26 -6.07 -12.01
C ASP B 43 -36.36 -6.76 -10.68
N VAL B 44 -36.31 -5.95 -9.62
CA VAL B 44 -36.39 -6.44 -8.27
C VAL B 44 -37.71 -7.16 -8.12
N PRO B 45 -37.68 -8.41 -7.63
CA PRO B 45 -38.94 -9.13 -7.42
C PRO B 45 -39.86 -8.40 -6.44
N ALA B 46 -41.15 -8.60 -6.58
CA ALA B 46 -42.12 -7.97 -5.68
C ALA B 46 -41.93 -8.43 -4.25
N ALA B 47 -42.37 -7.61 -3.32
CA ALA B 47 -42.17 -7.89 -1.89
C ALA B 47 -42.81 -9.19 -1.45
N ASP B 48 -43.92 -9.57 -2.09
CA ASP B 48 -44.64 -10.79 -1.73
C ASP B 48 -44.07 -12.05 -2.46
N SER B 49 -42.97 -11.90 -3.18
CA SER B 49 -42.42 -12.97 -4.00
C SER B 49 -41.78 -14.07 -3.16
N LEU B 50 -41.70 -15.27 -3.74
CA LEU B 50 -40.99 -16.37 -3.08
C LEU B 50 -39.51 -16.02 -2.90
N PHE B 51 -38.94 -15.32 -3.87
CA PHE B 51 -37.57 -14.83 -3.76
C PHE B 51 -37.31 -14.10 -2.42
N TRP B 52 -38.07 -13.08 -2.10
CA TRP B 52 -37.86 -12.37 -0.82
C TRP B 52 -38.26 -13.20 0.40
N LYS B 53 -39.28 -14.02 0.28
CA LYS B 53 -39.64 -14.91 1.36
C LYS B 53 -38.45 -15.79 1.75
N LEU B 54 -37.78 -16.35 0.74
CA LEU B 54 -36.62 -17.19 0.96
C LEU B 54 -35.46 -16.42 1.59
N TRP B 55 -35.13 -15.27 1.01
CA TRP B 55 -34.02 -14.49 1.53
C TRP B 55 -34.28 -14.02 2.95
N ASN B 56 -35.46 -13.47 3.19
CA ASN B 56 -35.81 -12.94 4.51
C ASN B 56 -35.72 -14.00 5.60
N GLY B 57 -36.13 -15.21 5.29
CA GLY B 57 -36.00 -16.31 6.27
C GLY B 57 -34.60 -16.78 6.61
N SER B 58 -33.60 -16.43 5.80
CA SER B 58 -32.23 -16.89 6.06
C SER B 58 -31.31 -15.73 6.43
N LEU B 59 -31.87 -14.55 6.70
CA LEU B 59 -31.03 -13.39 6.95
C LEU B 59 -30.04 -13.58 8.11
N ASP B 60 -30.44 -14.31 9.14
CA ASP B 60 -29.51 -14.59 10.26
C ASP B 60 -28.24 -15.30 9.78
N THR B 61 -28.40 -16.20 8.80
CA THR B 61 -27.25 -16.91 8.27
C THR B 61 -26.36 -15.93 7.51
N ALA B 62 -26.97 -15.05 6.73
CA ALA B 62 -26.19 -14.05 5.96
C ALA B 62 -25.38 -13.16 6.91
N VAL B 63 -25.98 -12.78 8.02
CA VAL B 63 -25.26 -11.98 9.01
C VAL B 63 -24.09 -12.74 9.60
N GLN B 64 -24.26 -14.03 9.84
CA GLN B 64 -23.12 -14.85 10.27
C GLN B 64 -22.00 -14.98 9.24
N VAL B 65 -22.33 -14.96 7.96
CA VAL B 65 -21.30 -14.89 6.94
C VAL B 65 -20.46 -13.62 7.10
N LEU B 66 -21.12 -12.50 7.38
CA LEU B 66 -20.39 -11.24 7.60
C LEU B 66 -19.49 -11.30 8.84
N GLN B 67 -19.75 -12.24 9.71
CA GLN B 67 -18.97 -12.36 10.94
C GLN B 67 -17.78 -13.32 10.82
N THR B 68 -17.61 -13.93 9.65
CA THR B 68 -16.47 -14.79 9.40
C THR B 68 -15.16 -13.99 9.29
N ASP B 69 -14.09 -14.66 9.68
CA ASP B 69 -12.74 -14.14 9.48
C ASP B 69 -12.46 -13.82 8.03
N TYR B 70 -13.03 -14.59 7.11
CA TYR B 70 -12.86 -14.29 5.69
C TYR B 70 -13.25 -12.83 5.39
N PHE B 71 -14.48 -12.45 5.74
CA PHE B 71 -14.98 -11.11 5.38
C PHE B 71 -14.44 -9.97 6.22
N LYS B 72 -14.09 -10.28 7.46
CA LYS B 72 -13.35 -9.32 8.27
C LYS B 72 -11.98 -9.05 7.64
N GLY B 73 -11.35 -10.08 7.08
CA GLY B 73 -10.10 -9.96 6.33
C GLY B 73 -10.25 -9.14 5.07
N ILE B 74 -11.33 -9.37 4.31
CA ILE B 74 -11.59 -8.60 3.10
C ILE B 74 -11.70 -7.12 3.43
N ALA B 75 -12.52 -6.79 4.44
CA ALA B 75 -12.77 -5.41 4.78
C ALA B 75 -11.49 -4.70 5.26
N ALA B 76 -10.70 -5.40 6.09
CA ALA B 76 -9.48 -4.87 6.68
C ALA B 76 -8.29 -4.92 5.69
N GLY B 77 -8.43 -5.67 4.62
CA GLY B 77 -7.34 -5.82 3.68
C GLY B 77 -6.28 -6.79 4.16
N THR B 78 -6.59 -7.60 5.16
CA THR B 78 -5.59 -8.46 5.79
C THR B 78 -5.86 -9.94 5.62
N LEU B 79 -6.87 -10.32 4.82
CA LEU B 79 -7.09 -11.72 4.51
C LEU B 79 -5.81 -12.35 3.98
N ASP B 80 -5.43 -13.48 4.57
CA ASP B 80 -4.28 -14.24 4.13
C ASP B 80 -4.46 -14.60 2.65
N PRO B 81 -3.54 -14.16 1.79
CA PRO B 81 -3.65 -14.44 0.37
C PRO B 81 -3.73 -15.94 0.05
N ASN B 82 -3.15 -16.77 0.91
CA ASN B 82 -3.26 -18.23 0.78
C ASN B 82 -4.70 -18.70 1.05
N ALA B 83 -5.39 -18.05 1.99
CA ALA B 83 -6.80 -18.37 2.27
C ALA B 83 -7.64 -17.90 1.10
N TYR B 84 -7.38 -16.70 0.60
CA TYR B 84 -8.09 -16.18 -0.58
C TYR B 84 -8.01 -17.16 -1.77
N GLY B 85 -6.78 -17.60 -2.05
CA GLY B 85 -6.50 -18.40 -3.26
C GLY B 85 -6.98 -19.83 -3.16
N SER B 86 -6.76 -20.45 -2.00
CA SER B 86 -7.28 -21.78 -1.71
C SER B 86 -8.80 -21.84 -1.86
N LEU B 87 -9.51 -20.79 -1.43
CA LEU B 87 -10.94 -20.76 -1.60
C LEU B 87 -11.31 -20.53 -3.08
N MSE B 88 -10.55 -19.71 -3.76
CA MSE B 88 -10.81 -19.45 -5.18
C MSE B 88 -10.78 -20.74 -6.00
O MSE B 88 -11.57 -20.95 -6.91
CB MSE B 88 -9.80 -18.48 -5.78
CG MSE B 88 -10.20 -18.13 -7.19
SE MSE B 88 -11.61 -16.82 -7.12
CE MSE B 88 -13.32 -17.68 -6.76
N VAL B 89 -9.81 -21.58 -5.70
CA VAL B 89 -9.68 -22.89 -6.41
C VAL B 89 -10.91 -23.77 -6.17
N GLN B 90 -11.38 -23.79 -4.92
CA GLN B 90 -12.58 -24.55 -4.59
C GLN B 90 -13.82 -23.95 -5.19
N ASP B 91 -13.87 -22.63 -5.32
CA ASP B 91 -14.97 -22.02 -6.05
C ASP B 91 -14.96 -22.38 -7.52
N GLY B 92 -13.77 -22.56 -8.08
CA GLY B 92 -13.64 -23.04 -9.44
C GLY B 92 -14.31 -24.40 -9.55
N TYR B 93 -13.97 -25.30 -8.64
CA TYR B 93 -14.61 -26.62 -8.57
C TYR B 93 -16.13 -26.50 -8.52
N TYR B 94 -16.60 -25.61 -7.64
CA TYR B 94 -17.99 -25.40 -7.44
C TYR B 94 -18.69 -24.89 -8.72
N CYS B 95 -18.07 -23.92 -9.38
CA CYS B 95 -18.66 -23.34 -10.58
C CYS B 95 -18.62 -24.28 -11.78
N PHE B 96 -17.56 -25.09 -11.87
CA PHE B 96 -17.48 -26.09 -12.93
C PHE B 96 -18.63 -27.08 -12.79
N ARG B 97 -18.84 -27.53 -11.57
CA ARG B 97 -19.94 -28.43 -11.28
C ARG B 97 -21.32 -27.77 -11.42
N GLY B 98 -21.44 -26.51 -11.01
CA GLY B 98 -22.68 -25.76 -11.17
C GLY B 98 -23.15 -25.65 -12.63
N ARG B 99 -22.19 -25.40 -13.50
CA ARG B 99 -22.46 -25.39 -14.91
C ARG B 99 -23.06 -26.71 -15.37
N ASP B 100 -22.45 -27.83 -14.94
CA ASP B 100 -22.97 -29.14 -15.29
C ASP B 100 -24.37 -29.37 -14.71
N ASP B 101 -24.62 -28.83 -13.51
CA ASP B 101 -25.94 -28.98 -12.88
C ASP B 101 -27.01 -28.29 -13.72
N TYR B 102 -26.70 -27.11 -14.24
CA TYR B 102 -27.65 -26.42 -15.11
C TYR B 102 -27.87 -27.20 -16.40
N ALA B 103 -26.83 -27.81 -16.94
CA ALA B 103 -26.99 -28.66 -18.12
C ALA B 103 -27.88 -29.86 -17.83
N THR B 104 -27.68 -30.48 -16.67
CA THR B 104 -28.51 -31.59 -16.21
C THR B 104 -29.97 -31.17 -16.05
N ALA B 105 -30.17 -30.03 -15.39
CA ALA B 105 -31.51 -29.49 -15.17
C ALA B 105 -32.23 -29.26 -16.51
N ALA B 106 -31.51 -28.71 -17.48
CA ALA B 106 -32.07 -28.48 -18.82
C ALA B 106 -32.48 -29.77 -19.51
N THR B 107 -31.62 -30.78 -19.43
CA THR B 107 -31.92 -32.06 -20.06
C THR B 107 -33.21 -32.65 -19.49
N CYS B 108 -33.42 -32.57 -18.19
CA CYS B 108 -34.64 -33.17 -17.65
C CYS B 108 -35.72 -32.14 -17.28
N ALA B 109 -35.62 -30.97 -17.90
CA ALA B 109 -36.62 -29.93 -17.71
C ALA B 109 -38.03 -30.40 -18.10
N GLN B 110 -38.95 -30.09 -17.22
CA GLN B 110 -40.35 -30.44 -17.41
C GLN B 110 -41.07 -29.61 -18.48
N ASP B 111 -40.53 -28.45 -18.85
CA ASP B 111 -41.08 -27.69 -19.99
C ASP B 111 -40.02 -26.88 -20.73
N GLU B 112 -40.43 -26.29 -21.85
CA GLU B 112 -39.45 -25.72 -22.76
C GLU B 112 -38.91 -24.38 -22.25
N THR B 113 -39.70 -23.69 -21.42
CA THR B 113 -39.27 -22.43 -20.86
C THR B 113 -38.11 -22.67 -19.93
N LEU B 114 -38.26 -23.62 -18.99
CA LEU B 114 -37.18 -23.96 -18.07
C LEU B 114 -36.01 -24.62 -18.78
N ARG B 115 -36.27 -25.43 -19.80
CA ARG B 115 -35.15 -25.98 -20.57
C ARG B 115 -34.29 -24.84 -21.11
N GLU B 116 -34.95 -23.85 -21.71
CA GLU B 116 -34.24 -22.72 -22.32
C GLU B 116 -33.53 -21.89 -21.28
N PHE B 117 -34.18 -21.71 -20.13
CA PHE B 117 -33.61 -20.92 -19.06
C PHE B 117 -32.33 -21.60 -18.52
N PHE B 118 -32.43 -22.89 -18.26
CA PHE B 118 -31.29 -23.65 -17.72
C PHE B 118 -30.13 -23.73 -18.71
N LYS B 119 -30.44 -23.93 -19.99
CA LYS B 119 -29.43 -23.90 -21.04
C LYS B 119 -28.72 -22.56 -21.04
N ALA B 120 -29.50 -21.48 -20.93
CA ALA B 120 -28.91 -20.15 -20.95
C ALA B 120 -28.03 -19.91 -19.71
N LYS B 121 -28.46 -20.39 -18.56
CA LYS B 121 -27.66 -20.32 -17.35
C LYS B 121 -26.35 -21.10 -17.48
N ALA B 122 -26.42 -22.29 -18.05
CA ALA B 122 -25.17 -23.06 -18.23
C ALA B 122 -24.15 -22.28 -19.08
N LYS B 123 -24.66 -21.60 -20.10
CA LYS B 123 -23.83 -20.76 -20.94
C LYS B 123 -23.26 -19.56 -20.14
N SER B 124 -24.06 -18.97 -19.27
CA SER B 124 -23.55 -17.87 -18.43
C SER B 124 -22.43 -18.37 -17.52
N TYR B 125 -22.60 -19.58 -17.00
CA TYR B 125 -21.55 -20.22 -16.19
C TYR B 125 -20.29 -20.48 -17.02
N ASP B 126 -20.43 -21.01 -18.25
CA ASP B 126 -19.27 -21.18 -19.13
C ASP B 126 -18.51 -19.88 -19.30
N GLU B 127 -19.25 -18.81 -19.54
CA GLU B 127 -18.62 -17.53 -19.76
C GLU B 127 -17.85 -17.09 -18.53
N TYR B 128 -18.47 -17.17 -17.36
CA TYR B 128 -17.79 -16.77 -16.15
C TYR B 128 -16.60 -17.69 -15.86
N ASN B 129 -16.78 -18.98 -16.14
CA ASN B 129 -15.75 -19.98 -15.82
C ASN B 129 -14.44 -19.82 -16.59
N GLU B 130 -14.45 -19.01 -17.64
CA GLU B 130 -13.19 -18.67 -18.32
C GLU B 130 -12.19 -18.07 -17.34
N THR B 131 -12.65 -17.39 -16.30
CA THR B 131 -11.71 -16.85 -15.31
C THR B 131 -10.90 -17.99 -14.61
N TYR B 132 -11.57 -19.09 -14.32
CA TYR B 132 -10.92 -20.22 -13.64
C TYR B 132 -9.95 -20.95 -14.56
N HIS B 133 -10.30 -21.08 -15.83
CA HIS B 133 -9.43 -21.75 -16.78
C HIS B 133 -8.20 -20.90 -17.10
N GLN B 134 -8.40 -19.60 -17.30
CA GLN B 134 -7.38 -18.74 -17.82
C GLN B 134 -6.57 -18.08 -16.74
N THR B 135 -7.20 -17.36 -15.82
CA THR B 135 -6.45 -16.68 -14.78
C THR B 135 -5.97 -17.64 -13.71
N TRP B 136 -6.81 -18.59 -13.33
CA TRP B 136 -6.48 -19.52 -12.27
C TRP B 136 -5.93 -20.86 -12.74
N HIS B 137 -5.86 -21.09 -14.05
CA HIS B 137 -5.21 -22.28 -14.63
C HIS B 137 -5.77 -23.60 -14.20
N LEU B 138 -7.08 -23.61 -13.97
CA LEU B 138 -7.79 -24.82 -13.55
C LEU B 138 -8.47 -25.45 -14.73
N ARG B 139 -8.16 -26.72 -15.01
CA ARG B 139 -8.67 -27.35 -16.24
C ARG B 139 -10.14 -27.80 -16.09
N GLU B 140 -10.47 -28.42 -14.97
CA GLU B 140 -11.77 -29.05 -14.77
C GLU B 140 -11.87 -29.55 -13.33
N ALA B 141 -13.09 -29.86 -12.91
CA ALA B 141 -13.37 -30.22 -11.52
C ALA B 141 -12.60 -31.47 -11.08
N SER B 142 -12.45 -32.44 -11.98
CA SER B 142 -11.78 -33.68 -11.65
C SER B 142 -10.32 -33.48 -11.34
N GLY B 143 -9.76 -32.34 -11.73
CA GLY B 143 -8.37 -32.02 -11.41
C GLY B 143 -8.14 -31.33 -10.08
N LEU B 144 -9.23 -31.12 -9.34
CA LEU B 144 -9.19 -30.47 -8.06
C LEU B 144 -9.61 -31.46 -6.96
N ILE B 145 -9.12 -31.24 -5.76
CA ILE B 145 -9.54 -32.00 -4.59
C ILE B 145 -10.34 -31.05 -3.72
N PRO B 146 -11.68 -31.13 -3.75
CA PRO B 146 -12.45 -30.14 -3.01
C PRO B 146 -12.38 -30.35 -1.51
N GLY B 147 -12.44 -29.29 -0.73
CA GLY B 147 -12.67 -29.45 0.69
C GLY B 147 -14.03 -30.09 0.97
N THR B 148 -14.20 -30.56 2.19
CA THR B 148 -15.44 -31.23 2.60
C THR B 148 -16.71 -30.41 2.37
N ASP B 149 -16.65 -29.15 2.78
CA ASP B 149 -17.82 -28.32 2.72
C ASP B 149 -18.22 -28.03 1.26
N ILE B 150 -17.27 -27.71 0.42
CA ILE B 150 -17.58 -27.39 -0.98
C ILE B 150 -18.06 -28.63 -1.73
N LYS B 151 -17.43 -29.76 -1.44
CA LYS B 151 -17.87 -31.03 -1.99
C LYS B 151 -19.33 -31.31 -1.60
N ASP B 152 -19.64 -31.21 -0.31
CA ASP B 152 -21.00 -31.48 0.15
C ASP B 152 -22.00 -30.51 -0.52
N TYR B 153 -21.60 -29.25 -0.63
CA TYR B 153 -22.47 -28.24 -1.25
C TYR B 153 -22.73 -28.57 -2.71
N ALA B 154 -21.67 -28.84 -3.46
CA ALA B 154 -21.79 -29.23 -4.86
C ALA B 154 -22.60 -30.51 -5.03
N ASP B 155 -22.40 -31.47 -4.13
CA ASP B 155 -23.17 -32.73 -4.21
C ASP B 155 -24.69 -32.45 -4.00
N TYR B 156 -24.99 -31.53 -3.12
CA TYR B 156 -26.35 -31.18 -2.82
C TYR B 156 -27.02 -30.55 -4.04
N GLU B 157 -26.33 -29.63 -4.72
CA GLU B 157 -26.89 -29.03 -5.93
C GLU B 157 -27.09 -30.05 -7.05
N ALA B 158 -26.15 -30.99 -7.18
CA ALA B 158 -26.30 -32.06 -8.18
C ALA B 158 -27.53 -32.91 -7.89
N TYR B 159 -27.73 -33.21 -6.62
CA TYR B 159 -28.89 -33.94 -6.20
C TYR B 159 -30.19 -33.19 -6.54
N VAL B 160 -30.26 -31.90 -6.22
CA VAL B 160 -31.45 -31.13 -6.57
C VAL B 160 -31.70 -31.17 -8.08
N ALA B 161 -30.66 -30.92 -8.85
CA ALA B 161 -30.74 -30.85 -10.31
C ALA B 161 -31.26 -32.16 -10.94
N GLY B 162 -30.76 -33.27 -10.41
CA GLY B 162 -30.99 -34.56 -11.00
C GLY B 162 -32.17 -35.32 -10.41
N SER B 163 -32.61 -34.95 -9.21
CA SER B 163 -33.62 -35.74 -8.52
C SER B 163 -34.88 -34.97 -8.13
N LEU B 164 -34.87 -33.63 -8.14
CA LEU B 164 -36.06 -32.90 -7.71
C LEU B 164 -36.69 -32.17 -8.90
N ALA B 165 -37.93 -31.73 -8.72
CA ALA B 165 -38.63 -31.01 -9.78
C ALA B 165 -37.85 -29.77 -10.24
N SER B 166 -37.99 -29.44 -11.51
CA SER B 166 -37.19 -28.39 -12.15
C SER B 166 -37.10 -27.05 -11.40
N PRO B 167 -38.23 -26.53 -10.91
CA PRO B 167 -38.16 -25.19 -10.29
C PRO B 167 -37.26 -25.12 -9.03
N TYR B 168 -37.04 -26.24 -8.34
CA TYR B 168 -36.18 -26.26 -7.16
C TYR B 168 -34.73 -25.95 -7.50
N MSE B 169 -34.36 -26.16 -8.75
CA MSE B 169 -33.02 -25.80 -9.19
C MSE B 169 -32.81 -24.26 -9.08
O MSE B 169 -31.76 -23.80 -8.70
CB MSE B 169 -32.80 -26.29 -10.62
CG MSE B 169 -31.45 -25.99 -11.15
SE MSE B 169 -30.01 -26.94 -10.22
CE MSE B 169 -28.59 -26.11 -11.25
N CYS B 170 -33.85 -23.48 -9.39
CA CYS B 170 -33.78 -22.02 -9.16
C CYS B 170 -33.62 -21.67 -7.70
N VAL B 171 -34.25 -22.46 -6.83
CA VAL B 171 -34.16 -22.22 -5.41
C VAL B 171 -32.75 -22.47 -4.86
N VAL B 172 -32.16 -23.61 -5.20
CA VAL B 172 -30.90 -24.00 -4.60
C VAL B 172 -29.73 -23.14 -5.15
N MSE B 173 -29.86 -22.62 -6.36
CA MSE B 173 -28.78 -21.80 -6.92
C MSE B 173 -28.86 -20.34 -6.55
O MSE B 173 -27.93 -19.61 -6.77
CB MSE B 173 -28.68 -21.94 -8.44
CG MSE B 173 -28.58 -23.38 -8.92
SE MSE B 173 -26.99 -24.33 -8.32
CE MSE B 173 -25.52 -23.22 -9.06
N LEU B 174 -29.98 -19.90 -5.97
CA LEU B 174 -30.16 -18.50 -5.66
C LEU B 174 -29.16 -17.96 -4.63
N PRO B 175 -28.92 -18.69 -3.51
CA PRO B 175 -27.95 -18.16 -2.57
C PRO B 175 -26.62 -17.75 -3.17
N CYS B 176 -25.99 -18.57 -4.00
CA CYS B 176 -24.70 -18.13 -4.50
C CYS B 176 -24.80 -16.91 -5.43
N GLU B 177 -25.95 -16.72 -6.10
CA GLU B 177 -26.15 -15.53 -6.95
C GLU B 177 -26.49 -14.24 -6.18
N TYR B 178 -27.21 -14.36 -5.07
CA TYR B 178 -27.65 -13.18 -4.32
C TYR B 178 -26.74 -12.86 -3.12
N LEU B 179 -26.25 -13.88 -2.43
CA LEU B 179 -25.50 -13.65 -1.21
C LEU B 179 -24.21 -12.84 -1.45
N TRP B 180 -23.50 -13.17 -2.52
CA TRP B 180 -22.24 -12.49 -2.78
C TRP B 180 -22.41 -11.01 -3.06
N PRO B 181 -23.29 -10.64 -3.99
CA PRO B 181 -23.58 -9.22 -4.13
C PRO B 181 -24.07 -8.55 -2.85
N TRP B 182 -24.91 -9.26 -2.12
CA TRP B 182 -25.44 -8.70 -0.88
C TRP B 182 -24.31 -8.40 0.12
N ILE B 183 -23.38 -9.34 0.23
CA ILE B 183 -22.23 -9.13 1.09
C ILE B 183 -21.40 -7.93 0.61
N ALA B 184 -21.13 -7.89 -0.69
CA ALA B 184 -20.28 -6.82 -1.28
C ALA B 184 -20.92 -5.47 -1.07
N ASN B 185 -22.21 -5.38 -1.26
CA ASN B 185 -22.91 -4.13 -1.06
C ASN B 185 -22.94 -3.72 0.42
N PHE B 186 -22.99 -4.70 1.32
CA PHE B 186 -22.89 -4.43 2.75
C PHE B 186 -21.48 -3.92 3.14
N LEU B 187 -20.46 -4.59 2.65
CA LEU B 187 -19.07 -4.28 3.00
C LEU B 187 -18.48 -3.10 2.27
N ASP B 188 -19.13 -2.65 1.21
CA ASP B 188 -18.66 -1.50 0.42
C ASP B 188 -18.20 -0.32 1.30
N GLY B 189 -19.07 0.15 2.18
CA GLY B 189 -18.76 1.27 3.08
C GLY B 189 -17.90 0.91 4.28
N TYR B 190 -17.49 -0.36 4.38
CA TYR B 190 -16.52 -0.82 5.40
C TYR B 190 -15.15 -1.19 4.81
N THR B 191 -15.02 -1.09 3.49
CA THR B 191 -13.81 -1.54 2.76
C THR B 191 -13.19 -0.36 2.01
N PRO B 192 -12.09 0.21 2.55
CA PRO B 192 -11.50 1.38 1.90
C PRO B 192 -11.10 1.15 0.45
N THR B 193 -11.27 2.19 -0.36
CA THR B 193 -11.08 2.09 -1.80
C THR B 193 -9.62 1.78 -2.18
N ASN B 194 -8.68 2.12 -1.30
CA ASN B 194 -7.28 1.81 -1.59
C ASN B 194 -6.79 0.53 -0.90
N SER B 195 -7.70 -0.27 -0.36
CA SER B 195 -7.29 -1.47 0.37
C SER B 195 -7.09 -2.68 -0.60
N LEU B 196 -6.39 -3.70 -0.13
CA LEU B 196 -5.89 -4.72 -1.01
C LEU B 196 -6.96 -5.58 -1.65
N TYR B 197 -8.03 -5.83 -0.90
CA TYR B 197 -9.16 -6.66 -1.39
C TYR B 197 -10.39 -5.84 -1.82
N ARG B 198 -10.20 -4.55 -2.07
CA ARG B 198 -11.29 -3.73 -2.53
C ARG B 198 -11.87 -4.28 -3.82
N PHE B 199 -11.02 -4.91 -4.65
CA PHE B 199 -11.50 -5.50 -5.89
C PHE B 199 -12.65 -6.47 -5.67
N TRP B 200 -12.70 -7.14 -4.51
CA TRP B 200 -13.80 -8.06 -4.24
C TRP B 200 -15.17 -7.37 -4.26
N ILE B 201 -15.22 -6.18 -3.68
CA ILE B 201 -16.42 -5.36 -3.67
C ILE B 201 -16.79 -4.98 -5.08
N GLU B 202 -15.81 -4.52 -5.85
CA GLU B 202 -16.07 -4.06 -7.23
C GLU B 202 -16.59 -5.20 -8.09
N TRP B 203 -16.01 -6.39 -7.95
CA TRP B 203 -16.39 -7.49 -8.78
C TRP B 203 -17.71 -8.10 -8.45
N ASN B 204 -18.11 -8.02 -7.19
CA ASN B 204 -19.33 -8.70 -6.75
C ASN B 204 -20.49 -7.78 -6.47
N GLY B 205 -20.21 -6.51 -6.25
CA GLY B 205 -21.25 -5.60 -5.82
C GLY B 205 -22.02 -5.01 -6.98
N GLY B 206 -22.95 -4.14 -6.64
CA GLY B 206 -23.88 -3.58 -7.58
C GLY B 206 -25.22 -4.30 -7.56
N THR B 207 -26.02 -4.01 -8.58
CA THR B 207 -27.35 -4.57 -8.69
C THR B 207 -27.26 -6.05 -8.98
N PRO B 208 -27.88 -6.87 -8.14
CA PRO B 208 -27.87 -8.33 -8.35
C PRO B 208 -28.88 -8.81 -9.40
N ASN B 209 -28.65 -8.37 -10.64
CA ASN B 209 -29.55 -8.61 -11.76
C ASN B 209 -29.76 -10.11 -12.05
N GLY B 210 -28.72 -10.91 -11.89
CA GLY B 210 -28.80 -12.35 -12.09
C GLY B 210 -29.73 -13.03 -11.12
N ALA B 211 -29.61 -12.67 -9.86
CA ALA B 211 -30.47 -13.19 -8.81
C ALA B 211 -31.92 -12.78 -9.02
N TYR B 212 -32.14 -11.50 -9.36
CA TYR B 212 -33.49 -10.99 -9.58
C TYR B 212 -34.15 -11.73 -10.73
N GLN B 213 -33.39 -11.88 -11.81
CA GLN B 213 -33.83 -12.58 -13.01
C GLN B 213 -34.27 -13.99 -12.70
N MSE B 214 -33.49 -14.67 -11.86
CA MSE B 214 -33.84 -16.02 -11.48
C MSE B 214 -35.01 -16.07 -10.53
O MSE B 214 -35.83 -16.98 -10.60
CB MSE B 214 -32.66 -16.75 -10.88
CG MSE B 214 -32.96 -18.24 -10.70
SE MSE B 214 -31.40 -19.39 -11.01
CE MSE B 214 -30.34 -18.82 -9.49
N GLY B 215 -35.08 -15.10 -9.62
CA GLY B 215 -36.25 -14.93 -8.78
C GLY B 215 -37.55 -14.68 -9.56
N ASN B 216 -37.44 -13.91 -10.64
CA ASN B 216 -38.58 -13.63 -11.50
C ASN B 216 -39.00 -14.87 -12.32
N MSE B 217 -38.03 -15.71 -12.67
CA MSE B 217 -38.34 -16.98 -13.34
C MSE B 217 -39.04 -17.93 -12.34
O MSE B 217 -40.07 -18.53 -12.65
CB MSE B 217 -37.04 -17.62 -13.88
CG MSE B 217 -37.22 -18.94 -14.60
SE MSE B 217 -38.33 -18.86 -16.23
CE MSE B 217 -37.20 -18.09 -17.34
N LEU B 218 -38.46 -18.02 -11.14
CA LEU B 218 -39.00 -18.86 -10.08
C LEU B 218 -40.46 -18.52 -9.77
N GLU B 219 -40.78 -17.23 -9.73
CA GLU B 219 -42.11 -16.77 -9.34
C GLU B 219 -43.19 -17.33 -10.23
N GLN B 220 -42.84 -17.55 -11.50
CA GLN B 220 -43.75 -18.13 -12.47
C GLN B 220 -44.05 -19.61 -12.21
N TYR B 221 -43.28 -20.28 -11.36
CA TYR B 221 -43.50 -21.70 -11.07
C TYR B 221 -43.84 -21.93 -9.61
N ARG B 222 -44.09 -20.85 -8.90
CA ARG B 222 -44.36 -20.89 -7.47
C ARG B 222 -45.53 -21.82 -7.08
N ASP B 223 -46.59 -21.81 -7.88
CA ASP B 223 -47.74 -22.68 -7.64
C ASP B 223 -47.46 -24.16 -7.96
N LYS B 224 -46.33 -24.45 -8.60
CA LYS B 224 -45.96 -25.82 -8.95
C LYS B 224 -45.02 -26.46 -7.90
N ILE B 225 -44.67 -25.74 -6.84
CA ILE B 225 -43.77 -26.29 -5.83
C ILE B 225 -44.28 -26.11 -4.41
N ASP B 226 -43.69 -26.91 -3.53
CA ASP B 226 -43.95 -26.87 -2.11
C ASP B 226 -43.04 -25.80 -1.54
N GLU B 227 -43.61 -24.75 -0.98
CA GLU B 227 -42.82 -23.64 -0.45
C GLU B 227 -42.02 -24.01 0.80
N ASP B 228 -42.55 -24.91 1.61
CA ASP B 228 -41.81 -25.40 2.74
C ASP B 228 -40.58 -26.16 2.31
N LYS B 229 -40.68 -26.93 1.24
CA LYS B 229 -39.53 -27.64 0.68
C LYS B 229 -38.53 -26.62 0.13
N ALA B 230 -39.06 -25.58 -0.53
CA ALA B 230 -38.18 -24.55 -1.08
C ALA B 230 -37.38 -23.86 0.01
N VAL B 231 -38.05 -23.52 1.11
CA VAL B 231 -37.39 -22.93 2.28
C VAL B 231 -36.27 -23.84 2.77
N GLU B 232 -36.56 -25.13 2.89
CA GLU B 232 -35.59 -26.10 3.34
C GLU B 232 -34.35 -26.12 2.44
N ILE B 233 -34.59 -26.19 1.15
CA ILE B 233 -33.53 -26.26 0.15
C ILE B 233 -32.68 -24.98 0.17
N PHE B 234 -33.35 -23.84 0.19
CA PHE B 234 -32.69 -22.57 0.20
C PHE B 234 -31.81 -22.41 1.43
N ASN B 235 -32.37 -22.78 2.59
CA ASN B 235 -31.65 -22.65 3.87
C ASN B 235 -30.44 -23.56 3.94
N THR B 236 -30.56 -24.75 3.35
CA THR B 236 -29.45 -25.68 3.29
C THR B 236 -28.28 -25.09 2.51
N ALA B 237 -28.58 -24.51 1.36
CA ALA B 237 -27.57 -23.88 0.54
C ALA B 237 -26.95 -22.68 1.25
N MSE B 238 -27.77 -21.85 1.86
CA MSE B 238 -27.25 -20.73 2.64
C MSE B 238 -26.31 -21.22 3.73
O MSE B 238 -25.24 -20.65 3.99
CB MSE B 238 -28.39 -19.91 3.30
CG MSE B 238 -29.14 -19.05 2.33
SE MSE B 238 -28.08 -17.50 1.72
CE MSE B 238 -27.88 -16.61 3.52
N ASN B 239 -26.72 -22.27 4.41
CA ASN B 239 -25.85 -22.83 5.41
C ASN B 239 -24.53 -23.39 4.89
N TYR B 240 -24.56 -23.98 3.70
CA TYR B 240 -23.31 -24.37 3.05
C TYR B 240 -22.40 -23.20 2.75
N GLU B 241 -22.99 -22.09 2.28
CA GLU B 241 -22.22 -20.87 2.06
C GLU B 241 -21.51 -20.44 3.35
N LEU B 242 -22.24 -20.45 4.46
CA LEU B 242 -21.63 -20.11 5.75
C LEU B 242 -20.52 -21.09 6.13
N LYS B 243 -20.76 -22.37 5.94
CA LYS B 243 -19.75 -23.37 6.29
C LYS B 243 -18.47 -23.17 5.47
N VAL B 244 -18.65 -22.92 4.18
CA VAL B 244 -17.53 -22.76 3.26
C VAL B 244 -16.72 -21.51 3.65
N PHE B 245 -17.39 -20.38 3.88
CA PHE B 245 -16.64 -19.19 4.27
C PHE B 245 -15.95 -19.35 5.61
N THR B 246 -16.60 -20.02 6.52
CA THR B 246 -16.03 -20.29 7.86
C THR B 246 -14.78 -21.14 7.76
N SER B 247 -14.81 -22.19 6.95
CA SER B 247 -13.67 -23.10 6.88
C SER B 247 -12.53 -22.54 6.05
N SER B 248 -12.79 -21.53 5.22
CA SER B 248 -11.81 -21.04 4.25
C SER B 248 -10.53 -20.50 4.90
N THR B 249 -10.65 -20.02 6.13
CA THR B 249 -9.52 -19.40 6.80
C THR B 249 -8.88 -20.33 7.81
N ILE B 250 -9.34 -21.57 7.86
CA ILE B 250 -8.73 -22.60 8.71
C ILE B 250 -7.79 -23.46 7.84
N LEU B 251 -6.50 -23.10 7.81
CA LEU B 251 -5.50 -23.72 6.87
C LEU B 251 -4.57 -24.69 7.61
N ARG C 22 -19.71 4.60 32.92
CA ARG C 22 -19.02 4.65 31.57
C ARG C 22 -19.41 3.43 30.68
N LYS C 23 -19.18 2.18 31.15
CA LYS C 23 -19.79 0.94 30.58
C LYS C 23 -21.29 1.13 30.47
N ARG C 24 -21.78 1.02 29.25
CA ARG C 24 -23.18 1.32 29.05
C ARG C 24 -23.99 0.07 29.41
N THR C 25 -24.54 0.08 30.62
CA THR C 25 -25.43 -0.98 31.04
C THR C 25 -26.51 -0.38 31.89
N PHE C 26 -27.71 -0.94 31.76
CA PHE C 26 -28.83 -0.59 32.60
C PHE C 26 -29.32 -1.82 33.37
N ALA C 27 -28.48 -2.85 33.46
CA ALA C 27 -28.80 -4.05 34.21
C ALA C 27 -28.99 -3.71 35.68
N ILE C 28 -29.83 -4.52 36.34
CA ILE C 28 -29.97 -4.42 37.80
C ILE C 28 -28.80 -5.28 38.30
N PRO C 29 -27.87 -4.68 39.05
CA PRO C 29 -26.75 -5.46 39.63
C PRO C 29 -27.19 -6.40 40.76
N ALA C 30 -26.34 -7.38 41.04
CA ALA C 30 -26.62 -8.40 42.04
C ALA C 30 -26.99 -7.82 43.38
N SER C 31 -26.32 -6.74 43.78
CA SER C 31 -26.63 -6.10 45.04
C SER C 31 -28.06 -5.56 45.17
N ARG C 32 -28.74 -5.31 44.04
CA ARG C 32 -30.09 -4.77 44.06
C ARG C 32 -31.13 -5.78 43.57
N LEU C 33 -30.71 -7.04 43.43
CA LEU C 33 -31.65 -8.14 43.19
C LEU C 33 -32.12 -8.67 44.52
N THR C 34 -33.04 -7.90 45.13
CA THR C 34 -33.55 -8.11 46.47
C THR C 34 -35.05 -8.24 46.37
N GLY C 35 -35.72 -8.64 47.45
CA GLY C 35 -37.17 -8.78 47.47
C GLY C 35 -37.63 -9.77 46.41
N ARG C 36 -38.66 -9.38 45.66
CA ARG C 36 -39.22 -10.23 44.60
C ARG C 36 -38.22 -10.50 43.46
N LEU C 37 -37.16 -9.70 43.38
CA LEU C 37 -36.19 -9.82 42.32
C LEU C 37 -35.02 -10.74 42.67
N THR C 38 -35.04 -11.33 43.87
CA THR C 38 -33.89 -12.15 44.27
C THR C 38 -33.52 -13.25 43.28
N THR C 39 -34.50 -13.91 42.68
CA THR C 39 -34.23 -15.02 41.76
C THR C 39 -34.17 -14.64 40.28
N LEU C 40 -34.30 -13.36 39.96
CA LEU C 40 -34.24 -12.92 38.57
C LEU C 40 -32.87 -13.20 37.96
N LYS C 41 -32.85 -13.90 36.84
CA LYS C 41 -31.61 -14.30 36.17
C LYS C 41 -31.29 -13.43 34.93
N SER C 42 -30.01 -13.40 34.59
CA SER C 42 -29.46 -12.69 33.44
C SER C 42 -28.86 -13.66 32.40
N ASP C 43 -29.12 -14.93 32.51
CA ASP C 43 -28.68 -15.84 31.46
C ASP C 43 -29.49 -15.65 30.17
N VAL C 44 -28.91 -16.13 29.09
CA VAL C 44 -29.47 -16.00 27.77
C VAL C 44 -30.89 -16.63 27.76
N PRO C 45 -31.90 -15.85 27.34
CA PRO C 45 -33.21 -16.46 27.27
C PRO C 45 -33.26 -17.67 26.33
N ALA C 46 -34.17 -18.58 26.62
CA ALA C 46 -34.36 -19.79 25.81
C ALA C 46 -34.75 -19.44 24.40
N ALA C 47 -34.48 -20.35 23.47
CA ALA C 47 -34.72 -20.10 22.05
C ALA C 47 -36.18 -19.85 21.72
N ASP C 48 -37.08 -20.46 22.48
CA ASP C 48 -38.53 -20.27 22.27
C ASP C 48 -39.10 -19.02 23.01
N SER C 49 -38.24 -18.20 23.61
CA SER C 49 -38.69 -17.04 24.38
C SER C 49 -39.28 -15.95 23.53
N LEU C 50 -40.12 -15.14 24.13
CA LEU C 50 -40.62 -13.95 23.45
C LEU C 50 -39.45 -12.99 23.10
N PHE C 51 -38.47 -12.90 23.98
CA PHE C 51 -37.25 -12.13 23.70
C PHE C 51 -36.70 -12.43 22.30
N TRP C 52 -36.38 -13.68 22.00
CA TRP C 52 -35.80 -14.01 20.70
C TRP C 52 -36.78 -13.87 19.57
N LYS C 53 -38.05 -14.17 19.84
CA LYS C 53 -39.08 -14.00 18.81
C LYS C 53 -39.12 -12.54 18.37
N LEU C 54 -39.05 -11.62 19.34
CA LEU C 54 -39.06 -10.18 19.03
C LEU C 54 -37.80 -9.77 18.25
N TRP C 55 -36.63 -10.12 18.78
CA TRP C 55 -35.40 -9.75 18.11
C TRP C 55 -35.33 -10.38 16.70
N ASN C 56 -35.62 -11.66 16.57
CA ASN C 56 -35.45 -12.31 15.27
C ASN C 56 -36.35 -11.67 14.24
N GLY C 57 -37.54 -11.21 14.61
CA GLY C 57 -38.41 -10.53 13.64
C GLY C 57 -37.97 -9.14 13.19
N SER C 58 -37.01 -8.52 13.85
CA SER C 58 -36.60 -7.16 13.50
C SER C 58 -35.16 -7.12 12.98
N LEU C 59 -34.61 -8.30 12.69
CA LEU C 59 -33.22 -8.38 12.33
C LEU C 59 -32.87 -7.52 11.10
N ASP C 60 -33.77 -7.47 10.13
CA ASP C 60 -33.55 -6.61 8.94
C ASP C 60 -33.35 -5.16 9.31
N THR C 61 -34.06 -4.69 10.33
CA THR C 61 -33.87 -3.35 10.81
C THR C 61 -32.49 -3.18 11.41
N ALA C 62 -32.06 -4.16 12.21
CA ALA C 62 -30.73 -4.12 12.85
C ALA C 62 -29.62 -4.04 11.80
N VAL C 63 -29.75 -4.86 10.76
CA VAL C 63 -28.80 -4.84 9.66
C VAL C 63 -28.73 -3.47 8.99
N GLN C 64 -29.90 -2.84 8.83
CA GLN C 64 -29.92 -1.47 8.32
C GLN C 64 -29.21 -0.46 9.24
N VAL C 65 -29.29 -0.67 10.55
CA VAL C 65 -28.53 0.20 11.46
C VAL C 65 -27.02 0.10 11.15
N LEU C 66 -26.56 -1.12 10.93
CA LEU C 66 -25.17 -1.32 10.54
C LEU C 66 -24.77 -0.63 9.24
N GLN C 67 -25.76 -0.32 8.40
CA GLN C 67 -25.48 0.34 7.13
C GLN C 67 -25.55 1.86 7.22
N THR C 68 -25.82 2.39 8.42
CA THR C 68 -25.79 3.84 8.58
C THR C 68 -24.38 4.41 8.47
N ASP C 69 -24.32 5.66 8.05
CA ASP C 69 -23.06 6.40 8.04
C ASP C 69 -22.50 6.48 9.44
N TYR C 70 -23.37 6.55 10.44
CA TYR C 70 -22.89 6.59 11.81
C TYR C 70 -21.93 5.40 12.10
N PHE C 71 -22.38 4.19 11.80
CA PHE C 71 -21.61 3.02 12.20
C PHE C 71 -20.48 2.74 11.24
N LYS C 72 -20.62 3.12 9.97
CA LYS C 72 -19.48 3.07 9.08
C LYS C 72 -18.38 4.02 9.59
N GLY C 73 -18.78 5.15 10.16
CA GLY C 73 -17.84 6.11 10.74
C GLY C 73 -17.14 5.58 12.00
N ILE C 74 -17.88 4.90 12.85
CA ILE C 74 -17.33 4.27 14.05
C ILE C 74 -16.28 3.28 13.67
N ALA C 75 -16.61 2.39 12.72
CA ALA C 75 -15.67 1.34 12.33
C ALA C 75 -14.40 1.90 11.69
N ALA C 76 -14.54 2.94 10.86
CA ALA C 76 -13.45 3.53 10.16
C ALA C 76 -12.66 4.51 11.03
N GLY C 77 -13.23 4.94 12.15
CA GLY C 77 -12.64 5.99 12.96
C GLY C 77 -12.84 7.38 12.39
N THR C 78 -13.73 7.56 11.42
CA THR C 78 -13.88 8.83 10.72
C THR C 78 -15.24 9.52 11.03
N LEU C 79 -16.04 8.97 11.93
CA LEU C 79 -17.27 9.66 12.34
C LEU C 79 -16.95 11.10 12.74
N ASP C 80 -17.66 12.04 12.14
CA ASP C 80 -17.56 13.44 12.49
C ASP C 80 -17.80 13.61 14.02
N PRO C 81 -16.81 14.15 14.73
CA PRO C 81 -17.02 14.31 16.18
C PRO C 81 -18.23 15.18 16.55
N ASN C 82 -18.62 16.10 15.66
CA ASN C 82 -19.85 16.86 15.83
C ASN C 82 -21.11 16.00 15.76
N ALA C 83 -21.10 14.99 14.88
CA ALA C 83 -22.22 14.02 14.81
C ALA C 83 -22.26 13.15 16.05
N TYR C 84 -21.08 12.69 16.45
CA TYR C 84 -20.97 11.88 17.67
C TYR C 84 -21.55 12.61 18.88
N GLY C 85 -21.13 13.84 19.05
CA GLY C 85 -21.51 14.62 20.23
C GLY C 85 -22.98 15.08 20.23
N SER C 86 -23.46 15.53 19.06
CA SER C 86 -24.83 15.92 18.86
C SER C 86 -25.76 14.75 19.23
N LEU C 87 -25.38 13.54 18.82
CA LEU C 87 -26.19 12.38 19.13
C LEU C 87 -26.12 12.09 20.63
N MSE C 88 -24.95 12.28 21.22
CA MSE C 88 -24.80 11.97 22.61
C MSE C 88 -25.71 12.84 23.48
O MSE C 88 -26.33 12.35 24.43
CB MSE C 88 -23.35 12.14 23.04
CG MSE C 88 -23.16 11.68 24.46
SE MSE C 88 -22.98 9.74 24.61
CE MSE C 88 -24.69 8.89 24.55
N VAL C 89 -25.81 14.11 23.15
CA VAL C 89 -26.70 15.03 23.88
C VAL C 89 -28.14 14.58 23.78
N GLN C 90 -28.55 14.13 22.59
CA GLN C 90 -29.88 13.63 22.40
C GLN C 90 -30.11 12.34 23.13
N ASP C 91 -29.10 11.48 23.19
CA ASP C 91 -29.20 10.27 24.05
C ASP C 91 -29.34 10.58 25.51
N GLY C 92 -28.75 11.69 25.94
CA GLY C 92 -28.95 12.18 27.29
C GLY C 92 -30.42 12.49 27.55
N TYR C 93 -31.00 13.27 26.66
CA TYR C 93 -32.44 13.56 26.69
C TYR C 93 -33.24 12.24 26.80
N TYR C 94 -32.94 11.29 25.92
CA TYR C 94 -33.63 10.02 25.87
C TYR C 94 -33.51 9.25 27.20
N CYS C 95 -32.31 9.17 27.74
CA CYS C 95 -32.08 8.45 28.99
C CYS C 95 -32.67 9.13 30.20
N PHE C 96 -32.69 10.46 30.21
CA PHE C 96 -33.36 11.19 31.27
C PHE C 96 -34.85 10.88 31.29
N ARG C 97 -35.46 10.88 30.11
CA ARG C 97 -36.87 10.53 29.98
C ARG C 97 -37.13 9.05 30.22
N GLY C 98 -36.22 8.18 29.79
CA GLY C 98 -36.36 6.74 30.04
C GLY C 98 -36.40 6.40 31.53
N ARG C 99 -35.58 7.09 32.30
CA ARG C 99 -35.63 6.95 33.76
C ARG C 99 -37.02 7.29 34.29
N ASP C 100 -37.54 8.42 33.85
CA ASP C 100 -38.86 8.84 34.26
C ASP C 100 -39.92 7.83 33.83
N ASP C 101 -39.75 7.22 32.66
CA ASP C 101 -40.70 6.25 32.18
C ASP C 101 -40.75 5.02 33.07
N TYR C 102 -39.59 4.57 33.52
CA TYR C 102 -39.54 3.46 34.45
C TYR C 102 -40.18 3.79 35.78
N ALA C 103 -39.99 5.02 36.23
CA ALA C 103 -40.66 5.46 37.44
C ALA C 103 -42.19 5.48 37.26
N THR C 104 -42.66 5.98 36.13
CA THR C 104 -44.09 5.95 35.81
C THR C 104 -44.60 4.51 35.74
N ALA C 105 -43.82 3.64 35.11
CA ALA C 105 -44.25 2.23 34.98
C ALA C 105 -44.39 1.59 36.38
N ALA C 106 -43.47 1.90 37.27
CA ALA C 106 -43.51 1.39 38.64
C ALA C 106 -44.76 1.86 39.36
N THR C 107 -45.10 3.13 39.22
CA THR C 107 -46.35 3.70 39.75
C THR C 107 -47.63 3.06 39.16
N CYS C 108 -47.61 2.71 37.88
CA CYS C 108 -48.75 2.08 37.24
C CYS C 108 -48.82 0.56 37.41
N ALA C 109 -47.79 -0.05 37.97
CA ALA C 109 -47.71 -1.51 37.99
C ALA C 109 -48.75 -1.98 38.98
N GLN C 110 -49.50 -3.00 38.65
CA GLN C 110 -50.39 -3.56 39.71
C GLN C 110 -49.63 -4.73 40.37
N ASP C 111 -48.82 -5.41 39.58
CA ASP C 111 -48.03 -6.52 40.08
C ASP C 111 -46.75 -6.01 40.88
N GLU C 112 -46.53 -6.55 42.08
CA GLU C 112 -45.45 -6.05 42.99
C GLU C 112 -44.07 -6.39 42.47
N THR C 113 -43.98 -7.52 41.81
CA THR C 113 -42.74 -7.92 41.15
C THR C 113 -42.32 -6.90 40.07
N LEU C 114 -43.26 -6.54 39.21
CA LEU C 114 -42.97 -5.58 38.17
C LEU C 114 -42.72 -4.20 38.76
N ARG C 115 -43.46 -3.82 39.80
CA ARG C 115 -43.20 -2.56 40.47
C ARG C 115 -41.73 -2.49 40.95
N GLU C 116 -41.26 -3.56 41.58
CA GLU C 116 -39.89 -3.64 42.06
C GLU C 116 -38.89 -3.62 40.92
N PHE C 117 -39.21 -4.35 39.87
CA PHE C 117 -38.34 -4.40 38.70
C PHE C 117 -38.19 -2.99 38.11
N PHE C 118 -39.30 -2.31 37.90
CA PHE C 118 -39.25 -1.00 37.30
C PHE C 118 -38.53 0.03 38.19
N LYS C 119 -38.75 -0.05 39.51
CA LYS C 119 -38.05 0.82 40.44
C LYS C 119 -36.54 0.56 40.34
N ALA C 120 -36.16 -0.71 40.22
CA ALA C 120 -34.73 -1.02 40.14
C ALA C 120 -34.14 -0.52 38.83
N LYS C 121 -34.89 -0.64 37.75
CA LYS C 121 -34.45 -0.14 36.43
C LYS C 121 -34.29 1.36 36.42
N ALA C 122 -35.20 2.07 37.05
CA ALA C 122 -35.10 3.51 37.18
C ALA C 122 -33.77 3.89 37.85
N LYS C 123 -33.43 3.16 38.89
CA LYS C 123 -32.19 3.39 39.61
C LYS C 123 -30.95 3.08 38.73
N SER C 124 -31.05 2.04 37.90
CA SER C 124 -29.98 1.72 36.99
C SER C 124 -29.76 2.89 36.00
N TYR C 125 -30.87 3.48 35.54
CA TYR C 125 -30.78 4.63 34.69
C TYR C 125 -30.17 5.83 35.39
N ASP C 126 -30.60 6.11 36.60
CA ASP C 126 -29.99 7.21 37.37
C ASP C 126 -28.50 7.08 37.44
N GLU C 127 -28.03 5.88 37.72
CA GLU C 127 -26.59 5.61 37.82
C GLU C 127 -25.89 5.87 36.48
N TYR C 128 -26.43 5.30 35.41
CA TYR C 128 -25.84 5.55 34.11
C TYR C 128 -25.88 7.04 33.75
N ASN C 129 -26.97 7.69 34.09
CA ASN C 129 -27.19 9.07 33.69
C ASN C 129 -26.23 10.07 34.31
N GLU C 130 -25.47 9.63 35.33
CA GLU C 130 -24.36 10.44 35.89
C GLU C 130 -23.39 10.86 34.79
N THR C 131 -23.22 10.03 33.77
CA THR C 131 -22.36 10.40 32.63
C THR C 131 -22.84 11.66 31.90
N TYR C 132 -24.14 11.76 31.71
CA TYR C 132 -24.72 12.87 31.02
C TYR C 132 -24.67 14.14 31.84
N HIS C 133 -24.91 14.03 33.15
CA HIS C 133 -24.79 15.19 34.05
C HIS C 133 -23.33 15.66 34.22
N GLN C 134 -22.40 14.74 34.38
CA GLN C 134 -21.03 15.08 34.76
C GLN C 134 -20.10 15.25 33.57
N THR C 135 -20.02 14.26 32.70
CA THR C 135 -19.14 14.40 31.56
C THR C 135 -19.74 15.32 30.51
N TRP C 136 -21.03 15.19 30.25
CA TRP C 136 -21.67 15.96 29.19
C TRP C 136 -22.35 17.23 29.65
N HIS C 137 -22.33 17.49 30.96
CA HIS C 137 -22.80 18.77 31.49
C HIS C 137 -24.26 19.10 31.19
N LEU C 138 -25.08 18.07 31.13
CA LEU C 138 -26.49 18.20 30.86
C LEU C 138 -27.32 18.11 32.13
N ARG C 139 -28.11 19.15 32.40
CA ARG C 139 -28.82 19.23 33.66
C ARG C 139 -30.08 18.33 33.69
N GLU C 140 -30.85 18.37 32.61
CA GLU C 140 -32.16 17.72 32.56
C GLU C 140 -32.74 17.79 31.16
N ALA C 141 -33.75 16.96 30.90
CA ALA C 141 -34.36 16.86 29.57
C ALA C 141 -34.91 18.19 29.07
N SER C 142 -35.50 18.96 29.97
CA SER C 142 -36.10 20.23 29.61
C SER C 142 -35.06 21.25 29.14
N GLY C 143 -33.79 21.01 29.44
CA GLY C 143 -32.72 21.88 28.96
C GLY C 143 -32.20 21.59 27.58
N LEU C 144 -32.76 20.56 26.96
CA LEU C 144 -32.33 20.10 25.64
C LEU C 144 -33.45 20.32 24.65
N ILE C 145 -33.08 20.48 23.38
CA ILE C 145 -34.06 20.53 22.31
C ILE C 145 -33.89 19.29 21.44
N PRO C 146 -34.71 18.25 21.66
CA PRO C 146 -34.45 17.01 20.99
C PRO C 146 -34.73 17.11 19.48
N GLY C 147 -34.00 16.36 18.68
CA GLY C 147 -34.37 16.21 17.28
C GLY C 147 -35.69 15.45 17.20
N THR C 148 -36.33 15.55 16.06
CA THR C 148 -37.64 14.98 15.83
C THR C 148 -37.71 13.50 16.12
N ASP C 149 -36.73 12.74 15.66
CA ASP C 149 -36.77 11.28 15.83
C ASP C 149 -36.62 10.85 17.28
N ILE C 150 -35.70 11.48 18.00
CA ILE C 150 -35.52 11.13 19.40
C ILE C 150 -36.74 11.56 20.22
N LYS C 151 -37.31 12.73 19.89
CA LYS C 151 -38.53 13.18 20.57
C LYS C 151 -39.68 12.19 20.34
N ASP C 152 -39.90 11.80 19.10
CA ASP C 152 -40.95 10.84 18.81
C ASP C 152 -40.74 9.51 19.53
N TYR C 153 -39.48 9.07 19.56
CA TYR C 153 -39.16 7.80 20.23
C TYR C 153 -39.44 7.87 21.74
N ALA C 154 -38.96 8.94 22.38
CA ALA C 154 -39.17 9.14 23.78
C ALA C 154 -40.66 9.29 24.08
N ASP C 155 -41.39 10.02 23.23
CA ASP C 155 -42.84 10.15 23.40
C ASP C 155 -43.53 8.80 23.34
N TYR C 156 -43.05 7.93 22.46
CA TYR C 156 -43.62 6.58 22.33
C TYR C 156 -43.39 5.76 23.59
N GLU C 157 -42.17 5.77 24.09
CA GLU C 157 -41.90 5.06 25.35
C GLU C 157 -42.75 5.59 26.50
N ALA C 158 -42.92 6.91 26.58
CA ALA C 158 -43.75 7.49 27.64
C ALA C 158 -45.20 7.04 27.54
N TYR C 159 -45.70 6.96 26.32
CA TYR C 159 -47.04 6.46 26.10
C TYR C 159 -47.16 4.98 26.55
N VAL C 160 -46.23 4.14 26.14
CA VAL C 160 -46.28 2.74 26.56
C VAL C 160 -46.28 2.63 28.10
N ALA C 161 -45.38 3.39 28.72
CA ALA C 161 -45.22 3.33 30.16
C ALA C 161 -46.48 3.78 30.89
N GLY C 162 -47.16 4.79 30.36
CA GLY C 162 -48.26 5.42 31.05
C GLY C 162 -49.63 4.90 30.69
N SER C 163 -49.77 4.22 29.54
CA SER C 163 -51.08 3.87 28.99
C SER C 163 -51.28 2.40 28.70
N LEU C 164 -50.20 1.61 28.62
CA LEU C 164 -50.36 0.22 28.24
C LEU C 164 -50.03 -0.65 29.42
N ALA C 165 -50.45 -1.90 29.36
CA ALA C 165 -50.18 -2.82 30.44
C ALA C 165 -48.67 -3.00 30.72
N SER C 166 -48.35 -3.25 31.98
CA SER C 166 -46.99 -3.24 32.50
C SER C 166 -45.95 -4.04 31.71
N PRO C 167 -46.28 -5.27 31.33
CA PRO C 167 -45.25 -5.99 30.62
C PRO C 167 -44.79 -5.38 29.28
N TYR C 168 -45.63 -4.58 28.65
CA TYR C 168 -45.21 -3.92 27.39
C TYR C 168 -44.06 -2.93 27.56
N MSE C 169 -43.87 -2.46 28.79
CA MSE C 169 -42.75 -1.59 29.09
C MSE C 169 -41.45 -2.35 28.86
O MSE C 169 -40.51 -1.81 28.26
CB MSE C 169 -42.86 -1.10 30.55
CG MSE C 169 -41.80 -0.15 30.96
SE MSE C 169 -41.67 1.46 29.79
CE MSE C 169 -40.17 2.26 30.84
N CYS C 170 -41.41 -3.62 29.27
CA CYS C 170 -40.23 -4.45 28.97
C CYS C 170 -40.02 -4.62 27.47
N VAL C 171 -41.10 -4.67 26.70
CA VAL C 171 -41.00 -4.84 25.27
C VAL C 171 -40.37 -3.61 24.63
N VAL C 172 -40.90 -2.43 24.95
CA VAL C 172 -40.49 -1.21 24.24
C VAL C 172 -39.07 -0.79 24.59
N MSE C 173 -38.61 -1.13 25.80
CA MSE C 173 -37.28 -0.74 26.24
C MSE C 173 -36.19 -1.72 25.82
O MSE C 173 -35.02 -1.42 25.97
CB MSE C 173 -37.22 -0.52 27.73
CG MSE C 173 -38.25 0.42 28.26
SE MSE C 173 -38.02 2.24 27.49
CE MSE C 173 -36.31 2.75 28.23
N LEU C 174 -36.57 -2.89 25.31
CA LEU C 174 -35.58 -3.91 24.98
C LEU C 174 -34.62 -3.53 23.84
N PRO C 175 -35.14 -2.97 22.73
CA PRO C 175 -34.23 -2.57 21.68
C PRO C 175 -33.08 -1.69 22.13
N CYS C 176 -33.29 -0.67 22.94
CA CYS C 176 -32.13 0.13 23.30
C CYS C 176 -31.14 -0.64 24.22
N GLU C 177 -31.63 -1.64 24.96
CA GLU C 177 -30.71 -2.49 25.74
C GLU C 177 -29.97 -3.59 24.98
N TYR C 178 -30.59 -4.17 23.95
CA TYR C 178 -29.98 -5.25 23.19
C TYR C 178 -29.30 -4.79 21.89
N LEU C 179 -29.87 -3.81 21.21
CA LEU C 179 -29.35 -3.41 19.91
C LEU C 179 -27.92 -2.86 19.98
N TRP C 180 -27.65 -2.04 20.99
CA TRP C 180 -26.34 -1.42 21.09
C TRP C 180 -25.21 -2.45 21.31
N PRO C 181 -25.35 -3.35 22.30
CA PRO C 181 -24.38 -4.44 22.42
C PRO C 181 -24.26 -5.31 21.17
N TRP C 182 -25.38 -5.59 20.55
CA TRP C 182 -25.35 -6.37 19.35
C TRP C 182 -24.54 -5.71 18.23
N ILE C 183 -24.75 -4.41 18.07
CA ILE C 183 -23.96 -3.64 17.09
C ILE C 183 -22.47 -3.67 17.45
N ALA C 184 -22.17 -3.44 18.73
CA ALA C 184 -20.78 -3.42 19.19
C ALA C 184 -20.12 -4.74 18.95
N ASN C 185 -20.82 -5.81 19.27
CA ASN C 185 -20.22 -7.12 19.10
C ASN C 185 -20.05 -7.52 17.64
N PHE C 186 -20.93 -7.00 16.79
CA PHE C 186 -20.80 -7.19 15.33
C PHE C 186 -19.58 -6.42 14.81
N LEU C 187 -19.44 -5.15 15.24
CA LEU C 187 -18.41 -4.26 14.71
C LEU C 187 -17.03 -4.46 15.32
N ASP C 188 -16.97 -5.23 16.39
CA ASP C 188 -15.71 -5.49 17.10
C ASP C 188 -14.59 -5.88 16.12
N GLY C 189 -14.85 -6.89 15.32
CA GLY C 189 -13.87 -7.39 14.35
C GLY C 189 -13.70 -6.52 13.12
N TYR C 190 -14.45 -5.41 13.04
CA TYR C 190 -14.31 -4.45 11.96
C TYR C 190 -13.70 -3.12 12.42
N THR C 191 -13.44 -2.98 13.71
CA THR C 191 -13.03 -1.72 14.31
C THR C 191 -11.67 -1.90 14.93
N PRO C 192 -10.62 -1.39 14.28
CA PRO C 192 -9.25 -1.56 14.81
C PRO C 192 -9.06 -1.05 16.22
N THR C 193 -8.26 -1.76 17.00
CA THR C 193 -8.00 -1.50 18.42
C THR C 193 -7.40 -0.13 18.66
N ASN C 194 -6.69 0.39 17.68
CA ASN C 194 -6.08 1.69 17.80
C ASN C 194 -6.86 2.81 17.14
N SER C 195 -8.10 2.55 16.72
CA SER C 195 -8.86 3.55 15.98
C SER C 195 -9.63 4.47 16.96
N LEU C 196 -10.04 5.64 16.48
CA LEU C 196 -10.46 6.71 17.38
C LEU C 196 -11.74 6.39 18.15
N TYR C 197 -12.64 5.64 17.53
CA TYR C 197 -13.93 5.31 18.18
C TYR C 197 -13.99 3.89 18.70
N ARG C 198 -12.82 3.29 18.84
CA ARG C 198 -12.76 1.94 19.39
C ARG C 198 -13.43 1.85 20.74
N PHE C 199 -13.34 2.92 21.53
CA PHE C 199 -13.99 3.00 22.82
C PHE C 199 -15.48 2.65 22.75
N TRP C 200 -16.13 2.93 21.61
CA TRP C 200 -17.57 2.62 21.47
C TRP C 200 -17.82 1.13 21.62
N ILE C 201 -16.94 0.37 20.99
CA ILE C 201 -16.99 -1.08 21.09
C ILE C 201 -16.84 -1.57 22.51
N GLU C 202 -15.83 -1.03 23.20
CA GLU C 202 -15.51 -1.42 24.57
C GLU C 202 -16.62 -1.05 25.55
N TRP C 203 -17.20 0.12 25.38
CA TRP C 203 -18.24 0.55 26.29
C TRP C 203 -19.57 -0.14 26.11
N ASN C 204 -19.84 -0.63 24.90
CA ASN C 204 -21.17 -1.21 24.59
C ASN C 204 -21.18 -2.71 24.35
N GLY C 205 -20.02 -3.28 24.10
CA GLY C 205 -19.92 -4.67 23.77
C GLY C 205 -19.85 -5.58 24.97
N GLY C 206 -19.72 -6.84 24.69
CA GLY C 206 -19.74 -7.88 25.70
C GLY C 206 -21.13 -8.48 25.80
N THR C 207 -21.31 -9.23 26.86
CA THR C 207 -22.55 -9.94 27.12
C THR C 207 -23.64 -8.96 27.46
N PRO C 208 -24.77 -9.03 26.77
CA PRO C 208 -25.91 -8.12 27.03
C PRO C 208 -26.78 -8.55 28.22
N ASN C 209 -26.18 -8.52 29.39
CA ASN C 209 -26.84 -9.06 30.58
C ASN C 209 -28.11 -8.29 30.95
N GLY C 210 -28.10 -6.98 30.74
CA GLY C 210 -29.28 -6.15 30.96
C GLY C 210 -30.45 -6.56 30.12
N ALA C 211 -30.21 -6.74 28.83
CA ALA C 211 -31.26 -7.17 27.93
C ALA C 211 -31.77 -8.57 28.30
N TYR C 212 -30.85 -9.48 28.56
CA TYR C 212 -31.21 -10.83 28.93
C TYR C 212 -32.09 -10.84 30.19
N GLN C 213 -31.65 -10.09 31.19
CA GLN C 213 -32.36 -9.96 32.43
C GLN C 213 -33.81 -9.53 32.20
N MSE C 214 -33.98 -8.52 31.36
CA MSE C 214 -35.31 -7.99 31.06
C MSE C 214 -36.12 -8.97 30.22
O MSE C 214 -37.34 -9.10 30.40
CB MSE C 214 -35.17 -6.63 30.33
CG MSE C 214 -36.52 -5.96 30.08
SE MSE C 214 -36.49 -4.00 30.37
CE MSE C 214 -35.41 -3.67 28.83
N GLY C 215 -35.46 -9.66 29.29
CA GLY C 215 -36.10 -10.74 28.55
C GLY C 215 -36.61 -11.86 29.45
N ASN C 216 -35.84 -12.19 30.48
CA ASN C 216 -36.24 -13.22 31.47
C ASN C 216 -37.38 -12.75 32.37
N MSE C 217 -37.42 -11.47 32.67
CA MSE C 217 -38.56 -10.88 33.41
C MSE C 217 -39.81 -10.93 32.53
O MSE C 217 -40.87 -11.36 32.97
CB MSE C 217 -38.23 -9.43 33.77
CG MSE C 217 -39.31 -8.70 34.58
SE MSE C 217 -39.59 -9.46 36.40
CE MSE C 217 -38.14 -9.13 37.14
N LEU C 218 -39.67 -10.48 31.29
CA LEU C 218 -40.75 -10.46 30.34
C LEU C 218 -41.36 -11.84 30.12
N GLU C 219 -40.54 -12.89 30.05
CA GLU C 219 -41.05 -14.23 29.77
C GLU C 219 -42.08 -14.68 30.81
N GLN C 220 -41.89 -14.20 32.04
CA GLN C 220 -42.81 -14.52 33.13
C GLN C 220 -44.18 -13.89 32.95
N TYR C 221 -44.33 -12.92 32.06
CA TYR C 221 -45.61 -12.23 31.86
C TYR C 221 -46.14 -12.43 30.43
N ARG C 222 -45.51 -13.33 29.72
CA ARG C 222 -45.83 -13.59 28.33
C ARG C 222 -47.29 -13.95 28.11
N ASP C 223 -47.83 -14.77 28.99
CA ASP C 223 -49.24 -15.20 28.93
C ASP C 223 -50.22 -14.05 29.24
N LYS C 224 -49.74 -12.95 29.79
CA LYS C 224 -50.59 -11.80 30.13
C LYS C 224 -50.62 -10.75 29.05
N ILE C 225 -49.91 -10.96 27.94
CA ILE C 225 -49.98 -9.97 26.86
C ILE C 225 -50.28 -10.58 25.52
N ASP C 226 -50.62 -9.69 24.59
CA ASP C 226 -50.86 -10.01 23.23
C ASP C 226 -49.53 -9.94 22.50
N GLU C 227 -49.08 -11.08 21.98
CA GLU C 227 -47.77 -11.13 21.33
C GLU C 227 -47.68 -10.36 20.02
N ASP C 228 -48.78 -10.29 19.30
CA ASP C 228 -48.83 -9.50 18.08
C ASP C 228 -48.65 -8.02 18.41
N LYS C 229 -49.24 -7.57 19.52
CA LYS C 229 -49.08 -6.21 19.97
C LYS C 229 -47.62 -5.98 20.41
N ALA C 230 -47.04 -6.95 21.11
CA ALA C 230 -45.64 -6.85 21.51
C ALA C 230 -44.72 -6.69 20.30
N VAL C 231 -44.97 -7.49 19.26
CA VAL C 231 -44.21 -7.41 18.04
C VAL C 231 -44.30 -6.01 17.45
N GLU C 232 -45.51 -5.48 17.39
CA GLU C 232 -45.69 -4.14 16.83
C GLU C 232 -44.93 -3.06 17.64
N ILE C 233 -45.01 -3.17 18.97
CA ILE C 233 -44.33 -2.22 19.86
C ILE C 233 -42.82 -2.32 19.70
N PHE C 234 -42.29 -3.55 19.73
CA PHE C 234 -40.87 -3.78 19.59
C PHE C 234 -40.34 -3.23 18.27
N ASN C 235 -41.05 -3.56 17.18
CA ASN C 235 -40.64 -3.12 15.83
C ASN C 235 -40.68 -1.59 15.67
N THR C 236 -41.67 -0.97 16.29
CA THR C 236 -41.75 0.49 16.30
C THR C 236 -40.50 1.10 16.97
N ALA C 237 -40.13 0.58 18.12
CA ALA C 237 -38.91 1.07 18.81
C ALA C 237 -37.64 0.80 18.00
N MSE C 238 -37.53 -0.39 17.41
CA MSE C 238 -36.41 -0.70 16.50
C MSE C 238 -36.37 0.30 15.36
O MSE C 238 -35.33 0.82 14.98
CB MSE C 238 -36.56 -2.11 15.95
CG MSE C 238 -36.19 -3.16 16.96
SE MSE C 238 -34.24 -3.19 17.36
CE MSE C 238 -33.56 -3.82 15.52
N ASN C 239 -37.51 0.60 14.78
CA ASN C 239 -37.54 1.58 13.68
C ASN C 239 -37.10 2.96 14.13
N TYR C 240 -37.48 3.36 15.32
CA TYR C 240 -36.96 4.60 15.88
C TYR C 240 -35.43 4.60 16.05
N GLU C 241 -34.86 3.51 16.52
CA GLU C 241 -33.40 3.39 16.61
C GLU C 241 -32.75 3.65 15.25
N LEU C 242 -33.28 3.01 14.22
CA LEU C 242 -32.77 3.23 12.86
C LEU C 242 -32.91 4.68 12.43
N LYS C 243 -34.06 5.27 12.69
CA LYS C 243 -34.29 6.65 12.27
C LYS C 243 -33.31 7.58 12.96
N VAL C 244 -33.13 7.35 14.24
CA VAL C 244 -32.19 8.17 15.05
C VAL C 244 -30.73 8.04 14.56
N PHE C 245 -30.26 6.82 14.35
CA PHE C 245 -28.92 6.67 13.80
C PHE C 245 -28.77 7.23 12.39
N THR C 246 -29.79 7.08 11.57
CA THR C 246 -29.77 7.63 10.22
C THR C 246 -29.65 9.14 10.28
N SER C 247 -30.45 9.78 11.12
CA SER C 247 -30.51 11.24 11.09
C SER C 247 -29.29 11.87 11.79
N SER C 248 -28.57 11.10 12.60
CA SER C 248 -27.48 11.61 13.44
C SER C 248 -26.32 12.25 12.67
N THR C 249 -26.11 11.79 11.44
CA THR C 249 -25.01 12.30 10.63
C THR C 249 -25.46 13.32 9.63
N ILE C 250 -26.74 13.67 9.62
CA ILE C 250 -27.23 14.74 8.76
C ILE C 250 -27.24 16.04 9.58
N LEU C 251 -26.22 16.86 9.41
CA LEU C 251 -26.04 18.09 10.20
C LEU C 251 -26.30 19.36 9.39
N LYS D 23 -18.89 28.65 10.39
CA LYS D 23 -17.76 29.64 10.57
C LYS D 23 -17.97 30.39 11.86
N ARG D 24 -17.03 30.25 12.77
CA ARG D 24 -17.18 30.84 14.06
C ARG D 24 -16.76 32.28 13.89
N THR D 25 -17.74 33.18 13.84
CA THR D 25 -17.49 34.61 13.87
C THR D 25 -18.62 35.31 14.62
N PHE D 26 -18.26 36.37 15.34
CA PHE D 26 -19.18 37.22 16.05
C PHE D 26 -19.07 38.63 15.53
N ALA D 27 -18.49 38.79 14.37
CA ALA D 27 -18.40 40.09 13.74
C ALA D 27 -19.78 40.66 13.42
N ILE D 28 -19.87 41.98 13.40
CA ILE D 28 -21.07 42.64 12.95
C ILE D 28 -20.90 42.75 11.46
N PRO D 29 -21.82 42.15 10.70
CA PRO D 29 -21.71 42.12 9.25
C PRO D 29 -22.06 43.49 8.66
N ALA D 30 -21.60 43.71 7.45
CA ALA D 30 -21.79 45.00 6.77
C ALA D 30 -23.22 45.49 6.80
N SER D 31 -24.17 44.57 6.58
CA SER D 31 -25.59 44.94 6.54
C SER D 31 -26.07 45.53 7.89
N ARG D 32 -25.36 45.23 8.98
CA ARG D 32 -25.80 45.74 10.28
C ARG D 32 -24.91 46.85 10.82
N LEU D 33 -23.99 47.34 10.00
CA LEU D 33 -23.19 48.52 10.34
C LEU D 33 -23.97 49.75 9.90
N THR D 34 -24.99 50.07 10.69
CA THR D 34 -25.91 51.17 10.41
C THR D 34 -25.80 52.18 11.53
N GLY D 35 -26.48 53.29 11.34
CA GLY D 35 -26.52 54.31 12.36
C GLY D 35 -25.12 54.76 12.73
N ARG D 36 -24.88 54.82 14.04
CA ARG D 36 -23.59 55.25 14.57
C ARG D 36 -22.45 54.27 14.21
N LEU D 37 -22.80 53.05 13.79
CA LEU D 37 -21.80 52.03 13.40
C LEU D 37 -21.37 52.08 11.97
N THR D 38 -21.97 52.95 11.19
CA THR D 38 -21.72 53.01 9.76
C THR D 38 -20.24 53.02 9.37
N THR D 39 -19.43 53.80 10.09
CA THR D 39 -18.01 53.92 9.75
C THR D 39 -17.09 52.99 10.51
N LEU D 40 -17.64 52.08 11.30
CA LEU D 40 -16.80 51.15 12.05
C LEU D 40 -16.06 50.21 11.09
N LYS D 41 -14.74 50.16 11.24
CA LYS D 41 -13.88 49.33 10.40
C LYS D 41 -13.37 48.03 11.06
N SER D 42 -13.03 47.09 10.19
CA SER D 42 -12.52 45.78 10.57
C SER D 42 -11.08 45.57 10.15
N ASP D 43 -10.38 46.63 9.75
CA ASP D 43 -8.97 46.46 9.44
C ASP D 43 -8.12 46.28 10.70
N VAL D 44 -6.92 45.77 10.48
CA VAL D 44 -5.99 45.43 11.54
C VAL D 44 -5.72 46.68 12.36
N PRO D 45 -5.92 46.60 13.67
CA PRO D 45 -5.62 47.79 14.48
C PRO D 45 -4.16 48.22 14.37
N ALA D 46 -3.92 49.51 14.54
CA ALA D 46 -2.57 50.08 14.46
C ALA D 46 -1.68 49.49 15.54
N ALA D 47 -0.40 49.49 15.26
CA ALA D 47 0.58 48.86 16.16
C ALA D 47 0.58 49.45 17.55
N ASP D 48 0.29 50.74 17.64
CA ASP D 48 0.22 51.42 18.94
C ASP D 48 -1.15 51.31 19.66
N SER D 49 -2.06 50.49 19.14
CA SER D 49 -3.41 50.40 19.67
C SER D 49 -3.45 49.64 21.00
N LEU D 50 -4.49 49.91 21.79
CA LEU D 50 -4.73 49.16 22.99
C LEU D 50 -4.92 47.68 22.68
N PHE D 51 -5.60 47.38 21.58
CA PHE D 51 -5.75 45.99 21.12
C PHE D 51 -4.43 45.24 21.13
N TRP D 52 -3.43 45.73 20.41
CA TRP D 52 -2.13 45.00 20.35
C TRP D 52 -1.38 45.07 21.66
N LYS D 53 -1.52 46.15 22.41
CA LYS D 53 -0.92 46.21 23.76
C LYS D 53 -1.48 45.09 24.67
N LEU D 54 -2.79 44.89 24.61
CA LEU D 54 -3.40 43.83 25.42
C LEU D 54 -2.94 42.44 24.95
N TRP D 55 -3.04 42.18 23.67
CA TRP D 55 -2.65 40.86 23.15
C TRP D 55 -1.18 40.56 23.44
N ASN D 56 -0.31 41.52 23.14
CA ASN D 56 1.10 41.30 23.32
C ASN D 56 1.46 40.97 24.77
N GLY D 57 0.78 41.58 25.71
CA GLY D 57 1.03 41.30 27.09
C GLY D 57 0.56 39.94 27.61
N SER D 58 -0.26 39.22 26.85
CA SER D 58 -0.74 37.94 27.30
C SER D 58 -0.29 36.81 26.37
N LEU D 59 0.67 37.10 25.48
CA LEU D 59 1.11 36.12 24.51
C LEU D 59 1.68 34.84 25.14
N ASP D 60 2.36 34.96 26.28
CA ASP D 60 2.83 33.78 27.04
C ASP D 60 1.66 32.85 27.40
N THR D 61 0.51 33.45 27.73
CA THR D 61 -0.69 32.64 28.03
C THR D 61 -1.22 31.93 26.79
N ALA D 62 -1.23 32.64 25.67
CA ALA D 62 -1.66 32.05 24.40
C ALA D 62 -0.79 30.83 24.00
N VAL D 63 0.52 30.96 24.20
CA VAL D 63 1.43 29.88 23.93
C VAL D 63 1.09 28.68 24.81
N GLN D 64 0.76 28.93 26.07
CA GLN D 64 0.37 27.83 26.96
C GLN D 64 -0.94 27.15 26.51
N VAL D 65 -1.82 27.89 25.87
CA VAL D 65 -3.04 27.28 25.30
C VAL D 65 -2.66 26.28 24.19
N LEU D 66 -1.68 26.62 23.37
CA LEU D 66 -1.14 25.70 22.37
C LEU D 66 -0.51 24.46 22.97
N GLN D 67 -0.10 24.55 24.23
CA GLN D 67 0.56 23.42 24.90
C GLN D 67 -0.41 22.49 25.63
N THR D 68 -1.70 22.79 25.56
CA THR D 68 -2.72 21.90 26.13
C THR D 68 -2.89 20.62 25.34
N ASP D 69 -3.29 19.56 26.05
CA ASP D 69 -3.64 18.31 25.42
C ASP D 69 -4.75 18.49 24.41
N TYR D 70 -5.65 19.43 24.68
CA TYR D 70 -6.72 19.71 23.75
C TYR D 70 -6.16 20.02 22.38
N PHE D 71 -5.28 21.00 22.28
CA PHE D 71 -4.79 21.41 20.97
C PHE D 71 -3.75 20.48 20.35
N LYS D 72 -2.96 19.79 21.19
CA LYS D 72 -2.13 18.70 20.67
C LYS D 72 -3.03 17.62 20.02
N GLY D 73 -4.18 17.36 20.61
CA GLY D 73 -5.12 16.40 20.08
C GLY D 73 -5.76 16.87 18.78
N ILE D 74 -6.11 18.16 18.69
CA ILE D 74 -6.66 18.73 17.44
C ILE D 74 -5.66 18.52 16.31
N ALA D 75 -4.40 18.91 16.55
CA ALA D 75 -3.39 18.84 15.52
C ALA D 75 -3.11 17.40 15.08
N ALA D 76 -3.12 16.48 16.04
CA ALA D 76 -2.80 15.09 15.76
C ALA D 76 -4.01 14.30 15.26
N GLY D 77 -5.21 14.83 15.44
CA GLY D 77 -6.45 14.16 15.04
C GLY D 77 -6.91 13.15 16.07
N THR D 78 -6.31 13.19 17.26
CA THR D 78 -6.52 12.15 18.27
C THR D 78 -7.27 12.65 19.51
N LEU D 79 -7.69 13.92 19.53
CA LEU D 79 -8.53 14.42 20.61
C LEU D 79 -9.71 13.47 20.82
N ASP D 80 -9.88 13.03 22.07
CA ASP D 80 -11.03 12.19 22.46
C ASP D 80 -12.34 12.90 22.13
N PRO D 81 -13.16 12.30 21.25
CA PRO D 81 -14.43 12.93 20.85
C PRO D 81 -15.35 13.31 22.02
N ASN D 82 -15.22 12.57 23.13
CA ASN D 82 -15.95 12.88 24.37
C ASN D 82 -15.46 14.18 24.98
N ALA D 83 -14.15 14.45 24.88
CA ALA D 83 -13.60 15.73 25.37
C ALA D 83 -14.04 16.86 24.46
N TYR D 84 -13.95 16.63 23.15
CA TYR D 84 -14.40 17.62 22.17
C TYR D 84 -15.87 18.03 22.47
N GLY D 85 -16.72 17.02 22.62
CA GLY D 85 -18.16 17.27 22.79
C GLY D 85 -18.53 17.89 24.14
N SER D 86 -17.90 17.38 25.19
CA SER D 86 -18.08 17.89 26.53
C SER D 86 -17.73 19.39 26.59
N LEU D 87 -16.66 19.79 25.91
CA LEU D 87 -16.30 21.20 25.88
C LEU D 87 -17.28 22.00 25.02
N MSE D 88 -17.73 21.40 23.92
CA MSE D 88 -18.66 22.11 23.05
C MSE D 88 -19.93 22.51 23.78
O MSE D 88 -20.44 23.59 23.57
CB MSE D 88 -19.04 21.25 21.86
CG MSE D 88 -19.88 22.02 20.88
SE MSE D 88 -18.72 23.23 19.86
CE MSE D 88 -18.33 24.79 20.93
N VAL D 89 -20.46 21.60 24.59
CA VAL D 89 -21.66 21.88 25.39
C VAL D 89 -21.42 23.04 26.36
N GLN D 90 -20.24 23.05 26.99
CA GLN D 90 -19.86 24.15 27.87
C GLN D 90 -19.63 25.44 27.11
N ASP D 91 -19.13 25.38 25.88
CA ASP D 91 -19.04 26.58 25.05
C ASP D 91 -20.38 27.13 24.67
N GLY D 92 -21.36 26.24 24.50
CA GLY D 92 -22.72 26.66 24.31
C GLY D 92 -23.20 27.51 25.48
N TYR D 93 -23.05 26.98 26.69
CA TYR D 93 -23.38 27.71 27.93
C TYR D 93 -22.74 29.10 27.93
N TYR D 94 -21.44 29.12 27.64
CA TYR D 94 -20.64 30.34 27.62
C TYR D 94 -21.19 31.34 26.62
N CYS D 95 -21.57 30.86 25.44
CA CYS D 95 -22.04 31.76 24.40
C CYS D 95 -23.45 32.26 24.63
N PHE D 96 -24.30 31.42 25.22
CA PHE D 96 -25.64 31.85 25.61
C PHE D 96 -25.54 32.97 26.61
N ARG D 97 -24.68 32.80 27.62
CA ARG D 97 -24.48 33.83 28.61
C ARG D 97 -23.77 35.06 28.02
N GLY D 98 -22.85 34.84 27.08
CA GLY D 98 -22.15 35.96 26.41
C GLY D 98 -23.09 36.88 25.68
N ARG D 99 -24.06 36.27 25.00
CA ARG D 99 -25.10 37.03 24.34
C ARG D 99 -25.88 37.93 25.34
N ASP D 100 -26.25 37.35 26.47
CA ASP D 100 -26.93 38.08 27.55
C ASP D 100 -26.07 39.19 28.12
N ASP D 101 -24.76 38.95 28.21
CA ASP D 101 -23.85 40.00 28.70
C ASP D 101 -23.84 41.19 27.77
N TYR D 102 -23.80 40.94 26.47
CA TYR D 102 -23.85 42.04 25.51
C TYR D 102 -25.16 42.80 25.58
N ALA D 103 -26.26 42.10 25.79
CA ALA D 103 -27.55 42.76 25.93
C ALA D 103 -27.58 43.61 27.21
N THR D 104 -27.02 43.10 28.30
CA THR D 104 -26.85 43.86 29.56
C THR D 104 -26.02 45.13 29.34
N ALA D 105 -24.90 44.98 28.64
CA ALA D 105 -23.98 46.08 28.36
C ALA D 105 -24.65 47.14 27.47
N ALA D 106 -25.45 46.69 26.51
CA ALA D 106 -26.19 47.63 25.66
C ALA D 106 -27.22 48.43 26.44
N THR D 107 -27.91 47.75 27.32
CA THR D 107 -28.97 48.35 28.07
C THR D 107 -28.41 49.44 28.96
N CYS D 108 -27.28 49.20 29.60
CA CYS D 108 -26.75 50.22 30.51
C CYS D 108 -25.65 51.05 29.90
N ALA D 109 -25.51 51.00 28.59
CA ALA D 109 -24.44 51.69 27.89
C ALA D 109 -24.49 53.17 28.09
N GLN D 110 -23.32 53.65 28.53
CA GLN D 110 -22.75 54.97 28.34
C GLN D 110 -23.47 55.84 27.33
N ASP D 111 -23.04 55.67 26.08
CA ASP D 111 -23.47 56.46 25.04
C ASP D 111 -24.06 55.56 23.99
N GLU D 112 -24.60 56.21 22.99
CA GLU D 112 -25.45 55.59 22.04
C GLU D 112 -24.67 54.75 21.04
N THR D 113 -23.42 55.10 20.79
CA THR D 113 -22.60 54.33 19.90
C THR D 113 -22.33 52.95 20.50
N LEU D 114 -21.96 52.91 21.78
CA LEU D 114 -21.75 51.63 22.45
C LEU D 114 -23.06 50.83 22.63
N ARG D 115 -24.17 51.54 22.87
CA ARG D 115 -25.47 50.89 22.93
C ARG D 115 -25.71 50.11 21.65
N GLU D 116 -25.48 50.75 20.52
CA GLU D 116 -25.70 50.16 19.21
C GLU D 116 -24.72 49.06 18.91
N PHE D 117 -23.47 49.29 19.32
CA PHE D 117 -22.44 48.28 19.10
C PHE D 117 -22.78 47.00 19.87
N PHE D 118 -23.07 47.15 21.16
CA PHE D 118 -23.33 45.98 21.99
C PHE D 118 -24.61 45.24 21.57
N LYS D 119 -25.64 45.98 21.16
CA LYS D 119 -26.85 45.39 20.61
C LYS D 119 -26.51 44.57 19.36
N ALA D 120 -25.68 45.13 18.49
CA ALA D 120 -25.31 44.42 17.28
C ALA D 120 -24.47 43.17 17.60
N LYS D 121 -23.60 43.25 18.60
CA LYS D 121 -22.86 42.08 19.04
C LYS D 121 -23.77 40.97 19.61
N ALA D 122 -24.78 41.38 20.39
CA ALA D 122 -25.72 40.41 20.95
C ALA D 122 -26.41 39.64 19.78
N LYS D 123 -26.77 40.38 18.73
CA LYS D 123 -27.38 39.80 17.56
C LYS D 123 -26.43 38.84 16.82
N SER D 124 -25.17 39.22 16.71
CA SER D 124 -24.18 38.33 16.14
C SER D 124 -24.02 37.03 16.94
N TYR D 125 -24.07 37.13 18.27
CA TYR D 125 -24.08 35.93 19.12
C TYR D 125 -25.34 35.09 18.88
N ASP D 126 -26.53 35.70 18.82
CA ASP D 126 -27.75 34.96 18.48
C ASP D 126 -27.65 34.15 17.20
N GLU D 127 -27.08 34.77 16.17
CA GLU D 127 -26.87 34.07 14.90
C GLU D 127 -25.93 32.91 15.05
N TYR D 128 -24.78 33.13 15.69
CA TYR D 128 -23.86 32.04 15.94
C TYR D 128 -24.47 30.93 16.81
N ASN D 129 -25.23 31.33 17.82
CA ASN D 129 -25.77 30.37 18.78
C ASN D 129 -26.79 29.39 18.22
N GLU D 130 -27.30 29.67 17.02
CA GLU D 130 -28.14 28.70 16.31
C GLU D 130 -27.45 27.34 16.19
N THR D 131 -26.14 27.31 16.09
CA THR D 131 -25.41 26.05 16.07
C THR D 131 -25.60 25.20 17.34
N TYR D 132 -25.64 25.85 18.50
CA TYR D 132 -25.82 25.19 19.75
C TYR D 132 -27.23 24.71 19.92
N HIS D 133 -28.20 25.52 19.48
CA HIS D 133 -29.61 25.14 19.52
C HIS D 133 -29.99 24.01 18.56
N GLN D 134 -29.45 24.06 17.36
CA GLN D 134 -29.85 23.15 16.30
C GLN D 134 -28.95 21.93 16.17
N THR D 135 -27.66 22.12 16.00
CA THR D 135 -26.78 20.98 15.85
C THR D 135 -26.54 20.28 17.18
N TRP D 136 -26.34 21.04 18.26
CA TRP D 136 -26.03 20.48 19.57
C TRP D 136 -27.22 20.30 20.49
N HIS D 137 -28.41 20.72 20.05
CA HIS D 137 -29.64 20.43 20.78
C HIS D 137 -29.69 20.98 22.18
N LEU D 138 -29.03 22.11 22.38
CA LEU D 138 -29.03 22.79 23.68
C LEU D 138 -30.06 23.92 23.70
N ARG D 139 -30.96 23.90 24.67
CA ARG D 139 -32.05 24.85 24.73
C ARG D 139 -31.63 26.21 25.27
N GLU D 140 -30.87 26.22 26.36
CA GLU D 140 -30.55 27.44 27.10
C GLU D 140 -29.56 27.13 28.20
N ALA D 141 -28.94 28.16 28.75
CA ALA D 141 -27.86 27.98 29.73
C ALA D 141 -28.30 27.25 30.98
N SER D 142 -29.53 27.55 31.41
CA SER D 142 -30.06 26.98 32.64
C SER D 142 -30.24 25.47 32.52
N GLY D 143 -30.30 24.96 31.31
CA GLY D 143 -30.38 23.53 31.12
C GLY D 143 -29.06 22.79 31.13
N LEU D 144 -27.96 23.51 31.33
CA LEU D 144 -26.65 22.92 31.33
C LEU D 144 -26.07 23.05 32.72
N ILE D 145 -25.13 22.16 33.06
CA ILE D 145 -24.37 22.25 34.30
C ILE D 145 -22.96 22.57 33.96
N PRO D 146 -22.56 23.85 34.06
CA PRO D 146 -21.24 24.21 33.55
C PRO D 146 -20.15 23.59 34.46
N GLY D 147 -18.99 23.27 33.92
CA GLY D 147 -17.84 23.03 34.73
C GLY D 147 -17.44 24.35 35.43
N THR D 148 -16.61 24.20 36.45
CA THR D 148 -16.17 25.29 37.30
C THR D 148 -15.46 26.40 36.57
N ASP D 149 -14.55 26.04 35.68
CA ASP D 149 -13.80 27.04 34.96
C ASP D 149 -14.68 27.87 34.02
N ILE D 150 -15.54 27.23 33.27
CA ILE D 150 -16.41 27.97 32.36
C ILE D 150 -17.42 28.81 33.16
N LYS D 151 -17.96 28.27 34.25
CA LYS D 151 -18.86 29.02 35.13
C LYS D 151 -18.16 30.27 35.69
N ASP D 152 -16.94 30.11 36.22
CA ASP D 152 -16.17 31.24 36.75
C ASP D 152 -15.86 32.30 35.68
N TYR D 153 -15.52 31.84 34.47
CA TYR D 153 -15.26 32.73 33.32
C TYR D 153 -16.51 33.51 32.92
N ALA D 154 -17.61 32.80 32.75
CA ALA D 154 -18.90 33.47 32.43
C ALA D 154 -19.32 34.46 33.52
N ASP D 155 -19.15 34.04 34.76
CA ASP D 155 -19.48 34.91 35.90
C ASP D 155 -18.66 36.18 35.84
N TYR D 156 -17.39 36.05 35.47
CA TYR D 156 -16.50 37.22 35.36
C TYR D 156 -16.95 38.19 34.25
N GLU D 157 -17.31 37.66 33.09
CA GLU D 157 -17.82 38.50 32.03
C GLU D 157 -19.12 39.19 32.41
N ALA D 158 -20.00 38.51 33.14
CA ALA D 158 -21.25 39.11 33.63
C ALA D 158 -20.99 40.23 34.60
N TYR D 159 -19.97 40.05 35.43
CA TYR D 159 -19.51 41.09 36.36
C TYR D 159 -19.00 42.33 35.61
N VAL D 160 -18.16 42.13 34.62
CA VAL D 160 -17.69 43.24 33.82
C VAL D 160 -18.87 43.98 33.15
N ALA D 161 -19.76 43.22 32.50
CA ALA D 161 -20.89 43.82 31.76
C ALA D 161 -21.81 44.68 32.64
N GLY D 162 -22.05 44.19 33.85
CA GLY D 162 -23.03 44.80 34.75
C GLY D 162 -22.46 45.77 35.78
N SER D 163 -21.16 45.70 36.04
CA SER D 163 -20.56 46.48 37.11
C SER D 163 -19.45 47.43 36.71
N LEU D 164 -18.85 47.28 35.53
CA LEU D 164 -17.77 48.17 35.12
C LEU D 164 -18.20 49.06 33.98
N ALA D 165 -17.42 50.12 33.72
CA ALA D 165 -17.72 51.04 32.64
C ALA D 165 -17.77 50.30 31.29
N SER D 166 -18.62 50.80 30.40
CA SER D 166 -18.92 50.15 29.11
C SER D 166 -17.74 49.66 28.28
N PRO D 167 -16.70 50.49 28.11
CA PRO D 167 -15.61 50.03 27.23
C PRO D 167 -14.87 48.79 27.74
N TYR D 168 -14.95 48.49 29.04
CA TYR D 168 -14.31 47.29 29.57
C TYR D 168 -14.97 46.01 29.02
N MSE D 169 -16.21 46.12 28.57
CA MSE D 169 -16.86 44.97 27.96
C MSE D 169 -16.16 44.57 26.66
O MSE D 169 -15.94 43.38 26.42
CB MSE D 169 -18.32 45.27 27.76
CG MSE D 169 -19.12 44.18 27.21
SE MSE D 169 -19.24 42.63 28.41
CE MSE D 169 -20.41 41.80 27.05
N CYS D 170 -15.70 45.55 25.88
CA CYS D 170 -14.85 45.25 24.73
C CYS D 170 -13.54 44.55 25.12
N VAL D 171 -12.97 44.92 26.26
CA VAL D 171 -11.74 44.33 26.70
C VAL D 171 -11.95 42.85 27.08
N VAL D 172 -12.96 42.55 27.88
CA VAL D 172 -13.10 41.21 28.45
C VAL D 172 -13.53 40.21 27.39
N MSE D 173 -14.26 40.66 26.37
CA MSE D 173 -14.75 39.77 25.31
C MSE D 173 -13.73 39.54 24.18
O MSE D 173 -13.89 38.63 23.36
CB MSE D 173 -16.06 40.31 24.72
CG MSE D 173 -17.20 40.46 25.70
SE MSE D 173 -17.63 38.87 26.78
CE MSE D 173 -18.30 37.67 25.37
N LEU D 174 -12.68 40.35 24.14
CA LEU D 174 -11.73 40.26 23.05
C LEU D 174 -10.95 38.91 22.99
N PRO D 175 -10.46 38.39 24.13
CA PRO D 175 -9.79 37.09 24.08
C PRO D 175 -10.53 35.97 23.37
N CYS D 176 -11.81 35.76 23.65
CA CYS D 176 -12.48 34.68 22.93
C CYS D 176 -12.60 34.96 21.43
N GLU D 177 -12.67 36.24 21.04
CA GLU D 177 -12.76 36.58 19.60
C GLU D 177 -11.45 36.51 18.84
N TYR D 178 -10.34 36.82 19.51
CA TYR D 178 -9.05 36.78 18.85
C TYR D 178 -8.27 35.47 19.09
N LEU D 179 -8.38 34.88 20.27
CA LEU D 179 -7.54 33.73 20.58
C LEU D 179 -7.81 32.56 19.69
N TRP D 180 -9.09 32.30 19.42
CA TRP D 180 -9.47 31.13 18.66
C TRP D 180 -8.95 31.16 17.18
N PRO D 181 -9.20 32.28 16.46
CA PRO D 181 -8.57 32.37 15.16
C PRO D 181 -7.07 32.32 15.18
N TRP D 182 -6.46 32.97 16.17
CA TRP D 182 -5.03 32.93 16.31
C TRP D 182 -4.54 31.49 16.49
N ILE D 183 -5.18 30.72 17.37
CA ILE D 183 -4.81 29.31 17.54
C ILE D 183 -4.98 28.55 16.22
N ALA D 184 -6.09 28.80 15.51
CA ALA D 184 -6.36 28.08 14.26
C ALA D 184 -5.36 28.39 13.20
N ASN D 185 -4.97 29.66 13.10
CA ASN D 185 -3.98 30.08 12.11
C ASN D 185 -2.57 29.52 12.46
N PHE D 186 -2.29 29.36 13.74
CA PHE D 186 -1.05 28.77 14.18
C PHE D 186 -1.01 27.28 13.80
N LEU D 187 -2.11 26.59 14.13
CA LEU D 187 -2.18 25.15 13.98
C LEU D 187 -2.49 24.67 12.57
N ASP D 188 -2.86 25.59 11.70
CA ASP D 188 -3.13 25.28 10.31
C ASP D 188 -2.01 24.40 9.68
N GLY D 189 -0.77 24.88 9.68
CA GLY D 189 0.32 24.10 9.09
C GLY D 189 0.78 22.90 9.89
N TYR D 190 0.19 22.67 11.05
CA TYR D 190 0.46 21.47 11.88
C TYR D 190 -0.65 20.44 11.82
N THR D 191 -1.73 20.74 11.11
CA THR D 191 -2.96 19.94 11.14
C THR D 191 -3.27 19.45 9.73
N PRO D 192 -2.96 18.18 9.45
CA PRO D 192 -3.18 17.70 8.07
C PRO D 192 -4.62 17.89 7.57
N THR D 193 -4.74 18.20 6.29
CA THR D 193 -6.03 18.51 5.71
C THR D 193 -6.97 17.31 5.73
N ASN D 194 -6.42 16.10 5.80
CA ASN D 194 -7.28 14.92 5.86
C ASN D 194 -7.55 14.42 7.30
N SER D 195 -7.16 15.17 8.32
CA SER D 195 -7.23 14.68 9.69
C SER D 195 -8.59 14.99 10.29
N LEU D 196 -8.94 14.30 11.36
CA LEU D 196 -10.33 14.29 11.80
C LEU D 196 -10.83 15.65 12.32
N TYR D 197 -9.93 16.41 12.93
CA TYR D 197 -10.32 17.69 13.49
C TYR D 197 -9.92 18.86 12.62
N ARG D 198 -9.57 18.60 11.38
CA ARG D 198 -9.20 19.70 10.44
C ARG D 198 -10.28 20.76 10.36
N PHE D 199 -11.54 20.35 10.48
CA PHE D 199 -12.66 21.29 10.45
C PHE D 199 -12.50 22.42 11.46
N TRP D 200 -11.83 22.15 12.59
CA TRP D 200 -11.65 23.18 13.62
C TRP D 200 -10.83 24.36 13.05
N ILE D 201 -9.80 24.02 12.27
CA ILE D 201 -8.97 25.05 11.63
C ILE D 201 -9.84 25.87 10.63
N GLU D 202 -10.62 25.16 9.83
CA GLU D 202 -11.44 25.79 8.81
C GLU D 202 -12.50 26.69 9.40
N TRP D 203 -13.11 26.26 10.51
CA TRP D 203 -14.18 27.05 11.13
C TRP D 203 -13.68 28.24 11.89
N ASN D 204 -12.47 28.18 12.43
CA ASN D 204 -11.95 29.24 13.29
C ASN D 204 -10.90 30.12 12.69
N GLY D 205 -10.24 29.64 11.64
CA GLY D 205 -9.13 30.37 11.08
C GLY D 205 -9.53 31.43 10.07
N GLY D 206 -8.52 32.03 9.47
CA GLY D 206 -8.69 33.17 8.60
C GLY D 206 -8.54 34.49 9.35
N THR D 207 -8.95 35.56 8.70
CA THR D 207 -8.79 36.90 9.21
C THR D 207 -9.74 37.11 10.35
N PRO D 208 -9.22 37.50 11.51
CA PRO D 208 -10.04 37.72 12.70
C PRO D 208 -10.75 39.11 12.68
N ASN D 209 -11.62 39.26 11.71
CA ASN D 209 -12.31 40.52 11.45
C ASN D 209 -13.15 40.98 12.64
N GLY D 210 -13.79 40.04 13.34
CA GLY D 210 -14.58 40.38 14.54
C GLY D 210 -13.72 41.02 15.63
N ALA D 211 -12.58 40.41 15.90
CA ALA D 211 -11.65 40.90 16.90
C ALA D 211 -11.14 42.27 16.51
N TYR D 212 -10.79 42.43 15.25
CA TYR D 212 -10.25 43.72 14.76
C TYR D 212 -11.28 44.81 14.89
N GLN D 213 -12.51 44.49 14.48
CA GLN D 213 -13.63 45.39 14.57
C GLN D 213 -13.83 45.88 16.02
N MSE D 214 -13.78 44.98 16.97
CA MSE D 214 -13.97 45.36 18.35
C MSE D 214 -12.76 46.09 18.89
O MSE D 214 -12.90 46.98 19.74
CB MSE D 214 -14.32 44.12 19.22
CG MSE D 214 -14.67 44.53 20.61
SE MSE D 214 -16.00 43.38 21.38
CE MSE D 214 -14.94 41.76 21.39
N GLY D 215 -11.57 45.70 18.45
CA GLY D 215 -10.35 46.48 18.72
C GLY D 215 -10.42 47.93 18.23
N ASN D 216 -10.99 48.11 17.04
CA ASN D 216 -11.15 49.44 16.48
C ASN D 216 -12.22 50.26 17.24
N MSE D 217 -13.26 49.59 17.73
CA MSE D 217 -14.27 50.26 18.56
C MSE D 217 -13.65 50.70 19.88
O MSE D 217 -13.79 51.83 20.31
CB MSE D 217 -15.45 49.31 18.83
CG MSE D 217 -16.53 49.93 19.68
SE MSE D 217 -17.49 51.39 18.75
CE MSE D 217 -18.49 50.57 17.50
N LEU D 218 -12.93 49.78 20.51
CA LEU D 218 -12.26 50.03 21.77
C LEU D 218 -11.31 51.19 21.73
N GLU D 219 -10.56 51.29 20.62
CA GLU D 219 -9.58 52.36 20.50
C GLU D 219 -10.20 53.74 20.64
N GLN D 220 -11.45 53.87 20.21
CA GLN D 220 -12.18 55.13 20.30
C GLN D 220 -12.56 55.54 21.73
N TYR D 221 -12.46 54.62 22.68
CA TYR D 221 -12.79 54.85 24.10
C TYR D 221 -11.56 54.70 25.01
N ARG D 222 -10.40 54.56 24.39
CA ARG D 222 -9.16 54.34 25.12
C ARG D 222 -8.87 55.40 26.18
N ASP D 223 -9.12 56.65 25.84
CA ASP D 223 -8.93 57.77 26.77
C ASP D 223 -9.93 57.77 27.95
N LYS D 224 -11.00 57.00 27.84
CA LYS D 224 -12.06 56.93 28.87
C LYS D 224 -11.84 55.76 29.83
N ILE D 225 -10.77 54.98 29.66
CA ILE D 225 -10.50 53.90 30.60
C ILE D 225 -9.09 53.90 31.13
N ASP D 226 -8.93 53.14 32.22
CA ASP D 226 -7.65 52.90 32.86
C ASP D 226 -7.02 51.70 32.18
N GLU D 227 -5.88 51.90 31.54
CA GLU D 227 -5.25 50.85 30.75
C GLU D 227 -4.67 49.73 31.60
N ASP D 228 -4.24 50.06 32.81
CA ASP D 228 -3.79 49.06 33.76
C ASP D 228 -4.93 48.11 34.13
N LYS D 229 -6.11 48.68 34.32
CA LYS D 229 -7.30 47.90 34.64
C LYS D 229 -7.67 47.02 33.42
N ALA D 230 -7.61 47.59 32.22
CA ALA D 230 -7.87 46.85 31.02
C ALA D 230 -6.94 45.66 30.86
N VAL D 231 -5.67 45.86 31.17
CA VAL D 231 -4.66 44.80 31.10
C VAL D 231 -5.03 43.67 32.06
N GLU D 232 -5.41 44.02 33.28
CA GLU D 232 -5.84 43.04 34.26
C GLU D 232 -7.07 42.24 33.81
N ILE D 233 -8.05 42.94 33.27
CA ILE D 233 -9.27 42.29 32.80
C ILE D 233 -8.98 41.35 31.66
N PHE D 234 -8.22 41.81 30.69
CA PHE D 234 -7.87 41.02 29.50
C PHE D 234 -7.08 39.78 29.91
N ASN D 235 -6.11 39.96 30.80
CA ASN D 235 -5.28 38.86 31.27
C ASN D 235 -6.06 37.79 32.05
N THR D 236 -7.03 38.22 32.83
CA THR D 236 -7.95 37.33 33.55
C THR D 236 -8.73 36.49 32.60
N ALA D 237 -9.29 37.12 31.59
CA ALA D 237 -10.04 36.38 30.57
C ALA D 237 -9.13 35.40 29.80
N MSE D 238 -7.93 35.87 29.41
CA MSE D 238 -6.98 34.95 28.74
C MSE D 238 -6.65 33.75 29.60
O MSE D 238 -6.58 32.61 29.13
CB MSE D 238 -5.69 35.70 28.36
CG MSE D 238 -5.88 36.63 27.20
SE MSE D 238 -6.03 35.60 25.52
CE MSE D 238 -4.23 34.71 25.59
N ASN D 239 -6.44 33.99 30.88
CA ASN D 239 -6.12 32.91 31.78
C ASN D 239 -7.30 31.96 31.97
N TYR D 240 -8.53 32.47 31.93
CA TYR D 240 -9.71 31.58 31.93
C TYR D 240 -9.74 30.71 30.67
N GLU D 241 -9.41 31.26 29.52
CA GLU D 241 -9.35 30.45 28.31
C GLU D 241 -8.38 29.28 28.52
N LEU D 242 -7.19 29.57 29.04
CA LEU D 242 -6.21 28.53 29.32
C LEU D 242 -6.76 27.51 30.30
N LYS D 243 -7.42 27.98 31.35
CA LYS D 243 -7.94 27.04 32.37
C LYS D 243 -9.00 26.12 31.76
N VAL D 244 -9.90 26.71 30.99
CA VAL D 244 -10.93 25.94 30.29
C VAL D 244 -10.34 24.89 29.34
N PHE D 245 -9.40 25.28 28.50
CA PHE D 245 -8.81 24.31 27.57
C PHE D 245 -8.00 23.24 28.30
N THR D 246 -7.32 23.62 29.38
CA THR D 246 -6.58 22.68 30.21
C THR D 246 -7.51 21.64 30.83
N SER D 247 -8.64 22.10 31.39
CA SER D 247 -9.49 21.17 32.12
C SER D 247 -10.36 20.33 31.20
N SER D 248 -10.48 20.72 29.93
CA SER D 248 -11.36 20.07 28.96
C SER D 248 -11.08 18.59 28.71
N THR D 249 -9.83 18.20 28.87
CA THR D 249 -9.39 16.85 28.58
C THR D 249 -9.19 16.01 29.85
N ILE D 250 -9.53 16.58 31.00
CA ILE D 250 -9.53 15.82 32.24
C ILE D 250 -10.98 15.38 32.51
N LEU D 251 -11.30 14.14 32.13
CA LEU D 251 -12.69 13.59 32.20
C LEU D 251 -12.81 12.59 33.35
N ARG E 22 26.26 15.14 21.38
CA ARG E 22 24.91 15.20 20.70
C ARG E 22 23.96 16.16 21.44
N LYS E 23 23.75 15.99 22.78
CA LYS E 23 22.93 16.94 23.57
C LYS E 23 23.40 18.35 23.34
N ARG E 24 22.54 19.19 22.80
CA ARG E 24 22.97 20.51 22.43
C ARG E 24 22.91 21.39 23.68
N THR E 25 24.09 21.63 24.27
CA THR E 25 24.21 22.56 25.39
C THR E 25 25.55 23.25 25.33
N PHE E 26 25.57 24.49 25.78
CA PHE E 26 26.77 25.27 25.92
C PHE E 26 26.95 25.73 27.34
N ALA E 27 26.23 25.09 28.25
CA ALA E 27 26.36 25.37 29.67
C ALA E 27 27.80 25.11 30.12
N ILE E 28 28.22 25.85 31.13
CA ILE E 28 29.46 25.57 31.79
C ILE E 28 29.12 24.51 32.82
N PRO E 29 29.76 23.34 32.74
CA PRO E 29 29.47 22.28 33.69
C PRO E 29 30.10 22.54 35.05
N ALA E 30 29.60 21.81 36.04
CA ALA E 30 29.96 22.00 37.43
C ALA E 30 31.46 21.91 37.65
N SER E 31 32.09 21.00 36.93
CA SER E 31 33.54 20.82 37.04
C SER E 31 34.35 22.03 36.60
N ARG E 32 33.75 22.93 35.80
CA ARG E 32 34.47 24.12 35.33
C ARG E 32 33.96 25.42 35.95
N LEU E 33 33.10 25.29 36.96
CA LEU E 33 32.63 26.41 37.77
C LEU E 33 33.64 26.64 38.88
N THR E 34 34.76 27.18 38.51
CA THR E 34 35.91 27.32 39.38
C THR E 34 36.27 28.79 39.42
N GLY E 35 37.16 29.16 40.33
CA GLY E 35 37.58 30.56 40.44
C GLY E 35 36.40 31.47 40.72
N ARG E 36 36.32 32.56 39.96
CA ARG E 36 35.26 33.55 40.13
C ARG E 36 33.89 32.99 39.76
N LEU E 37 33.85 31.88 39.06
CA LEU E 37 32.57 31.25 38.63
C LEU E 37 32.00 30.24 39.61
N THR E 38 32.71 30.03 40.71
CA THR E 38 32.33 29.03 41.71
C THR E 38 30.87 29.10 42.13
N THR E 39 30.35 30.31 42.36
CA THR E 39 28.98 30.49 42.86
C THR E 39 27.95 30.83 41.77
N LEU E 40 28.34 30.78 40.50
CA LEU E 40 27.38 31.01 39.40
C LEU E 40 26.37 29.88 39.34
N LYS E 41 25.08 30.28 39.33
CA LYS E 41 23.95 29.37 39.39
C LYS E 41 23.24 29.24 38.04
N SER E 42 22.54 28.14 37.89
CA SER E 42 21.79 27.79 36.71
C SER E 42 20.31 27.73 36.96
N ASP E 43 19.84 28.21 38.10
CA ASP E 43 18.41 28.20 38.33
C ASP E 43 17.68 29.29 37.52
N VAL E 44 16.37 29.13 37.42
CA VAL E 44 15.55 29.98 36.60
C VAL E 44 15.76 31.42 37.08
N PRO E 45 16.09 32.34 36.17
CA PRO E 45 16.18 33.73 36.60
C PRO E 45 14.87 34.25 37.17
N ALA E 46 14.97 35.20 38.08
CA ALA E 46 13.80 35.78 38.71
C ALA E 46 12.94 36.53 37.70
N ALA E 47 11.66 36.61 37.99
CA ALA E 47 10.69 37.16 37.06
C ALA E 47 11.00 38.59 36.65
N ASP E 48 11.63 39.35 37.54
CA ASP E 48 11.99 40.74 37.23
C ASP E 48 13.40 40.87 36.60
N SER E 49 14.02 39.75 36.22
CA SER E 49 15.34 39.76 35.62
C SER E 49 15.34 40.33 34.19
N LEU E 50 16.50 40.81 33.78
CA LEU E 50 16.68 41.25 32.41
C LEU E 50 16.47 40.11 31.44
N PHE E 51 16.93 38.92 31.81
CA PHE E 51 16.69 37.71 31.04
C PHE E 51 15.21 37.60 30.58
N TRP E 52 14.26 37.63 31.51
CA TRP E 52 12.85 37.48 31.15
C TRP E 52 12.32 38.69 30.43
N LYS E 53 12.81 39.86 30.78
CA LYS E 53 12.41 41.07 30.10
C LYS E 53 12.78 40.97 28.61
N LEU E 54 13.99 40.47 28.32
CA LEU E 54 14.43 40.30 26.93
C LEU E 54 13.58 39.24 26.20
N TRP E 55 13.46 38.07 26.79
CA TRP E 55 12.70 37.02 26.16
C TRP E 55 11.25 37.40 25.91
N ASN E 56 10.62 37.99 26.91
CA ASN E 56 9.22 38.36 26.79
C ASN E 56 8.96 39.36 25.71
N GLY E 57 9.89 40.30 25.52
CA GLY E 57 9.78 41.27 24.45
C GLY E 57 9.90 40.72 23.03
N SER E 58 10.45 39.53 22.87
CA SER E 58 10.65 38.95 21.53
C SER E 58 9.79 37.70 21.27
N LEU E 59 8.83 37.44 22.16
CA LEU E 59 8.04 36.23 22.08
C LEU E 59 7.26 36.10 20.74
N ASP E 60 6.79 37.21 20.19
CA ASP E 60 6.15 37.17 18.87
C ASP E 60 7.09 36.59 17.80
N THR E 61 8.39 36.91 17.90
CA THR E 61 9.35 36.39 16.94
C THR E 61 9.53 34.89 17.17
N ALA E 62 9.62 34.46 18.42
CA ALA E 62 9.71 33.03 18.71
C ALA E 62 8.52 32.24 18.14
N VAL E 63 7.33 32.77 18.29
CA VAL E 63 6.14 32.16 17.71
C VAL E 63 6.26 32.06 16.20
N GLN E 64 6.81 33.10 15.55
CA GLN E 64 7.03 33.01 14.10
C GLN E 64 8.05 31.95 13.69
N VAL E 65 9.05 31.71 14.53
CA VAL E 65 9.95 30.60 14.29
C VAL E 65 9.18 29.27 14.24
N LEU E 66 8.23 29.07 15.16
CA LEU E 66 7.37 27.88 15.12
C LEU E 66 6.53 27.77 13.87
N GLN E 67 6.34 28.90 13.19
CA GLN E 67 5.49 28.90 11.99
C GLN E 67 6.25 28.65 10.70
N THR E 68 7.57 28.49 10.80
CA THR E 68 8.39 28.18 9.63
C THR E 68 8.11 26.78 9.12
N ASP E 69 8.33 26.61 7.82
CA ASP E 69 8.34 25.31 7.20
C ASP E 69 9.34 24.37 7.84
N TYR E 70 10.47 24.87 8.31
CA TYR E 70 11.44 24.02 8.99
C TYR E 70 10.77 23.25 10.15
N PHE E 71 10.12 23.98 11.05
CA PHE E 71 9.58 23.33 12.26
C PHE E 71 8.29 22.58 12.03
N LYS E 72 7.52 23.01 11.04
CA LYS E 72 6.38 22.23 10.60
C LYS E 72 6.86 20.90 10.08
N GLY E 73 8.03 20.90 9.43
CA GLY E 73 8.64 19.68 8.91
C GLY E 73 9.19 18.80 9.99
N ILE E 74 9.79 19.39 11.03
CA ILE E 74 10.28 18.60 12.15
C ILE E 74 9.08 17.84 12.78
N ALA E 75 8.02 18.56 13.09
CA ALA E 75 6.90 18.00 13.83
C ALA E 75 6.22 16.91 13.03
N ALA E 76 6.11 17.12 11.72
CA ALA E 76 5.46 16.17 10.84
C ALA E 76 6.38 15.03 10.39
N GLY E 77 7.69 15.14 10.64
CA GLY E 77 8.64 14.14 10.18
C GLY E 77 8.93 14.23 8.67
N THR E 78 8.55 15.34 8.06
CA THR E 78 8.67 15.45 6.60
C THR E 78 9.67 16.56 6.16
N LEU E 79 10.41 17.17 7.08
CA LEU E 79 11.43 18.10 6.68
C LEU E 79 12.38 17.40 5.67
N ASP E 80 12.61 18.07 4.54
CA ASP E 80 13.56 17.64 3.53
C ASP E 80 14.95 17.46 4.16
N PRO E 81 15.50 16.24 4.07
CA PRO E 81 16.80 15.96 4.68
C PRO E 81 17.90 16.86 4.13
N ASN E 82 17.74 17.31 2.89
CA ASN E 82 18.66 18.28 2.32
C ASN E 82 18.59 19.64 3.02
N ALA E 83 17.40 20.06 3.41
CA ALA E 83 17.24 21.28 4.19
C ALA E 83 17.84 21.10 5.59
N TYR E 84 17.56 19.97 6.21
CA TYR E 84 18.12 19.68 7.54
C TYR E 84 19.64 19.75 7.52
N GLY E 85 20.24 19.10 6.53
CA GLY E 85 21.69 18.99 6.44
C GLY E 85 22.39 20.28 6.06
N SER E 86 21.85 20.95 5.07
CA SER E 86 22.36 22.24 4.64
C SER E 86 22.34 23.25 5.82
N LEU E 87 21.29 23.25 6.64
CA LEU E 87 21.26 24.14 7.79
C LEU E 87 22.27 23.68 8.86
N MSE E 88 22.40 22.38 9.04
CA MSE E 88 23.35 21.91 10.01
C MSE E 88 24.80 22.39 9.70
O MSE E 88 25.53 22.82 10.60
CB MSE E 88 23.30 20.39 10.12
CG MSE E 88 24.17 19.86 11.25
SE MSE E 88 23.40 20.20 13.01
CE MSE E 88 23.50 22.02 13.34
N VAL E 89 25.19 22.33 8.44
CA VAL E 89 26.53 22.78 8.03
C VAL E 89 26.72 24.23 8.37
N GLN E 90 25.69 25.03 8.11
CA GLN E 90 25.72 26.44 8.43
C GLN E 90 25.76 26.73 9.92
N ASP E 91 25.06 25.90 10.69
CA ASP E 91 25.17 25.99 12.12
C ASP E 91 26.56 25.63 12.63
N GLY E 92 27.24 24.74 11.93
CA GLY E 92 28.63 24.49 12.22
C GLY E 92 29.45 25.76 12.05
N TYR E 93 29.33 26.41 10.89
CA TYR E 93 29.96 27.71 10.66
C TYR E 93 29.67 28.67 11.82
N TYR E 94 28.39 28.79 12.17
CA TYR E 94 27.95 29.70 13.22
C TYR E 94 28.60 29.38 14.57
N CYS E 95 28.63 28.10 14.93
CA CYS E 95 29.22 27.68 16.21
C CYS E 95 30.73 27.80 16.27
N PHE E 96 31.40 27.53 15.14
CA PHE E 96 32.83 27.73 15.05
C PHE E 96 33.14 29.20 15.34
N ARG E 97 32.40 30.08 14.68
CA ARG E 97 32.59 31.51 14.87
C ARG E 97 32.21 31.97 16.26
N GLY E 98 31.16 31.40 16.81
CA GLY E 98 30.68 31.73 18.17
C GLY E 98 31.75 31.48 19.23
N ARG E 99 32.44 30.37 19.06
CA ARG E 99 33.53 30.03 19.92
C ARG E 99 34.62 31.10 19.85
N ASP E 100 34.98 31.53 18.62
CA ASP E 100 35.94 32.62 18.46
C ASP E 100 35.45 33.91 19.07
N ASP E 101 34.14 34.15 18.98
CA ASP E 101 33.55 35.38 19.56
C ASP E 101 33.67 35.39 21.06
N TYR E 102 33.49 34.26 21.71
CA TYR E 102 33.72 34.21 23.15
C TYR E 102 35.18 34.40 23.51
N ALA E 103 36.09 33.84 22.70
CA ALA E 103 37.52 34.08 22.94
C ALA E 103 37.87 35.55 22.81
N THR E 104 37.31 36.20 21.81
CA THR E 104 37.49 37.63 21.61
C THR E 104 36.90 38.40 22.79
N ALA E 105 35.71 38.02 23.24
CA ALA E 105 35.11 38.69 24.38
C ALA E 105 35.96 38.57 25.64
N ALA E 106 36.57 37.39 25.85
CA ALA E 106 37.45 37.16 27.01
C ALA E 106 38.66 38.14 26.97
N THR E 107 39.24 38.28 25.78
CA THR E 107 40.36 39.15 25.52
C THR E 107 40.00 40.61 25.75
N CYS E 108 38.77 40.98 25.43
CA CYS E 108 38.37 42.36 25.64
C CYS E 108 37.75 42.58 26.99
N ALA E 109 37.70 41.58 27.86
CA ALA E 109 36.82 41.67 29.01
C ALA E 109 37.19 42.78 29.97
N GLN E 110 36.12 43.52 30.29
CA GLN E 110 35.99 44.48 31.36
C GLN E 110 36.70 43.99 32.64
N ASP E 111 36.27 42.85 33.15
CA ASP E 111 36.74 42.40 34.41
C ASP E 111 36.98 40.92 34.44
N GLU E 112 37.58 40.47 35.53
CA GLU E 112 38.13 39.11 35.62
C GLU E 112 37.04 38.05 35.65
N THR E 113 35.89 38.32 36.29
CA THR E 113 34.77 37.39 36.30
C THR E 113 34.25 37.13 34.89
N LEU E 114 34.01 38.18 34.13
CA LEU E 114 33.58 38.01 32.75
C LEU E 114 34.64 37.40 31.86
N ARG E 115 35.91 37.71 32.10
CA ARG E 115 36.97 37.05 31.38
C ARG E 115 36.87 35.54 31.59
N GLU E 116 36.72 35.12 32.82
CA GLU E 116 36.64 33.70 33.15
C GLU E 116 35.39 33.06 32.58
N PHE E 117 34.29 33.80 32.63
CA PHE E 117 33.00 33.31 32.10
C PHE E 117 33.14 33.06 30.61
N PHE E 118 33.65 34.05 29.88
CA PHE E 118 33.79 33.93 28.43
C PHE E 118 34.79 32.84 28.02
N LYS E 119 35.88 32.70 28.77
CA LYS E 119 36.82 31.59 28.53
C LYS E 119 36.15 30.25 28.71
N ALA E 120 35.33 30.12 29.75
CA ALA E 120 34.61 28.86 30.01
C ALA E 120 33.57 28.58 28.94
N LYS E 121 32.89 29.63 28.47
CA LYS E 121 31.92 29.47 27.39
C LYS E 121 32.59 29.03 26.09
N ALA E 122 33.76 29.58 25.78
CA ALA E 122 34.52 29.18 24.60
C ALA E 122 34.82 27.69 24.63
N LYS E 123 35.21 27.22 25.79
CA LYS E 123 35.48 25.79 25.98
C LYS E 123 34.22 24.97 25.85
N SER E 124 33.09 25.46 26.35
CA SER E 124 31.83 24.74 26.12
C SER E 124 31.49 24.61 24.64
N TYR E 125 31.74 25.68 23.88
CA TYR E 125 31.60 25.64 22.42
C TYR E 125 32.55 24.63 21.78
N ASP E 126 33.84 24.61 22.17
CA ASP E 126 34.76 23.62 21.65
C ASP E 126 34.26 22.22 21.87
N GLU E 127 33.73 21.97 23.05
CA GLU E 127 33.19 20.65 23.38
C GLU E 127 32.02 20.25 22.50
N TYR E 128 31.06 21.16 22.36
CA TYR E 128 29.95 20.90 21.47
C TYR E 128 30.38 20.76 20.02
N ASN E 129 31.35 21.59 19.60
CA ASN E 129 31.74 21.64 18.19
C ASN E 129 32.38 20.38 17.69
N GLU E 130 32.75 19.48 18.59
CA GLU E 130 33.27 18.15 18.16
C GLU E 130 32.22 17.43 17.28
N THR E 131 30.94 17.72 17.50
CA THR E 131 29.90 17.15 16.65
C THR E 131 30.05 17.54 15.16
N TYR E 132 30.44 18.79 14.93
CA TYR E 132 30.63 19.32 13.58
C TYR E 132 31.87 18.73 12.96
N HIS E 133 32.93 18.59 13.75
CA HIS E 133 34.18 18.02 13.24
C HIS E 133 34.02 16.54 12.89
N GLN E 134 33.37 15.82 13.78
CA GLN E 134 33.39 14.37 13.75
C GLN E 134 32.22 13.76 13.01
N THR E 135 31.02 14.14 13.38
CA THR E 135 29.86 13.65 12.67
C THR E 135 29.62 14.34 11.32
N TRP E 136 29.83 15.66 11.27
CA TRP E 136 29.57 16.42 10.05
C TRP E 136 30.81 16.70 9.21
N HIS E 137 31.99 16.27 9.65
CA HIS E 137 33.19 16.33 8.82
C HIS E 137 33.61 17.72 8.37
N LEU E 138 33.34 18.72 9.21
CA LEU E 138 33.65 20.11 8.95
C LEU E 138 34.90 20.45 9.68
N ARG E 139 35.90 20.99 8.98
CA ARG E 139 37.17 21.28 9.59
C ARG E 139 37.12 22.60 10.36
N GLU E 140 36.58 23.66 9.76
CA GLU E 140 36.65 25.00 10.34
C GLU E 140 35.75 25.90 9.51
N ALA E 141 35.47 27.10 10.01
CA ALA E 141 34.53 28.05 9.36
C ALA E 141 34.94 28.45 7.96
N SER E 142 36.25 28.61 7.76
CA SER E 142 36.80 29.07 6.47
C SER E 142 36.53 28.05 5.38
N GLY E 143 36.25 26.82 5.78
CA GLY E 143 35.93 25.76 4.82
C GLY E 143 34.49 25.67 4.42
N LEU E 144 33.69 26.61 4.91
CA LEU E 144 32.27 26.67 4.60
C LEU E 144 31.98 27.99 3.88
N ILE E 145 30.94 27.99 3.07
CA ILE E 145 30.43 29.19 2.42
C ILE E 145 29.04 29.46 3.04
N PRO E 146 29.00 30.39 3.99
CA PRO E 146 27.74 30.58 4.70
C PRO E 146 26.69 31.23 3.81
N GLY E 147 25.43 30.87 4.00
CA GLY E 147 24.37 31.65 3.44
C GLY E 147 24.34 33.06 4.06
N THR E 148 23.61 33.94 3.37
CA THR E 148 23.54 35.34 3.72
C THR E 148 23.07 35.59 5.15
N ASP E 149 22.01 34.89 5.54
CA ASP E 149 21.45 35.09 6.87
C ASP E 149 22.35 34.64 8.01
N ILE E 150 22.94 33.46 7.88
CA ILE E 150 23.89 33.00 8.89
C ILE E 150 25.17 33.86 8.90
N LYS E 151 25.65 34.28 7.75
CA LYS E 151 26.83 35.17 7.69
C LYS E 151 26.55 36.48 8.43
N ASP E 152 25.41 37.10 8.13
CA ASP E 152 25.03 38.36 8.75
C ASP E 152 24.88 38.20 10.26
N TYR E 153 24.24 37.12 10.68
CA TYR E 153 24.08 36.83 12.09
C TYR E 153 25.44 36.65 12.81
N ALA E 154 26.30 35.83 12.22
CA ALA E 154 27.64 35.65 12.78
C ALA E 154 28.46 36.95 12.76
N ASP E 155 28.31 37.75 11.71
CA ASP E 155 28.99 39.05 11.67
C ASP E 155 28.52 39.97 12.80
N TYR E 156 27.23 39.90 13.10
CA TYR E 156 26.66 40.75 14.16
C TYR E 156 27.18 40.37 15.54
N GLU E 157 27.26 39.07 15.80
CA GLU E 157 27.81 38.59 17.03
C GLU E 157 29.29 38.96 17.15
N ALA E 158 30.04 38.88 16.06
CA ALA E 158 31.44 39.31 16.10
C ALA E 158 31.58 40.78 16.41
N TYR E 159 30.68 41.57 15.85
CA TYR E 159 30.64 42.99 16.10
C TYR E 159 30.40 43.28 17.58
N VAL E 160 29.40 42.63 18.16
CA VAL E 160 29.09 42.81 19.56
C VAL E 160 30.31 42.43 20.41
N ALA E 161 30.89 41.27 20.13
CA ALA E 161 32.02 40.74 20.92
C ALA E 161 33.23 41.68 20.91
N GLY E 162 33.49 42.25 19.74
CA GLY E 162 34.72 43.02 19.52
C GLY E 162 34.59 44.51 19.72
N SER E 163 33.37 45.04 19.65
CA SER E 163 33.18 46.48 19.66
C SER E 163 32.28 47.00 20.77
N LEU E 164 31.55 46.17 21.47
CA LEU E 164 30.64 46.68 22.51
C LEU E 164 31.09 46.19 23.88
N ALA E 165 30.54 46.83 24.92
CA ALA E 165 30.92 46.48 26.30
C ALA E 165 30.55 45.01 26.60
N SER E 166 31.34 44.41 27.48
CA SER E 166 31.34 42.96 27.70
C SER E 166 30.00 42.33 27.98
N PRO E 167 29.20 42.95 28.86
CA PRO E 167 27.93 42.30 29.21
C PRO E 167 26.96 42.13 28.03
N TYR E 168 27.11 42.92 26.96
CA TYR E 168 26.28 42.77 25.77
C TYR E 168 26.51 41.45 25.05
N MSE E 169 27.66 40.85 25.26
CA MSE E 169 27.97 39.54 24.67
C MSE E 169 27.00 38.49 25.23
O MSE E 169 26.49 37.64 24.51
CB MSE E 169 29.40 39.19 24.99
CG MSE E 169 29.87 37.90 24.39
SE MSE E 169 29.76 37.85 22.42
CE MSE E 169 30.56 36.09 22.34
N CYS E 170 26.71 38.59 26.53
CA CYS E 170 25.67 37.71 27.14
C CYS E 170 24.29 37.96 26.54
N VAL E 171 24.00 39.19 26.17
CA VAL E 171 22.71 39.51 25.56
C VAL E 171 22.57 38.86 24.17
N VAL E 172 23.57 39.05 23.31
CA VAL E 172 23.46 38.64 21.92
C VAL E 172 23.48 37.14 21.77
N MSE E 173 24.14 36.44 22.68
CA MSE E 173 24.26 34.99 22.62
C MSE E 173 23.13 34.23 23.28
O MSE E 173 23.00 33.01 23.11
CB MSE E 173 25.58 34.57 23.26
CG MSE E 173 26.85 35.16 22.62
SE MSE E 173 26.97 34.90 20.68
CE MSE E 173 27.20 32.95 20.50
N LEU E 174 22.27 34.95 24.00
CA LEU E 174 21.19 34.29 24.71
C LEU E 174 20.14 33.67 23.78
N PRO E 175 19.70 34.38 22.73
CA PRO E 175 18.73 33.72 21.83
C PRO E 175 19.09 32.34 21.37
N CYS E 176 20.29 32.10 20.89
CA CYS E 176 20.57 30.76 20.43
C CYS E 176 20.59 29.71 21.58
N GLU E 177 20.89 30.13 22.82
CA GLU E 177 20.84 29.18 23.96
C GLU E 177 19.46 28.89 24.50
N TYR E 178 18.55 29.85 24.42
CA TYR E 178 17.23 29.68 24.96
C TYR E 178 16.20 29.27 23.91
N LEU E 179 16.29 29.85 22.71
CA LEU E 179 15.25 29.61 21.72
C LEU E 179 15.13 28.15 21.34
N TRP E 180 16.26 27.47 21.18
CA TRP E 180 16.23 26.13 20.71
C TRP E 180 15.59 25.16 21.67
N PRO E 181 15.97 25.19 22.94
CA PRO E 181 15.19 24.35 23.88
C PRO E 181 13.74 24.77 24.04
N TRP E 182 13.44 26.05 23.95
CA TRP E 182 12.08 26.51 24.04
C TRP E 182 11.26 25.91 22.88
N ILE E 183 11.83 25.91 21.67
CA ILE E 183 11.17 25.32 20.52
C ILE E 183 10.97 23.82 20.70
N ALA E 184 12.01 23.15 21.18
CA ALA E 184 11.92 21.69 21.39
C ALA E 184 10.89 21.33 22.43
N ASN E 185 10.86 22.09 23.51
CA ASN E 185 9.92 21.83 24.57
C ASN E 185 8.51 22.11 24.10
N PHE E 186 8.32 23.11 23.24
CA PHE E 186 7.00 23.39 22.66
C PHE E 186 6.56 22.24 21.75
N LEU E 187 7.46 21.80 20.88
CA LEU E 187 7.11 20.83 19.84
C LEU E 187 7.12 19.38 20.30
N ASP E 188 7.63 19.15 21.49
CA ASP E 188 7.64 17.82 22.08
C ASP E 188 6.28 17.13 21.92
N GLY E 189 5.20 17.74 22.39
CA GLY E 189 3.89 17.08 22.34
C GLY E 189 3.25 17.10 20.98
N TYR E 190 3.90 17.73 20.00
CA TYR E 190 3.44 17.77 18.63
C TYR E 190 4.25 16.83 17.73
N THR E 191 5.28 16.20 18.28
CA THR E 191 6.24 15.43 17.47
C THR E 191 6.24 13.96 17.95
N PRO E 192 5.58 13.05 17.19
CA PRO E 192 5.47 11.68 17.63
C PRO E 192 6.83 10.98 17.88
N THR E 193 6.84 10.19 18.95
CA THR E 193 8.07 9.59 19.44
C THR E 193 8.70 8.68 18.40
N ASN E 194 7.89 8.12 17.52
CA ASN E 194 8.42 7.28 16.45
C ASN E 194 8.67 8.03 15.14
N SER E 195 8.61 9.37 15.13
CA SER E 195 8.78 10.10 13.87
C SER E 195 10.26 10.37 13.56
N LEU E 196 10.54 10.72 12.33
CA LEU E 196 11.91 10.71 11.84
C LEU E 196 12.82 11.79 12.48
N TYR E 197 12.26 12.93 12.84
CA TYR E 197 13.04 14.02 13.43
C TYR E 197 12.77 14.17 14.92
N ARG E 198 12.22 13.13 15.53
CA ARG E 198 12.00 13.13 16.97
C ARG E 198 13.30 13.41 17.74
N PHE E 199 14.42 12.97 17.18
CA PHE E 199 15.76 13.23 17.75
C PHE E 199 16.02 14.71 18.01
N TRP E 200 15.44 15.59 17.20
CA TRP E 200 15.61 17.03 17.39
C TRP E 200 15.10 17.47 18.76
N ILE E 201 13.98 16.90 19.18
CA ILE E 201 13.33 17.23 20.44
C ILE E 201 14.24 16.75 21.58
N GLU E 202 14.70 15.53 21.46
CA GLU E 202 15.52 14.92 22.50
C GLU E 202 16.85 15.63 22.66
N TRP E 203 17.46 16.04 21.56
CA TRP E 203 18.75 16.68 21.63
C TRP E 203 18.72 18.12 22.08
N ASN E 204 17.62 18.83 21.87
CA ASN E 204 17.52 20.24 22.16
C ASN E 204 16.65 20.61 23.33
N GLY E 205 15.78 19.71 23.78
CA GLY E 205 14.79 20.00 24.83
C GLY E 205 15.34 19.73 26.21
N GLY E 206 14.49 19.90 27.20
CA GLY E 206 14.88 19.83 28.57
C GLY E 206 15.13 21.22 29.15
N THR E 207 15.66 21.23 30.35
CA THR E 207 15.88 22.44 31.10
C THR E 207 16.97 23.25 30.43
N PRO E 208 16.67 24.50 30.10
CA PRO E 208 17.65 25.36 29.44
C PRO E 208 18.68 25.95 30.42
N ASN E 209 19.47 25.06 31.01
CA ASN E 209 20.37 25.46 32.08
C ASN E 209 21.45 26.44 31.61
N GLY E 210 21.95 26.23 30.38
CA GLY E 210 22.94 27.11 29.82
C GLY E 210 22.44 28.55 29.69
N ALA E 211 21.21 28.68 29.21
CA ALA E 211 20.58 29.98 29.08
C ALA E 211 20.37 30.63 30.45
N TYR E 212 19.88 29.85 31.39
CA TYR E 212 19.61 30.37 32.73
C TYR E 212 20.90 30.86 33.35
N GLN E 213 21.94 30.05 33.24
CA GLN E 213 23.26 30.36 33.75
C GLN E 213 23.77 31.69 33.22
N MSE E 214 23.64 31.89 31.92
CA MSE E 214 24.07 33.14 31.33
C MSE E 214 23.15 34.31 31.71
O MSE E 214 23.60 35.43 31.88
CB MSE E 214 24.16 33.02 29.82
CG MSE E 214 24.76 34.29 29.17
SE MSE E 214 25.85 33.77 27.59
CE MSE E 214 24.39 33.12 26.53
N GLY E 215 21.85 34.04 31.82
CA GLY E 215 20.91 35.04 32.36
C GLY E 215 21.28 35.47 33.77
N ASN E 216 21.73 34.52 34.58
CA ASN E 216 22.15 34.82 35.96
C ASN E 216 23.47 35.58 35.99
N MSE E 217 24.35 35.31 35.05
CA MSE E 217 25.61 36.08 34.92
C MSE E 217 25.28 37.52 34.53
O MSE E 217 25.78 38.50 35.12
CB MSE E 217 26.51 35.42 33.85
CG MSE E 217 27.85 36.08 33.61
SE MSE E 217 29.00 36.18 35.22
CE MSE E 217 29.45 34.48 35.52
N LEU E 218 24.46 37.66 33.52
CA LEU E 218 24.05 38.95 32.99
C LEU E 218 23.35 39.84 34.05
N GLU E 219 22.53 39.24 34.91
CA GLU E 219 21.82 40.03 35.93
C GLU E 219 22.80 40.81 36.81
N GLN E 220 23.97 40.21 37.05
CA GLN E 220 24.99 40.81 37.87
C GLN E 220 25.61 42.06 37.23
N TYR E 221 25.44 42.28 35.92
CA TYR E 221 26.00 43.45 35.22
C TYR E 221 24.91 44.36 34.65
N ARG E 222 23.67 44.10 35.05
CA ARG E 222 22.51 44.81 34.57
C ARG E 222 22.63 46.34 34.73
N ASP E 223 23.16 46.77 35.88
CA ASP E 223 23.39 48.19 36.17
C ASP E 223 24.51 48.82 35.32
N LYS E 224 25.31 48.00 34.65
CA LYS E 224 26.42 48.48 33.84
C LYS E 224 26.04 48.65 32.38
N ILE E 225 24.80 48.32 32.01
CA ILE E 225 24.39 48.47 30.62
C ILE E 225 23.11 49.24 30.44
N ASP E 226 22.90 49.63 29.20
CA ASP E 226 21.72 50.33 28.76
C ASP E 226 20.72 49.26 28.31
N GLU E 227 19.60 49.18 29.03
CA GLU E 227 18.65 48.10 28.76
C GLU E 227 17.93 48.23 27.44
N ASP E 228 17.70 49.45 26.98
CA ASP E 228 17.17 49.66 25.65
C ASP E 228 18.10 49.15 24.58
N LYS E 229 19.40 49.35 24.75
CA LYS E 229 20.38 48.84 23.82
C LYS E 229 20.38 47.30 23.88
N ALA E 230 20.27 46.74 25.07
CA ALA E 230 20.19 45.31 25.25
C ALA E 230 19.00 44.72 24.49
N VAL E 231 17.85 45.41 24.59
CA VAL E 231 16.63 44.95 23.92
C VAL E 231 16.83 44.94 22.43
N GLU E 232 17.42 46.01 21.92
CA GLU E 232 17.74 46.11 20.52
C GLU E 232 18.65 44.96 20.05
N ILE E 233 19.70 44.68 20.81
CA ILE E 233 20.65 43.62 20.45
C ILE E 233 19.98 42.26 20.49
N PHE E 234 19.24 42.00 21.55
CA PHE E 234 18.55 40.72 21.70
C PHE E 234 17.54 40.48 20.57
N ASN E 235 16.76 41.50 20.24
CA ASN E 235 15.76 41.40 19.20
C ASN E 235 16.36 41.20 17.81
N THR E 236 17.51 41.81 17.58
CA THR E 236 18.26 41.59 16.34
C THR E 236 18.67 40.14 16.18
N ALA E 237 19.24 39.57 17.23
CA ALA E 237 19.63 38.16 17.23
C ALA E 237 18.42 37.24 17.03
N MSE E 238 17.34 37.52 17.75
CA MSE E 238 16.10 36.72 17.57
C MSE E 238 15.60 36.82 16.13
O MSE E 238 15.17 35.83 15.55
CB MSE E 238 14.97 37.19 18.50
CG MSE E 238 15.19 36.84 19.91
SE MSE E 238 14.89 34.88 20.26
CE MSE E 238 13.00 34.80 19.83
N ASN E 239 15.61 38.02 15.57
CA ASN E 239 15.21 38.15 14.19
C ASN E 239 16.13 37.41 13.21
N TYR E 240 17.43 37.37 13.50
CA TYR E 240 18.32 36.54 12.69
C TYR E 240 17.97 35.04 12.80
N GLU E 241 17.64 34.58 13.99
CA GLU E 241 17.19 33.18 14.15
C GLU E 241 15.96 32.88 13.22
N LEU E 242 15.00 33.77 13.23
CA LEU E 242 13.84 33.62 12.38
C LEU E 242 14.22 33.63 10.90
N LYS E 243 15.12 34.54 10.50
CA LYS E 243 15.53 34.62 9.08
C LYS E 243 16.25 33.34 8.63
N VAL E 244 17.13 32.86 9.50
CA VAL E 244 17.87 31.63 9.23
C VAL E 244 16.92 30.44 9.08
N PHE E 245 16.00 30.25 10.03
CA PHE E 245 15.07 29.13 9.91
C PHE E 245 14.14 29.28 8.69
N THR E 246 13.75 30.51 8.41
CA THR E 246 12.92 30.77 7.25
C THR E 246 13.63 30.38 5.94
N SER E 247 14.88 30.77 5.82
CA SER E 247 15.60 30.56 4.56
C SER E 247 16.10 29.14 4.41
N SER E 248 16.12 28.37 5.49
CA SER E 248 16.68 27.03 5.47
C SER E 248 15.98 26.06 4.51
N THR E 249 14.70 26.25 4.27
CA THR E 249 13.93 25.34 3.46
C THR E 249 13.70 25.87 2.07
N ILE E 250 14.30 27.01 1.75
CA ILE E 250 14.30 27.53 0.37
C ILE E 250 15.61 27.09 -0.29
N LEU E 251 15.56 26.01 -1.06
CA LEU E 251 16.77 25.41 -1.68
C LEU E 251 16.77 25.65 -3.19
N LYS F 23 20.12 17.11 -10.89
CA LYS F 23 20.43 15.78 -11.55
C LYS F 23 21.90 15.46 -11.46
N ARG F 24 22.23 14.33 -10.85
CA ARG F 24 23.61 13.97 -10.67
C ARG F 24 24.08 13.37 -12.02
N THR F 25 24.87 14.15 -12.74
CA THR F 25 25.54 13.67 -13.92
C THR F 25 26.90 14.34 -14.07
N PHE F 26 27.86 13.55 -14.58
CA PHE F 26 29.16 14.05 -14.91
C PHE F 26 29.44 13.88 -16.38
N ALA F 27 28.38 13.65 -17.17
CA ALA F 27 28.53 13.52 -18.61
C ALA F 27 29.11 14.80 -19.22
N ILE F 28 29.82 14.67 -20.33
CA ILE F 28 30.23 15.83 -21.12
C ILE F 28 29.04 16.13 -22.03
N PRO F 29 28.48 17.34 -21.92
CA PRO F 29 27.31 17.68 -22.69
C PRO F 29 27.68 17.92 -24.16
N ALA F 30 26.69 17.81 -25.03
CA ALA F 30 26.91 17.93 -26.48
C ALA F 30 27.65 19.20 -26.81
N SER F 31 27.34 20.30 -26.14
CA SER F 31 28.01 21.57 -26.46
C SER F 31 29.52 21.52 -26.21
N ARG F 32 29.99 20.58 -25.41
CA ARG F 32 31.42 20.53 -25.14
C ARG F 32 32.12 19.31 -25.78
N LEU F 33 31.40 18.60 -26.66
CA LEU F 33 31.97 17.52 -27.43
C LEU F 33 32.55 18.13 -28.70
N THR F 34 33.68 18.78 -28.52
CA THR F 34 34.35 19.52 -29.55
C THR F 34 35.71 18.91 -29.81
N GLY F 35 36.36 19.40 -30.85
CA GLY F 35 37.71 18.95 -31.18
C GLY F 35 37.76 17.44 -31.39
N ARG F 36 38.69 16.79 -30.70
CA ARG F 36 38.83 15.34 -30.78
C ARG F 36 37.64 14.56 -30.17
N LEU F 37 36.77 15.23 -29.40
CA LEU F 37 35.64 14.59 -28.74
C LEU F 37 34.37 14.65 -29.56
N THR F 38 34.42 15.32 -30.70
CA THR F 38 33.26 15.55 -31.54
C THR F 38 32.42 14.27 -31.78
N THR F 39 33.07 13.14 -32.05
CA THR F 39 32.35 11.90 -32.37
C THR F 39 32.11 10.97 -31.18
N LEU F 40 32.50 11.37 -29.98
CA LEU F 40 32.32 10.50 -28.81
C LEU F 40 30.82 10.30 -28.57
N LYS F 41 30.41 9.04 -28.47
CA LYS F 41 29.00 8.67 -28.27
C LYS F 41 28.69 8.25 -26.84
N SER F 42 27.40 8.36 -26.48
CA SER F 42 26.87 8.01 -25.17
C SER F 42 25.90 6.83 -25.24
N ASP F 43 25.91 6.10 -26.35
CA ASP F 43 25.08 4.92 -26.43
C ASP F 43 25.66 3.78 -25.61
N VAL F 44 24.80 2.82 -25.30
CA VAL F 44 25.13 1.70 -24.45
C VAL F 44 26.31 0.94 -25.07
N PRO F 45 27.38 0.75 -24.31
CA PRO F 45 28.51 0.00 -24.87
C PRO F 45 28.10 -1.39 -25.32
N ALA F 46 28.81 -1.92 -26.31
CA ALA F 46 28.52 -3.26 -26.83
C ALA F 46 28.78 -4.31 -25.76
N ALA F 47 28.10 -5.44 -25.89
CA ALA F 47 28.12 -6.50 -24.89
C ALA F 47 29.51 -7.02 -24.63
N ASP F 48 30.37 -6.98 -25.65
CA ASP F 48 31.75 -7.47 -25.53
C ASP F 48 32.75 -6.41 -25.04
N SER F 49 32.24 -5.25 -24.65
CA SER F 49 33.09 -4.12 -24.25
C SER F 49 33.77 -4.37 -22.91
N LEU F 50 34.87 -3.68 -22.68
CA LEU F 50 35.51 -3.71 -21.36
C LEU F 50 34.58 -3.17 -20.28
N PHE F 51 33.82 -2.13 -20.62
CA PHE F 51 32.81 -1.57 -19.73
C PHE F 51 31.94 -2.67 -19.10
N TRP F 52 31.30 -3.50 -19.92
CA TRP F 52 30.44 -4.57 -19.36
C TRP F 52 31.25 -5.69 -18.68
N LYS F 53 32.41 -5.98 -19.21
CA LYS F 53 33.27 -6.98 -18.56
C LYS F 53 33.58 -6.53 -17.13
N LEU F 54 33.90 -5.26 -16.94
CA LEU F 54 34.20 -4.72 -15.61
C LEU F 54 32.95 -4.73 -14.69
N TRP F 55 31.85 -4.21 -15.19
CA TRP F 55 30.63 -4.17 -14.40
C TRP F 55 30.18 -5.57 -13.98
N ASN F 56 30.14 -6.49 -14.94
CA ASN F 56 29.66 -7.85 -14.66
C ASN F 56 30.49 -8.59 -13.65
N GLY F 57 31.80 -8.36 -13.68
CA GLY F 57 32.66 -8.96 -12.67
C GLY F 57 32.48 -8.45 -11.25
N SER F 58 31.84 -7.31 -11.05
CA SER F 58 31.70 -6.72 -9.71
C SER F 58 30.24 -6.66 -9.24
N LEU F 59 29.37 -7.35 -9.97
CA LEU F 59 27.94 -7.26 -9.74
C LEU F 59 27.55 -7.74 -8.32
N ASP F 60 28.28 -8.73 -7.78
CA ASP F 60 28.06 -9.19 -6.38
C ASP F 60 28.25 -8.04 -5.38
N THR F 61 29.24 -7.20 -5.63
CA THR F 61 29.53 -6.04 -4.78
C THR F 61 28.37 -5.04 -4.88
N ALA F 62 27.90 -4.81 -6.10
CA ALA F 62 26.75 -3.90 -6.29
C ALA F 62 25.51 -4.39 -5.54
N VAL F 63 25.27 -5.70 -5.57
CA VAL F 63 24.18 -6.27 -4.80
C VAL F 63 24.36 -6.04 -3.30
N GLN F 64 25.58 -6.16 -2.81
CA GLN F 64 25.83 -5.89 -1.40
C GLN F 64 25.60 -4.43 -1.06
N VAL F 65 25.83 -3.52 -2.00
CA VAL F 65 25.50 -2.09 -1.74
C VAL F 65 24.00 -1.92 -1.49
N LEU F 66 23.18 -2.61 -2.27
CA LEU F 66 21.74 -2.60 -2.07
C LEU F 66 21.31 -3.21 -0.75
N GLN F 67 22.17 -4.01 -0.14
CA GLN F 67 21.88 -4.62 1.16
C GLN F 67 22.35 -3.80 2.35
N THR F 68 22.93 -2.62 2.11
CA THR F 68 23.29 -1.72 3.20
C THR F 68 22.08 -1.09 3.86
N ASP F 69 22.22 -0.74 5.13
CA ASP F 69 21.23 -0.01 5.86
C ASP F 69 20.96 1.33 5.19
N TYR F 70 21.96 1.93 4.56
CA TYR F 70 21.76 3.19 3.85
C TYR F 70 20.63 3.04 2.84
N PHE F 71 20.73 2.06 1.95
CA PHE F 71 19.76 1.96 0.86
C PHE F 71 18.45 1.33 1.27
N LYS F 72 18.49 0.47 2.26
CA LYS F 72 17.25 0.03 2.86
C LYS F 72 16.51 1.22 3.47
N GLY F 73 17.24 2.21 4.02
CA GLY F 73 16.62 3.41 4.59
C GLY F 73 16.08 4.34 3.54
N ILE F 74 16.77 4.44 2.42
CA ILE F 74 16.30 5.23 1.26
C ILE F 74 14.94 4.71 0.84
N ALA F 75 14.88 3.40 0.56
CA ALA F 75 13.67 2.79 0.04
C ALA F 75 12.52 2.93 1.00
N ALA F 76 12.80 2.76 2.29
CA ALA F 76 11.77 2.82 3.33
C ALA F 76 11.44 4.24 3.78
N GLY F 77 12.24 5.23 3.39
CA GLY F 77 11.98 6.58 3.81
C GLY F 77 12.45 6.86 5.24
N THR F 78 13.22 5.93 5.79
CA THR F 78 13.58 5.99 7.20
C THR F 78 15.07 6.23 7.46
N LEU F 79 15.87 6.45 6.44
CA LEU F 79 17.28 6.81 6.67
C LEU F 79 17.37 8.02 7.61
N ASP F 80 18.22 7.88 8.62
CA ASP F 80 18.52 8.97 9.54
C ASP F 80 19.06 10.18 8.75
N PRO F 81 18.39 11.34 8.85
CA PRO F 81 18.82 12.51 8.11
C PRO F 81 20.27 12.91 8.45
N ASN F 82 20.70 12.57 9.65
CA ASN F 82 22.08 12.82 10.05
C ASN F 82 23.05 11.93 9.31
N ALA F 83 22.64 10.70 9.02
CA ALA F 83 23.46 9.80 8.18
C ALA F 83 23.49 10.28 6.74
N TYR F 84 22.33 10.68 6.22
CA TYR F 84 22.26 11.23 4.88
C TYR F 84 23.22 12.43 4.72
N GLY F 85 23.13 13.36 5.66
CA GLY F 85 23.88 14.63 5.55
C GLY F 85 25.38 14.46 5.74
N SER F 86 25.71 13.65 6.72
CA SER F 86 27.09 13.30 7.02
C SER F 86 27.77 12.69 5.80
N LEU F 87 27.05 11.82 5.10
CA LEU F 87 27.61 11.23 3.88
C LEU F 87 27.66 12.25 2.75
N MSE F 88 26.68 13.12 2.64
CA MSE F 88 26.70 14.15 1.60
C MSE F 88 27.92 15.08 1.68
O MSE F 88 28.50 15.42 0.69
CB MSE F 88 25.44 14.99 1.75
CG MSE F 88 25.24 15.95 0.59
SE MSE F 88 24.90 14.98 -1.06
CE MSE F 88 23.54 14.14 -0.48
N VAL F 89 28.30 15.48 2.90
CA VAL F 89 29.48 16.32 3.09
C VAL F 89 30.73 15.59 2.61
N GLN F 90 30.79 14.30 2.90
CA GLN F 90 31.90 13.48 2.45
C GLN F 90 31.93 13.27 0.96
N ASP F 91 30.76 13.18 0.35
CA ASP F 91 30.68 13.12 -1.09
C ASP F 91 31.13 14.41 -1.74
N GLY F 92 30.91 15.54 -1.07
CA GLY F 92 31.42 16.82 -1.53
C GLY F 92 32.92 16.76 -1.58
N TYR F 93 33.55 16.33 -0.48
CA TYR F 93 35.00 16.12 -0.41
C TYR F 93 35.48 15.26 -1.59
N TYR F 94 34.83 14.13 -1.78
CA TYR F 94 35.15 13.19 -2.83
C TYR F 94 35.06 13.80 -4.23
N CYS F 95 33.99 14.53 -4.48
CA CYS F 95 33.81 15.17 -5.78
C CYS F 95 34.72 16.35 -6.01
N PHE F 96 35.04 17.10 -4.97
CA PHE F 96 36.05 18.17 -5.09
C PHE F 96 37.37 17.57 -5.51
N ARG F 97 37.77 16.47 -4.85
CA ARG F 97 38.99 15.79 -5.17
C ARG F 97 38.96 15.12 -6.54
N GLY F 98 37.81 14.57 -6.88
CA GLY F 98 37.65 13.93 -8.19
C GLY F 98 37.88 14.88 -9.36
N ARG F 99 37.38 16.09 -9.21
CA ARG F 99 37.61 17.13 -10.17
C ARG F 99 39.11 17.37 -10.34
N ASP F 100 39.85 17.49 -9.22
CA ASP F 100 41.30 17.67 -9.28
C ASP F 100 42.00 16.48 -9.91
N ASP F 101 41.46 15.29 -9.68
CA ASP F 101 42.05 14.12 -10.30
C ASP F 101 41.95 14.15 -11.80
N TYR F 102 40.81 14.59 -12.32
CA TYR F 102 40.65 14.70 -13.74
C TYR F 102 41.61 15.75 -14.32
N ALA F 103 41.80 16.86 -13.60
CA ALA F 103 42.76 17.85 -14.02
C ALA F 103 44.18 17.26 -14.04
N THR F 104 44.50 16.47 -13.03
CA THR F 104 45.82 15.81 -12.96
C THR F 104 45.98 14.81 -14.12
N ALA F 105 44.92 14.07 -14.40
CA ALA F 105 44.95 13.12 -15.51
C ALA F 105 45.11 13.82 -16.86
N ALA F 106 44.44 14.96 -17.02
CA ALA F 106 44.62 15.78 -18.23
C ALA F 106 46.08 16.20 -18.37
N THR F 107 46.67 16.65 -17.27
CA THR F 107 48.05 17.13 -17.28
C THR F 107 49.03 16.02 -17.66
N CYS F 108 48.80 14.82 -17.16
CA CYS F 108 49.72 13.68 -17.29
C CYS F 108 49.49 12.88 -18.56
N ALA F 109 48.40 13.14 -19.26
CA ALA F 109 48.11 12.44 -20.50
C ALA F 109 49.00 12.97 -21.63
N GLN F 110 49.70 12.08 -22.31
CA GLN F 110 50.41 12.43 -23.53
C GLN F 110 49.50 12.23 -24.77
N ASP F 111 48.43 11.45 -24.63
CA ASP F 111 47.46 11.26 -25.71
C ASP F 111 46.47 12.43 -25.77
N GLU F 112 46.34 13.05 -26.94
CA GLU F 112 45.63 14.31 -27.06
C GLU F 112 44.12 14.19 -26.79
N THR F 113 43.54 13.14 -27.32
CA THR F 113 42.13 12.84 -27.13
C THR F 113 41.80 12.66 -25.65
N LEU F 114 42.64 11.93 -24.94
CA LEU F 114 42.41 11.73 -23.51
C LEU F 114 42.63 13.01 -22.70
N ARG F 115 43.58 13.83 -23.11
CA ARG F 115 43.78 15.12 -22.52
C ARG F 115 42.50 15.97 -22.62
N GLU F 116 41.89 16.01 -23.80
CA GLU F 116 40.65 16.74 -23.99
C GLU F 116 39.53 16.14 -23.18
N PHE F 117 39.48 14.81 -23.16
CA PHE F 117 38.40 14.10 -22.44
C PHE F 117 38.45 14.45 -20.94
N PHE F 118 39.63 14.34 -20.37
CA PHE F 118 39.80 14.59 -18.95
C PHE F 118 39.55 16.03 -18.58
N LYS F 119 40.02 16.95 -19.43
CA LYS F 119 39.70 18.34 -19.25
C LYS F 119 38.22 18.57 -19.21
N ALA F 120 37.50 17.99 -20.16
CA ALA F 120 36.04 18.17 -20.21
C ALA F 120 35.32 17.54 -18.98
N LYS F 121 35.84 16.42 -18.50
CA LYS F 121 35.32 15.76 -17.32
C LYS F 121 35.53 16.62 -16.06
N ALA F 122 36.70 17.25 -15.96
CA ALA F 122 36.98 18.17 -14.87
C ALA F 122 35.94 19.29 -14.84
N LYS F 123 35.62 19.82 -16.00
CA LYS F 123 34.60 20.85 -16.12
C LYS F 123 33.18 20.33 -15.76
N SER F 124 32.87 19.10 -16.13
CA SER F 124 31.60 18.48 -15.72
C SER F 124 31.51 18.35 -14.23
N TYR F 125 32.63 18.00 -13.59
CA TYR F 125 32.68 17.98 -12.13
C TYR F 125 32.51 19.34 -11.52
N ASP F 126 33.19 20.37 -12.05
CA ASP F 126 32.98 21.74 -11.56
C ASP F 126 31.53 22.14 -11.56
N GLU F 127 30.83 21.80 -12.65
CA GLU F 127 29.42 22.15 -12.80
C GLU F 127 28.58 21.43 -11.79
N TYR F 128 28.78 20.14 -11.62
CA TYR F 128 28.08 19.41 -10.58
C TYR F 128 28.40 19.94 -9.19
N ASN F 129 29.66 20.27 -8.96
CA ASN F 129 30.12 20.64 -7.62
C ASN F 129 29.50 21.93 -7.09
N GLU F 130 28.86 22.70 -7.95
CA GLU F 130 28.11 23.91 -7.50
C GLU F 130 27.03 23.56 -6.46
N THR F 131 26.49 22.36 -6.54
CA THR F 131 25.59 21.85 -5.52
C THR F 131 26.21 21.84 -4.12
N TYR F 132 27.47 21.41 -4.02
CA TYR F 132 28.16 21.35 -2.75
C TYR F 132 28.50 22.72 -2.24
N HIS F 133 28.91 23.62 -3.15
CA HIS F 133 29.28 24.97 -2.75
C HIS F 133 28.11 25.79 -2.31
N GLN F 134 26.99 25.63 -3.02
CA GLN F 134 25.85 26.50 -2.86
C GLN F 134 24.79 25.95 -1.93
N THR F 135 24.29 24.79 -2.24
CA THR F 135 23.29 24.18 -1.38
C THR F 135 23.84 23.61 -0.08
N TRP F 136 25.03 23.02 -0.11
CA TRP F 136 25.64 22.43 1.08
C TRP F 136 26.70 23.28 1.74
N HIS F 137 26.98 24.44 1.17
CA HIS F 137 27.83 25.46 1.84
C HIS F 137 29.24 24.98 2.15
N LEU F 138 29.78 24.12 1.31
CA LEU F 138 31.11 23.60 1.45
C LEU F 138 32.05 24.36 0.49
N ARG F 139 33.14 24.90 1.04
CA ARG F 139 34.05 25.71 0.25
C ARG F 139 35.00 24.84 -0.58
N GLU F 140 35.61 23.82 0.01
CA GLU F 140 36.69 23.10 -0.63
C GLU F 140 37.07 21.89 0.24
N ALA F 141 37.82 20.94 -0.35
CA ALA F 141 38.16 19.69 0.34
C ALA F 141 38.92 19.91 1.64
N SER F 142 39.83 20.88 1.62
CA SER F 142 40.72 21.15 2.77
C SER F 142 39.91 21.65 3.97
N GLY F 143 38.68 22.10 3.73
CA GLY F 143 37.80 22.50 4.81
C GLY F 143 36.97 21.42 5.46
N LEU F 144 37.13 20.18 5.00
CA LEU F 144 36.38 19.04 5.45
C LEU F 144 37.35 18.03 6.05
N ILE F 145 36.85 17.19 6.96
CA ILE F 145 37.62 16.10 7.57
C ILE F 145 36.96 14.82 7.12
N PRO F 146 37.51 14.20 6.09
CA PRO F 146 36.89 13.00 5.53
C PRO F 146 36.90 11.85 6.53
N GLY F 147 35.91 10.99 6.52
CA GLY F 147 36.05 9.73 7.22
C GLY F 147 37.08 8.89 6.48
N THR F 148 37.50 7.81 7.13
CA THR F 148 38.56 6.95 6.65
C THR F 148 38.30 6.32 5.30
N ASP F 149 37.12 5.80 5.09
CA ASP F 149 36.80 5.13 3.85
C ASP F 149 36.82 6.06 2.66
N ILE F 150 36.20 7.22 2.80
CA ILE F 150 36.17 8.20 1.73
C ILE F 150 37.56 8.76 1.44
N LYS F 151 38.34 8.99 2.47
CA LYS F 151 39.70 9.45 2.30
C LYS F 151 40.53 8.40 1.55
N ASP F 152 40.45 7.14 1.96
CA ASP F 152 41.20 6.06 1.28
C ASP F 152 40.77 5.92 -0.16
N TYR F 153 39.48 6.03 -0.41
CA TYR F 153 38.95 5.92 -1.77
C TYR F 153 39.47 7.09 -2.64
N ALA F 154 39.38 8.30 -2.12
CA ALA F 154 39.90 9.48 -2.85
C ALA F 154 41.41 9.40 -3.08
N ASP F 155 42.14 8.92 -2.08
CA ASP F 155 43.58 8.75 -2.21
C ASP F 155 43.89 7.76 -3.31
N TYR F 156 43.07 6.71 -3.40
CA TYR F 156 43.25 5.68 -4.45
C TYR F 156 43.07 6.27 -5.85
N GLU F 157 42.00 7.05 -6.04
CA GLU F 157 41.77 7.71 -7.31
C GLU F 157 42.90 8.67 -7.66
N ALA F 158 43.39 9.42 -6.68
CA ALA F 158 44.49 10.33 -6.92
C ALA F 158 45.77 9.59 -7.33
N TYR F 159 45.96 8.40 -6.77
CA TYR F 159 47.07 7.55 -7.14
C TYR F 159 46.96 7.10 -8.60
N VAL F 160 45.78 6.60 -8.97
CA VAL F 160 45.59 6.15 -10.36
C VAL F 160 45.82 7.33 -11.32
N ALA F 161 45.24 8.50 -10.99
CA ALA F 161 45.31 9.66 -11.88
C ALA F 161 46.75 10.13 -12.13
N GLY F 162 47.56 10.13 -11.07
CA GLY F 162 48.90 10.68 -11.10
C GLY F 162 50.00 9.67 -11.37
N SER F 163 49.75 8.37 -11.21
CA SER F 163 50.84 7.37 -11.30
C SER F 163 50.63 6.27 -12.30
N LEU F 164 49.42 6.06 -12.81
CA LEU F 164 49.20 4.99 -13.79
C LEU F 164 48.89 5.55 -15.16
N ALA F 165 48.94 4.68 -16.16
CA ALA F 165 48.64 5.05 -17.54
C ALA F 165 47.23 5.65 -17.64
N SER F 166 47.09 6.60 -18.56
CA SER F 166 45.90 7.42 -18.68
C SER F 166 44.56 6.68 -18.73
N PRO F 167 44.48 5.61 -19.54
CA PRO F 167 43.20 4.94 -19.64
C PRO F 167 42.66 4.38 -18.33
N TYR F 168 43.55 4.10 -17.36
CA TYR F 168 43.13 3.53 -16.08
C TYR F 168 42.28 4.52 -15.29
N MSE F 169 42.39 5.80 -15.62
CA MSE F 169 41.56 6.81 -14.98
C MSE F 169 40.10 6.59 -15.32
O MSE F 169 39.22 6.72 -14.46
CB MSE F 169 41.99 8.21 -15.41
CG MSE F 169 41.18 9.31 -14.73
SE MSE F 169 41.44 9.38 -12.79
CE MSE F 169 40.23 10.86 -12.49
N CYS F 170 39.82 6.25 -16.56
CA CYS F 170 38.47 5.90 -16.98
C CYS F 170 37.97 4.68 -16.20
N VAL F 171 38.86 3.75 -15.89
CA VAL F 171 38.48 2.54 -15.19
C VAL F 171 38.09 2.89 -13.73
N VAL F 172 38.92 3.66 -13.03
CA VAL F 172 38.71 3.85 -11.61
C VAL F 172 37.51 4.77 -11.31
N MSE F 173 37.17 5.67 -12.24
CA MSE F 173 36.05 6.60 -12.04
C MSE F 173 34.71 6.06 -12.50
O MSE F 173 33.67 6.65 -12.16
CB MSE F 173 36.30 7.92 -12.74
CG MSE F 173 37.60 8.61 -12.39
SE MSE F 173 37.75 8.98 -10.46
CE MSE F 173 36.21 10.23 -10.19
N LEU F 174 34.72 4.96 -13.22
CA LEU F 174 33.46 4.40 -13.73
C LEU F 174 32.47 3.97 -12.65
N PRO F 175 32.94 3.24 -11.62
CA PRO F 175 32.01 2.86 -10.57
C PRO F 175 31.17 4.00 -10.03
N CYS F 176 31.73 5.13 -9.65
CA CYS F 176 30.86 6.15 -9.10
C CYS F 176 29.88 6.66 -10.15
N GLU F 177 30.25 6.63 -11.44
CA GLU F 177 29.34 7.13 -12.49
C GLU F 177 28.24 6.18 -12.88
N TYR F 178 28.48 4.87 -12.80
CA TYR F 178 27.48 3.89 -13.16
C TYR F 178 26.73 3.31 -11.95
N LEU F 179 27.41 3.10 -10.83
CA LEU F 179 26.78 2.43 -9.68
C LEU F 179 25.57 3.21 -9.15
N TRP F 180 25.69 4.52 -9.04
CA TRP F 180 24.61 5.31 -8.46
C TRP F 180 23.33 5.29 -9.29
N PRO F 181 23.41 5.57 -10.61
CA PRO F 181 22.20 5.33 -11.44
C PRO F 181 21.66 3.92 -11.43
N TRP F 182 22.54 2.94 -11.43
CA TRP F 182 22.11 1.58 -11.37
C TRP F 182 21.34 1.35 -10.08
N ILE F 183 21.86 1.83 -8.95
CA ILE F 183 21.16 1.67 -7.66
C ILE F 183 19.79 2.36 -7.73
N ALA F 184 19.78 3.55 -8.27
CA ALA F 184 18.54 4.34 -8.32
C ALA F 184 17.49 3.66 -9.20
N ASN F 185 17.92 3.14 -10.34
CA ASN F 185 17.02 2.46 -11.23
C ASN F 185 16.51 1.15 -10.61
N PHE F 186 17.34 0.49 -9.80
CA PHE F 186 16.90 -0.72 -9.09
C PHE F 186 15.83 -0.36 -8.09
N LEU F 187 16.11 0.66 -7.28
CA LEU F 187 15.28 1.02 -6.12
C LEU F 187 14.03 1.83 -6.45
N ASP F 188 13.94 2.30 -7.67
CA ASP F 188 12.82 3.08 -8.14
C ASP F 188 11.48 2.38 -7.80
N GLY F 189 11.28 1.13 -8.22
CA GLY F 189 10.01 0.43 -7.91
C GLY F 189 9.88 -0.05 -6.45
N TYR F 190 10.89 0.22 -5.65
CA TYR F 190 10.86 -0.10 -4.21
C TYR F 190 10.71 1.13 -3.31
N THR F 191 10.68 2.29 -3.93
CA THR F 191 10.72 3.57 -3.21
C THR F 191 9.47 4.39 -3.55
N PRO F 192 8.49 4.44 -2.65
CA PRO F 192 7.22 5.10 -3.02
C PRO F 192 7.38 6.56 -3.41
N THR F 193 6.59 7.01 -4.39
CA THR F 193 6.72 8.36 -4.95
C THR F 193 6.51 9.44 -3.88
N ASN F 194 5.77 9.11 -2.86
CA ASN F 194 5.53 10.08 -1.80
C ASN F 194 6.47 9.98 -0.60
N SER F 195 7.49 9.15 -0.69
CA SER F 195 8.35 8.90 0.47
C SER F 195 9.48 9.96 0.56
N LEU F 196 10.07 10.08 1.73
CA LEU F 196 10.93 11.20 2.03
C LEU F 196 12.24 11.29 1.23
N TYR F 197 12.80 10.15 0.86
CA TYR F 197 14.01 10.10 0.08
C TYR F 197 13.76 9.73 -1.38
N ARG F 198 12.53 9.86 -1.85
CA ARG F 198 12.22 9.63 -3.25
C ARG F 198 13.11 10.48 -4.18
N PHE F 199 13.40 11.69 -3.74
CA PHE F 199 14.26 12.60 -4.51
C PHE F 199 15.61 11.94 -4.90
N TRP F 200 16.11 11.01 -4.10
CA TRP F 200 17.36 10.30 -4.43
C TRP F 200 17.22 9.54 -5.76
N ILE F 201 16.08 8.89 -5.96
CA ILE F 201 15.81 8.14 -7.17
C ILE F 201 15.80 9.11 -8.35
N GLU F 202 15.07 10.21 -8.18
CA GLU F 202 14.86 11.15 -9.29
C GLU F 202 16.18 11.84 -9.66
N TRP F 203 17.02 12.14 -8.70
CA TRP F 203 18.30 12.76 -8.99
C TRP F 203 19.35 11.84 -9.61
N ASN F 204 19.30 10.56 -9.30
CA ASN F 204 20.36 9.64 -9.71
C ASN F 204 19.97 8.67 -10.79
N GLY F 205 18.68 8.50 -11.03
CA GLY F 205 18.16 7.52 -11.94
C GLY F 205 18.03 8.02 -13.37
N GLY F 206 17.56 7.14 -14.24
CA GLY F 206 17.55 7.43 -15.67
C GLY F 206 18.76 6.78 -16.33
N THR F 207 18.92 7.12 -17.59
CA THR F 207 19.92 6.53 -18.45
C THR F 207 21.27 7.04 -17.98
N PRO F 208 22.20 6.12 -17.72
CA PRO F 208 23.56 6.47 -17.27
C PRO F 208 24.48 6.92 -18.44
N ASN F 209 24.09 8.02 -19.07
CA ASN F 209 24.78 8.46 -20.26
C ASN F 209 26.25 8.82 -20.00
N GLY F 210 26.55 9.37 -18.83
CA GLY F 210 27.92 9.70 -18.49
C GLY F 210 28.81 8.48 -18.40
N ALA F 211 28.32 7.44 -17.73
CA ALA F 211 29.01 6.16 -17.65
C ALA F 211 29.25 5.54 -19.02
N TYR F 212 28.20 5.51 -19.83
CA TYR F 212 28.28 4.95 -21.18
C TYR F 212 29.31 5.72 -22.03
N GLN F 213 29.24 7.03 -21.96
CA GLN F 213 30.20 7.90 -22.64
C GLN F 213 31.65 7.55 -22.27
N MSE F 214 31.88 7.38 -20.99
CA MSE F 214 33.22 7.04 -20.56
C MSE F 214 33.60 5.63 -20.97
O MSE F 214 34.76 5.39 -21.29
CB MSE F 214 33.40 7.27 -19.06
CG MSE F 214 34.84 7.10 -18.62
SE MSE F 214 35.28 8.32 -17.15
CE MSE F 214 34.07 7.61 -15.80
N GLY F 215 32.64 4.70 -20.90
CA GLY F 215 32.84 3.35 -21.37
C GLY F 215 33.23 3.30 -22.83
N ASN F 216 32.60 4.14 -23.64
CA ASN F 216 32.90 4.25 -25.05
C ASN F 216 34.27 4.88 -25.34
N MSE F 217 34.69 5.82 -24.50
CA MSE F 217 36.02 6.40 -24.57
C MSE F 217 37.07 5.32 -24.20
O MSE F 217 38.06 5.11 -24.93
CB MSE F 217 36.10 7.60 -23.64
CG MSE F 217 37.47 8.31 -23.57
SE MSE F 217 37.97 9.12 -25.31
CE MSE F 217 36.80 10.45 -25.54
N LEU F 218 36.82 4.61 -23.10
CA LEU F 218 37.69 3.56 -22.63
C LEU F 218 37.90 2.44 -23.70
N GLU F 219 36.84 2.06 -24.40
CA GLU F 219 36.95 0.97 -25.38
C GLU F 219 38.03 1.24 -26.45
N GLN F 220 38.20 2.52 -26.76
CA GLN F 220 39.15 2.95 -27.76
C GLN F 220 40.62 2.77 -27.31
N TYR F 221 40.84 2.56 -26.01
CA TYR F 221 42.20 2.39 -25.45
C TYR F 221 42.40 1.03 -24.81
N ARG F 222 41.44 0.15 -25.05
CA ARG F 222 41.44 -1.20 -24.49
C ARG F 222 42.72 -2.00 -24.80
N ASP F 223 43.18 -1.88 -26.04
CA ASP F 223 44.42 -2.52 -26.48
C ASP F 223 45.68 -1.95 -25.82
N LYS F 224 45.58 -0.79 -25.18
CA LYS F 224 46.73 -0.14 -24.57
C LYS F 224 46.82 -0.41 -23.08
N ILE F 225 45.91 -1.20 -22.54
CA ILE F 225 46.02 -1.54 -21.11
C ILE F 225 45.95 -3.02 -20.84
N ASP F 226 46.34 -3.36 -19.63
CA ASP F 226 46.24 -4.71 -19.11
C ASP F 226 44.87 -4.87 -18.50
N GLU F 227 44.06 -5.75 -19.06
CA GLU F 227 42.68 -5.91 -18.60
C GLU F 227 42.55 -6.50 -17.20
N ASP F 228 43.50 -7.35 -16.82
CA ASP F 228 43.56 -7.87 -15.46
C ASP F 228 43.79 -6.75 -14.47
N LYS F 229 44.65 -5.80 -14.80
CA LYS F 229 44.89 -4.69 -13.93
C LYS F 229 43.65 -3.79 -13.86
N ALA F 230 42.96 -3.60 -15.00
CA ALA F 230 41.72 -2.84 -15.03
C ALA F 230 40.65 -3.45 -14.14
N VAL F 231 40.54 -4.78 -14.17
CA VAL F 231 39.61 -5.52 -13.33
C VAL F 231 39.95 -5.26 -11.86
N GLU F 232 41.22 -5.37 -11.50
CA GLU F 232 41.63 -5.07 -10.13
C GLU F 232 41.24 -3.65 -9.71
N ILE F 233 41.56 -2.67 -10.55
CA ILE F 233 41.31 -1.28 -10.23
C ILE F 233 39.80 -1.03 -10.06
N PHE F 234 39.01 -1.54 -11.00
CA PHE F 234 37.58 -1.34 -10.99
C PHE F 234 36.99 -1.97 -9.72
N ASN F 235 37.41 -3.19 -9.40
CA ASN F 235 36.90 -3.89 -8.22
C ASN F 235 37.29 -3.20 -6.90
N THR F 236 38.47 -2.61 -6.86
CA THR F 236 38.90 -1.82 -5.70
C THR F 236 37.97 -0.64 -5.46
N ALA F 237 37.68 0.11 -6.53
CA ALA F 237 36.78 1.21 -6.43
C ALA F 237 35.35 0.78 -6.02
N MSE F 238 34.86 -0.30 -6.64
CA MSE F 238 33.55 -0.81 -6.27
C MSE F 238 33.52 -1.18 -4.79
O MSE F 238 32.53 -0.92 -4.10
CB MSE F 238 33.16 -2.03 -7.13
CG MSE F 238 32.83 -1.66 -8.59
SE MSE F 238 31.05 -0.81 -8.61
CE MSE F 238 29.94 -2.26 -7.78
N ASN F 239 34.57 -1.84 -4.32
CA ASN F 239 34.64 -2.20 -2.93
C ASN F 239 34.71 -0.98 -2.01
N TYR F 240 35.42 0.08 -2.41
CA TYR F 240 35.34 1.35 -1.66
C TYR F 240 33.93 1.92 -1.61
N GLU F 241 33.17 1.85 -2.70
CA GLU F 241 31.77 2.30 -2.68
C GLU F 241 30.98 1.55 -1.62
N LEU F 242 31.16 0.24 -1.61
CA LEU F 242 30.50 -0.58 -0.60
C LEU F 242 30.89 -0.21 0.82
N LYS F 243 32.19 0.00 1.02
CA LYS F 243 32.70 0.39 2.34
C LYS F 243 32.14 1.71 2.80
N VAL F 244 32.13 2.69 1.90
CA VAL F 244 31.59 4.00 2.19
C VAL F 244 30.09 3.92 2.56
N PHE F 245 29.30 3.22 1.78
CA PHE F 245 27.86 3.11 2.10
C PHE F 245 27.60 2.35 3.40
N THR F 246 28.39 1.33 3.62
CA THR F 246 28.31 0.54 4.85
C THR F 246 28.61 1.38 6.07
N SER F 247 29.65 2.19 6.01
CA SER F 247 30.04 2.94 7.20
C SER F 247 29.20 4.19 7.40
N SER F 248 28.46 4.65 6.38
CA SER F 248 27.69 5.90 6.44
C SER F 248 26.64 5.90 7.56
N THR F 249 26.10 4.74 7.90
CA THR F 249 25.04 4.69 8.88
C THR F 249 25.52 4.29 10.27
N ILE F 250 26.83 4.15 10.42
CA ILE F 250 27.43 3.91 11.75
C ILE F 250 27.94 5.25 12.29
N LEU F 251 27.11 5.90 13.13
CA LEU F 251 27.38 7.27 13.62
C LEU F 251 27.82 7.23 15.09
N ARG G 22 -9.95 -22.07 -43.10
CA ARG G 22 -9.60 -23.32 -43.85
C ARG G 22 -8.50 -23.18 -44.94
N LYS G 23 -8.13 -21.95 -45.40
CA LYS G 23 -6.85 -21.79 -46.14
C LYS G 23 -5.74 -22.54 -45.43
N ARG G 24 -5.25 -23.60 -46.06
CA ARG G 24 -4.32 -24.46 -45.37
C ARG G 24 -2.94 -23.82 -45.49
N THR G 25 -2.52 -23.16 -44.42
CA THR G 25 -1.18 -22.61 -44.34
C THR G 25 -0.69 -22.74 -42.92
N PHE G 26 0.60 -23.02 -42.79
CA PHE G 26 1.31 -23.07 -41.51
C PHE G 26 2.40 -22.01 -41.46
N ALA G 27 2.32 -21.03 -42.36
CA ALA G 27 3.29 -19.94 -42.38
C ALA G 27 3.21 -19.14 -41.08
N ILE G 28 4.33 -18.55 -40.71
CA ILE G 28 4.34 -17.62 -39.61
C ILE G 28 3.97 -16.29 -40.22
N PRO G 29 2.87 -15.70 -39.77
CA PRO G 29 2.43 -14.43 -40.31
C PRO G 29 3.33 -13.28 -39.91
N ALA G 30 3.22 -12.18 -40.66
CA ALA G 30 4.06 -11.01 -40.43
C ALA G 30 3.99 -10.53 -39.01
N SER G 31 2.80 -10.56 -38.41
CA SER G 31 2.66 -10.07 -37.02
C SER G 31 3.46 -10.87 -36.01
N ARG G 32 3.83 -12.11 -36.35
CA ARG G 32 4.60 -12.93 -35.42
C ARG G 32 6.06 -13.12 -35.85
N LEU G 33 6.50 -12.35 -36.84
CA LEU G 33 7.90 -12.35 -37.24
C LEU G 33 8.61 -11.28 -36.41
N THR G 34 8.82 -11.61 -35.14
CA THR G 34 9.37 -10.68 -34.18
C THR G 34 10.67 -11.26 -33.65
N GLY G 35 11.37 -10.47 -32.84
CA GLY G 35 12.61 -10.93 -32.22
C GLY G 35 13.62 -11.39 -33.25
N ARG G 36 14.15 -12.59 -33.05
CA ARG G 36 15.13 -13.15 -33.97
C ARG G 36 14.57 -13.52 -35.34
N LEU G 37 13.24 -13.53 -35.48
CA LEU G 37 12.56 -13.86 -36.74
C LEU G 37 12.23 -12.65 -37.62
N THR G 38 12.54 -11.47 -37.12
CA THR G 38 12.17 -10.22 -37.78
C THR G 38 12.52 -10.20 -39.28
N THR G 39 13.72 -10.68 -39.61
CA THR G 39 14.19 -10.64 -40.99
C THR G 39 13.92 -11.89 -41.81
N LEU G 40 13.20 -12.86 -41.25
CA LEU G 40 12.93 -14.09 -41.96
C LEU G 40 12.02 -13.84 -43.16
N LYS G 41 12.45 -14.28 -44.33
CA LYS G 41 11.72 -14.03 -45.57
C LYS G 41 10.97 -15.26 -46.12
N SER G 42 9.94 -14.99 -46.92
CA SER G 42 9.11 -16.02 -47.54
C SER G 42 9.24 -16.04 -49.04
N ASP G 43 10.26 -15.38 -49.59
CA ASP G 43 10.45 -15.46 -51.03
C ASP G 43 10.99 -16.83 -51.42
N VAL G 44 10.84 -17.11 -52.71
CA VAL G 44 11.23 -18.38 -53.26
C VAL G 44 12.73 -18.59 -52.98
N PRO G 45 13.08 -19.73 -52.38
CA PRO G 45 14.51 -19.96 -52.17
C PRO G 45 15.29 -19.99 -53.48
N ALA G 46 16.57 -19.69 -53.37
CA ALA G 46 17.44 -19.66 -54.56
C ALA G 46 17.60 -21.06 -55.14
N ALA G 47 17.90 -21.12 -56.42
CA ALA G 47 17.96 -22.37 -57.16
C ALA G 47 18.96 -23.32 -56.57
N ASP G 48 20.03 -22.81 -55.97
CA ASP G 48 21.06 -23.65 -55.37
C ASP G 48 20.76 -24.06 -53.91
N SER G 49 19.58 -23.73 -53.40
CA SER G 49 19.23 -23.96 -52.00
C SER G 49 19.10 -25.44 -51.68
N LEU G 50 19.25 -25.77 -50.41
CA LEU G 50 18.93 -27.11 -49.97
C LEU G 50 17.44 -27.42 -50.23
N PHE G 51 16.56 -26.44 -49.99
CA PHE G 51 15.14 -26.61 -50.30
C PHE G 51 14.90 -27.21 -51.70
N TRP G 52 15.44 -26.61 -52.75
CA TRP G 52 15.21 -27.14 -54.11
C TRP G 52 15.95 -28.46 -54.37
N LYS G 53 17.11 -28.62 -53.78
CA LYS G 53 17.83 -29.86 -53.90
C LYS G 53 17.00 -31.00 -53.34
N LEU G 54 16.36 -30.78 -52.20
CA LEU G 54 15.51 -31.80 -51.58
C LEU G 54 14.28 -32.06 -52.49
N TRP G 55 13.57 -31.00 -52.86
CA TRP G 55 12.36 -31.17 -53.66
C TRP G 55 12.66 -31.85 -54.99
N ASN G 56 13.68 -31.35 -55.69
CA ASN G 56 14.02 -31.91 -56.99
C ASN G 56 14.36 -33.38 -56.92
N GLY G 57 15.01 -33.83 -55.85
CA GLY G 57 15.34 -35.24 -55.73
C GLY G 57 14.18 -36.17 -55.43
N SER G 58 13.02 -35.65 -55.04
CA SER G 58 11.84 -36.50 -54.73
C SER G 58 10.68 -36.29 -55.73
N LEU G 59 10.96 -35.60 -56.84
CA LEU G 59 9.91 -35.24 -57.76
C LEU G 59 9.16 -36.48 -58.29
N ASP G 60 9.85 -37.58 -58.48
CA ASP G 60 9.19 -38.84 -58.92
C ASP G 60 8.11 -39.29 -57.96
N THR G 61 8.37 -39.12 -56.66
CA THR G 61 7.40 -39.48 -55.65
C THR G 61 6.19 -38.54 -55.75
N ALA G 62 6.43 -37.25 -55.95
CA ALA G 62 5.34 -36.28 -56.10
C ALA G 62 4.44 -36.65 -57.29
N VAL G 63 5.07 -37.03 -58.38
CA VAL G 63 4.29 -37.45 -59.54
C VAL G 63 3.43 -38.68 -59.24
N GLN G 64 3.97 -39.62 -58.46
CA GLN G 64 3.18 -40.78 -58.03
C GLN G 64 1.99 -40.37 -57.14
N VAL G 65 2.15 -39.33 -56.35
CA VAL G 65 1.02 -38.82 -55.60
C VAL G 65 -0.11 -38.38 -56.53
N LEU G 66 0.24 -37.69 -57.59
CA LEU G 66 -0.76 -37.28 -58.61
C LEU G 66 -1.46 -38.48 -59.27
N GLN G 67 -0.83 -39.63 -59.23
CA GLN G 67 -1.37 -40.82 -59.89
C GLN G 67 -2.26 -41.64 -58.95
N THR G 68 -2.43 -41.19 -57.70
CA THR G 68 -3.32 -41.88 -56.78
C THR G 68 -4.78 -41.71 -57.15
N ASP G 69 -5.58 -42.68 -56.72
CA ASP G 69 -7.03 -42.57 -56.87
C ASP G 69 -7.56 -41.38 -56.11
N TYR G 70 -6.95 -41.05 -54.98
CA TYR G 70 -7.38 -39.87 -54.25
C TYR G 70 -7.41 -38.65 -55.18
N PHE G 71 -6.28 -38.35 -55.82
CA PHE G 71 -6.24 -37.10 -56.60
C PHE G 71 -6.97 -37.16 -57.93
N LYS G 72 -7.03 -38.35 -58.51
CA LYS G 72 -7.86 -38.54 -59.67
C LYS G 72 -9.30 -38.25 -59.30
N GLY G 73 -9.70 -38.65 -58.09
CA GLY G 73 -11.04 -38.37 -57.59
C GLY G 73 -11.28 -36.89 -57.32
N ILE G 74 -10.28 -36.21 -56.79
CA ILE G 74 -10.40 -34.77 -56.59
C ILE G 74 -10.66 -34.08 -57.91
N ALA G 75 -9.81 -34.37 -58.89
CA ALA G 75 -9.93 -33.70 -60.19
C ALA G 75 -11.28 -33.99 -60.86
N ALA G 76 -11.73 -35.23 -60.78
CA ALA G 76 -12.97 -35.65 -61.44
C ALA G 76 -14.21 -35.24 -60.64
N GLY G 77 -14.04 -34.91 -59.37
CA GLY G 77 -15.15 -34.61 -58.52
C GLY G 77 -15.87 -35.85 -58.03
N THR G 78 -15.23 -37.02 -58.13
CA THR G 78 -15.87 -38.27 -57.81
C THR G 78 -15.28 -38.97 -56.59
N LEU G 79 -14.31 -38.37 -55.93
CA LEU G 79 -13.73 -38.97 -54.71
C LEU G 79 -14.86 -39.33 -53.75
N ASP G 80 -14.83 -40.56 -53.25
CA ASP G 80 -15.82 -40.99 -52.27
C ASP G 80 -15.74 -40.06 -51.07
N PRO G 81 -16.87 -39.42 -50.72
CA PRO G 81 -16.86 -38.55 -49.53
C PRO G 81 -16.44 -39.24 -48.21
N ASN G 82 -16.64 -40.55 -48.14
CA ASN G 82 -16.14 -41.33 -47.01
C ASN G 82 -14.63 -41.42 -47.00
N ALA G 83 -13.99 -41.49 -48.17
CA ALA G 83 -12.54 -41.52 -48.24
C ALA G 83 -11.99 -40.14 -47.89
N TYR G 84 -12.62 -39.11 -48.43
CA TYR G 84 -12.25 -37.76 -48.13
C TYR G 84 -12.26 -37.51 -46.62
N GLY G 85 -13.35 -37.89 -45.96
CA GLY G 85 -13.55 -37.63 -44.51
C GLY G 85 -12.67 -38.46 -43.61
N SER G 86 -12.54 -39.73 -43.95
CA SER G 86 -11.67 -40.67 -43.28
C SER G 86 -10.22 -40.15 -43.25
N LEU G 87 -9.75 -39.61 -44.37
CA LEU G 87 -8.40 -39.06 -44.45
C LEU G 87 -8.31 -37.80 -43.65
N MSE G 88 -9.36 -36.98 -43.71
CA MSE G 88 -9.36 -35.72 -42.94
C MSE G 88 -9.18 -35.93 -41.46
O MSE G 88 -8.45 -35.19 -40.78
CB MSE G 88 -10.65 -34.96 -43.17
CG MSE G 88 -10.57 -33.58 -42.55
SE MSE G 88 -9.51 -32.35 -43.67
CE MSE G 88 -7.68 -32.61 -43.40
N VAL G 89 -9.88 -36.93 -40.91
CA VAL G 89 -9.77 -37.26 -39.50
C VAL G 89 -8.31 -37.62 -39.15
N GLN G 90 -7.68 -38.39 -40.03
CA GLN G 90 -6.31 -38.80 -39.85
C GLN G 90 -5.33 -37.64 -40.01
N ASP G 91 -5.64 -36.72 -40.90
CA ASP G 91 -4.87 -35.49 -40.98
C ASP G 91 -4.99 -34.64 -39.73
N GLY G 92 -6.13 -34.70 -39.05
CA GLY G 92 -6.29 -34.04 -37.77
C GLY G 92 -5.30 -34.62 -36.78
N TYR G 93 -5.30 -35.95 -36.67
CA TYR G 93 -4.34 -36.67 -35.84
C TYR G 93 -2.91 -36.20 -36.12
N TYR G 94 -2.54 -36.20 -37.39
CA TYR G 94 -1.23 -35.81 -37.83
C TYR G 94 -0.89 -34.38 -37.43
N CYS G 95 -1.83 -33.48 -37.61
CA CYS G 95 -1.59 -32.08 -37.32
C CYS G 95 -1.53 -31.78 -35.85
N PHE G 96 -2.37 -32.48 -35.08
CA PHE G 96 -2.29 -32.34 -33.63
C PHE G 96 -0.91 -32.76 -33.14
N ARG G 97 -0.41 -33.90 -33.67
CA ARG G 97 0.93 -34.37 -33.31
C ARG G 97 2.03 -33.47 -33.86
N GLY G 98 1.84 -32.96 -35.07
CA GLY G 98 2.84 -32.06 -35.63
C GLY G 98 3.04 -30.81 -34.80
N ARG G 99 1.96 -30.27 -34.27
CA ARG G 99 2.05 -29.14 -33.38
C ARG G 99 2.91 -29.48 -32.13
N ASP G 100 2.65 -30.65 -31.55
CA ASP G 100 3.43 -31.09 -30.43
C ASP G 100 4.89 -31.24 -30.80
N ASP G 101 5.18 -31.70 -32.03
CA ASP G 101 6.54 -31.92 -32.48
C ASP G 101 7.30 -30.59 -32.57
N TYR G 102 6.64 -29.55 -33.04
CA TYR G 102 7.27 -28.24 -33.06
C TYR G 102 7.57 -27.71 -31.65
N ALA G 103 6.68 -27.98 -30.72
CA ALA G 103 6.91 -27.61 -29.33
C ALA G 103 8.09 -28.38 -28.77
N THR G 104 8.20 -29.67 -29.09
CA THR G 104 9.34 -30.50 -28.68
C THR G 104 10.66 -29.93 -29.26
N ALA G 105 10.59 -29.56 -30.54
CA ALA G 105 11.76 -29.03 -31.22
C ALA G 105 12.19 -27.70 -30.60
N ALA G 106 11.21 -26.87 -30.22
CA ALA G 106 11.54 -25.61 -29.56
C ALA G 106 12.24 -25.86 -28.23
N THR G 107 11.74 -26.84 -27.49
CA THR G 107 12.30 -27.17 -26.20
C THR G 107 13.75 -27.61 -26.33
N CYS G 108 14.07 -28.44 -27.32
CA CYS G 108 15.46 -28.82 -27.43
C CYS G 108 16.23 -28.09 -28.51
N ALA G 109 15.80 -26.89 -28.82
CA ALA G 109 16.42 -26.09 -29.85
C ALA G 109 17.88 -25.81 -29.48
N GLN G 110 18.75 -25.87 -30.46
CA GLN G 110 20.18 -25.66 -30.24
C GLN G 110 20.54 -24.17 -30.12
N ASP G 111 19.71 -23.28 -30.63
CA ASP G 111 19.87 -21.87 -30.38
C ASP G 111 18.53 -21.19 -30.32
N GLU G 112 18.56 -19.91 -30.00
CA GLU G 112 17.36 -19.17 -29.69
C GLU G 112 16.59 -18.76 -30.94
N THR G 113 17.24 -18.65 -32.10
CA THR G 113 16.53 -18.39 -33.36
C THR G 113 15.61 -19.55 -33.70
N LEU G 114 16.15 -20.76 -33.66
CA LEU G 114 15.36 -21.94 -33.93
C LEU G 114 14.30 -22.15 -32.86
N ARG G 115 14.61 -21.83 -31.60
CA ARG G 115 13.59 -21.92 -30.56
C ARG G 115 12.38 -21.05 -30.93
N GLU G 116 12.66 -19.81 -31.33
CA GLU G 116 11.61 -18.88 -31.69
C GLU G 116 10.85 -19.35 -32.93
N PHE G 117 11.58 -19.88 -33.90
CA PHE G 117 10.98 -20.34 -35.12
C PHE G 117 10.01 -21.48 -34.80
N PHE G 118 10.50 -22.47 -34.09
CA PHE G 118 9.68 -23.63 -33.81
C PHE G 118 8.45 -23.27 -32.95
N LYS G 119 8.62 -22.39 -31.96
CA LYS G 119 7.49 -21.89 -31.18
C LYS G 119 6.45 -21.23 -32.09
N ALA G 120 6.94 -20.43 -33.03
CA ALA G 120 6.03 -19.72 -33.93
C ALA G 120 5.29 -20.72 -34.81
N LYS G 121 5.98 -21.76 -35.26
CA LYS G 121 5.35 -22.80 -36.04
C LYS G 121 4.30 -23.58 -35.22
N ALA G 122 4.58 -23.88 -33.96
CA ALA G 122 3.61 -24.56 -33.14
C ALA G 122 2.31 -23.72 -33.07
N LYS G 123 2.47 -22.42 -32.95
CA LYS G 123 1.33 -21.51 -32.91
C LYS G 123 0.60 -21.47 -34.23
N SER G 124 1.30 -21.52 -35.35
CA SER G 124 0.62 -21.61 -36.63
C SER G 124 -0.20 -22.89 -36.76
N TYR G 125 0.34 -24.00 -36.25
CA TYR G 125 -0.41 -25.24 -36.20
C TYR G 125 -1.63 -25.14 -35.29
N ASP G 126 -1.49 -24.55 -34.11
CA ASP G 126 -2.65 -24.31 -33.27
C ASP G 126 -3.76 -23.60 -33.97
N GLU G 127 -3.40 -22.56 -34.69
CA GLU G 127 -4.38 -21.76 -35.43
C GLU G 127 -5.07 -22.60 -36.51
N TYR G 128 -4.29 -23.31 -37.32
CA TYR G 128 -4.88 -24.15 -38.35
C TYR G 128 -5.77 -25.27 -37.70
N ASN G 129 -5.29 -25.83 -36.60
CA ASN G 129 -5.96 -26.96 -35.98
C ASN G 129 -7.35 -26.71 -35.41
N GLU G 130 -7.70 -25.43 -35.26
CA GLU G 130 -9.05 -25.05 -34.93
C GLU G 130 -10.07 -25.62 -35.95
N THR G 131 -9.69 -25.85 -37.21
CA THR G 131 -10.63 -26.54 -38.12
C THR G 131 -10.98 -27.94 -37.65
N TYR G 132 -9.98 -28.66 -37.16
CA TYR G 132 -10.16 -30.03 -36.74
C TYR G 132 -10.99 -30.08 -35.48
N HIS G 133 -10.80 -29.13 -34.56
CA HIS G 133 -11.59 -29.09 -33.34
C HIS G 133 -13.02 -28.65 -33.57
N GLN G 134 -13.22 -27.64 -34.42
CA GLN G 134 -14.50 -26.99 -34.59
C GLN G 134 -15.33 -27.60 -35.72
N THR G 135 -14.81 -27.64 -36.91
CA THR G 135 -15.56 -28.18 -38.03
C THR G 135 -15.64 -29.70 -37.97
N TRP G 136 -14.53 -30.35 -37.63
CA TRP G 136 -14.45 -31.80 -37.63
C TRP G 136 -14.67 -32.45 -36.26
N HIS G 137 -14.84 -31.64 -35.21
CA HIS G 137 -15.26 -32.14 -33.89
C HIS G 137 -14.29 -33.14 -33.26
N LEU G 138 -13.02 -32.95 -33.53
CA LEU G 138 -11.98 -33.83 -33.00
C LEU G 138 -11.33 -33.17 -31.82
N ARG G 139 -11.30 -33.85 -30.69
CA ARG G 139 -10.81 -33.25 -29.47
C ARG G 139 -9.29 -33.19 -29.42
N GLU G 140 -8.64 -34.30 -29.74
CA GLU G 140 -7.21 -34.51 -29.52
C GLU G 140 -6.75 -35.83 -30.15
N ALA G 141 -5.46 -35.98 -30.35
CA ALA G 141 -4.91 -37.14 -31.06
C ALA G 141 -5.25 -38.46 -30.38
N SER G 142 -5.25 -38.44 -29.05
CA SER G 142 -5.52 -39.67 -28.28
C SER G 142 -6.92 -40.18 -28.46
N GLY G 143 -7.83 -39.33 -28.96
CA GLY G 143 -9.18 -39.77 -29.27
C GLY G 143 -9.41 -40.35 -30.65
N LEU G 144 -8.34 -40.40 -31.42
CA LEU G 144 -8.40 -40.95 -32.76
C LEU G 144 -7.63 -42.27 -32.80
N ILE G 145 -8.00 -43.15 -33.73
CA ILE G 145 -7.21 -44.37 -34.00
C ILE G 145 -6.60 -44.21 -35.38
N PRO G 146 -5.32 -43.84 -35.44
CA PRO G 146 -4.77 -43.55 -36.76
C PRO G 146 -4.55 -44.83 -37.59
N GLY G 147 -4.61 -44.70 -38.90
CA GLY G 147 -4.18 -45.78 -39.75
C GLY G 147 -2.67 -45.95 -39.61
N THR G 148 -2.21 -47.11 -40.03
CA THR G 148 -0.79 -47.47 -39.95
C THR G 148 0.16 -46.47 -40.60
N ASP G 149 -0.17 -46.01 -41.80
CA ASP G 149 0.71 -45.12 -42.51
C ASP G 149 0.84 -43.77 -41.80
N ILE G 150 -0.29 -43.21 -41.39
CA ILE G 150 -0.24 -41.91 -40.71
C ILE G 150 0.44 -42.03 -39.33
N LYS G 151 0.18 -43.11 -38.65
CA LYS G 151 0.84 -43.37 -37.37
C LYS G 151 2.34 -43.43 -37.53
N ASP G 152 2.80 -44.21 -38.52
CA ASP G 152 4.25 -44.34 -38.81
C ASP G 152 4.89 -43.00 -39.18
N TYR G 153 4.18 -42.23 -40.00
CA TYR G 153 4.65 -40.93 -40.41
C TYR G 153 4.76 -40.00 -39.22
N ALA G 154 3.71 -39.91 -38.41
CA ALA G 154 3.74 -39.07 -37.20
C ALA G 154 4.83 -39.50 -36.20
N ASP G 155 5.02 -40.80 -36.05
CA ASP G 155 6.07 -41.31 -35.19
C ASP G 155 7.43 -40.90 -35.70
N TYR G 156 7.61 -40.92 -37.02
CA TYR G 156 8.89 -40.53 -37.59
C TYR G 156 9.22 -39.06 -37.35
N GLU G 157 8.24 -38.18 -37.54
CA GLU G 157 8.42 -36.77 -37.23
C GLU G 157 8.72 -36.53 -35.76
N ALA G 158 8.05 -37.27 -34.90
CA ALA G 158 8.31 -37.15 -33.46
C ALA G 158 9.73 -37.59 -33.12
N TYR G 159 10.20 -38.62 -33.80
CA TYR G 159 11.57 -39.07 -33.67
C TYR G 159 12.58 -37.99 -34.11
N VAL G 160 12.35 -37.39 -35.29
CA VAL G 160 13.23 -36.34 -35.78
C VAL G 160 13.28 -35.19 -34.75
N ALA G 161 12.10 -34.79 -34.29
CA ALA G 161 11.96 -33.65 -33.39
C ALA G 161 12.72 -33.86 -32.05
N GLY G 162 12.60 -35.07 -31.53
CA GLY G 162 13.11 -35.38 -30.22
C GLY G 162 14.52 -35.93 -30.17
N SER G 163 15.02 -36.43 -31.29
CA SER G 163 16.26 -37.21 -31.27
C SER G 163 17.33 -36.71 -32.22
N LEU G 164 16.98 -35.90 -33.22
CA LEU G 164 17.98 -35.41 -34.19
C LEU G 164 18.23 -33.93 -34.03
N ALA G 165 19.34 -33.46 -34.60
CA ALA G 165 19.69 -32.03 -34.55
C ALA G 165 18.58 -31.14 -35.09
N SER G 166 18.39 -29.98 -34.46
CA SER G 166 17.28 -29.07 -34.72
C SER G 166 16.96 -28.82 -36.20
N PRO G 167 17.97 -28.53 -37.01
CA PRO G 167 17.62 -28.18 -38.40
C PRO G 167 16.94 -29.29 -39.19
N TYR G 168 17.11 -30.55 -38.77
CA TYR G 168 16.43 -31.65 -39.45
C TYR G 168 14.91 -31.59 -39.30
N MSE G 169 14.44 -30.88 -38.27
CA MSE G 169 13.00 -30.71 -38.11
C MSE G 169 12.42 -29.90 -39.29
O MSE G 169 11.34 -30.23 -39.79
CB MSE G 169 12.70 -30.04 -36.78
CG MSE G 169 11.25 -29.81 -36.51
SE MSE G 169 10.25 -31.46 -36.31
CE MSE G 169 8.56 -30.64 -35.87
N CYS G 170 13.15 -28.89 -39.75
CA CYS G 170 12.74 -28.17 -40.96
C CYS G 170 12.71 -29.07 -42.19
N VAL G 171 13.62 -30.04 -42.24
CA VAL G 171 13.66 -30.96 -43.39
C VAL G 171 12.44 -31.89 -43.40
N VAL G 172 12.12 -32.51 -42.26
CA VAL G 172 11.07 -33.54 -42.25
C VAL G 172 9.68 -32.94 -42.39
N MSE G 173 9.50 -31.69 -41.96
CA MSE G 173 8.19 -31.02 -42.07
C MSE G 173 7.96 -30.32 -43.41
O MSE G 173 6.84 -29.90 -43.69
CB MSE G 173 8.00 -30.00 -40.97
CG MSE G 173 8.11 -30.56 -39.58
SE MSE G 173 6.96 -32.13 -39.15
CE MSE G 173 5.22 -31.30 -38.97
N LEU G 174 8.97 -30.21 -44.25
CA LEU G 174 8.81 -29.51 -45.51
C LEU G 174 7.85 -30.19 -46.49
N PRO G 175 7.97 -31.51 -46.65
CA PRO G 175 7.00 -32.16 -47.54
C PRO G 175 5.55 -31.84 -47.30
N CYS G 176 5.05 -31.90 -46.07
CA CYS G 176 3.63 -31.62 -45.93
C CYS G 176 3.32 -30.13 -46.28
N GLU G 177 4.27 -29.21 -46.05
CA GLU G 177 4.05 -27.81 -46.39
C GLU G 177 4.13 -27.45 -47.86
N TYR G 178 4.98 -28.16 -48.62
CA TYR G 178 5.16 -27.85 -50.04
C TYR G 178 4.34 -28.76 -50.97
N LEU G 179 4.24 -30.04 -50.65
CA LEU G 179 3.61 -30.99 -51.55
C LEU G 179 2.14 -30.65 -51.82
N TRP G 180 1.43 -30.25 -50.77
CA TRP G 180 0.00 -30.01 -50.91
C TRP G 180 -0.28 -28.84 -51.84
N PRO G 181 0.36 -27.69 -51.62
CA PRO G 181 0.21 -26.62 -52.61
C PRO G 181 0.70 -27.00 -54.01
N TRP G 182 1.78 -27.72 -54.08
CA TRP G 182 2.30 -28.18 -55.34
C TRP G 182 1.23 -29.02 -56.10
N ILE G 183 0.62 -29.97 -55.40
CA ILE G 183 -0.43 -30.76 -55.98
C ILE G 183 -1.62 -29.89 -56.44
N ALA G 184 -2.03 -28.98 -55.59
CA ALA G 184 -3.18 -28.13 -55.89
C ALA G 184 -2.91 -27.28 -57.12
N ASN G 185 -1.70 -26.72 -57.23
CA ASN G 185 -1.38 -25.85 -58.34
C ASN G 185 -1.26 -26.67 -59.64
N PHE G 186 -0.81 -27.92 -59.53
CA PHE G 186 -0.79 -28.82 -60.69
C PHE G 186 -2.20 -29.15 -61.18
N LEU G 187 -3.07 -29.50 -60.24
CA LEU G 187 -4.44 -29.96 -60.55
C LEU G 187 -5.44 -28.84 -60.83
N ASP G 188 -5.05 -27.62 -60.54
CA ASP G 188 -5.91 -26.47 -60.81
C ASP G 188 -6.56 -26.52 -62.20
N GLY G 189 -5.72 -26.62 -63.22
CA GLY G 189 -6.16 -26.65 -64.61
C GLY G 189 -6.79 -27.97 -65.05
N TYR G 190 -6.81 -28.95 -64.15
CA TYR G 190 -7.51 -30.21 -64.37
C TYR G 190 -8.81 -30.38 -63.57
N THR G 191 -9.14 -29.40 -62.72
CA THR G 191 -10.24 -29.51 -61.76
C THR G 191 -11.26 -28.38 -62.03
N PRO G 192 -12.38 -28.72 -62.65
CA PRO G 192 -13.38 -27.70 -63.05
C PRO G 192 -13.85 -26.87 -61.88
N THR G 193 -14.07 -25.59 -62.13
CA THR G 193 -14.42 -24.67 -61.05
C THR G 193 -15.77 -24.95 -60.42
N ASN G 194 -16.64 -25.65 -61.14
CA ASN G 194 -17.92 -26.03 -60.58
C ASN G 194 -17.97 -27.45 -60.01
N SER G 195 -16.83 -28.11 -59.89
CA SER G 195 -16.83 -29.52 -59.46
C SER G 195 -16.81 -29.60 -57.94
N LEU G 196 -17.18 -30.78 -57.42
CA LEU G 196 -17.49 -30.88 -56.02
C LEU G 196 -16.29 -30.66 -55.10
N TYR G 197 -15.10 -31.07 -55.52
CA TYR G 197 -13.90 -30.93 -54.71
C TYR G 197 -12.99 -29.79 -55.13
N ARG G 198 -13.54 -28.87 -55.91
CA ARG G 198 -12.80 -27.69 -56.33
C ARG G 198 -12.22 -26.90 -55.13
N PHE G 199 -12.94 -26.95 -54.01
CA PHE G 199 -12.47 -26.29 -52.78
C PHE G 199 -11.09 -26.76 -52.37
N TRP G 200 -10.74 -28.00 -52.71
CA TRP G 200 -9.42 -28.51 -52.34
C TRP G 200 -8.31 -27.66 -52.96
N ILE G 201 -8.50 -27.31 -54.23
CA ILE G 201 -7.56 -26.47 -54.96
C ILE G 201 -7.47 -25.09 -54.34
N GLU G 202 -8.64 -24.51 -54.05
CA GLU G 202 -8.69 -23.17 -53.50
C GLU G 202 -8.04 -23.11 -52.12
N TRP G 203 -8.27 -24.11 -51.28
CA TRP G 203 -7.69 -24.10 -49.93
C TRP G 203 -6.21 -24.38 -49.86
N ASN G 204 -5.71 -25.14 -50.81
CA ASN G 204 -4.30 -25.55 -50.76
C ASN G 204 -3.38 -24.89 -51.72
N GLY G 205 -3.93 -24.29 -52.77
CA GLY G 205 -3.12 -23.74 -53.81
C GLY G 205 -2.69 -22.32 -53.54
N GLY G 206 -2.03 -21.76 -54.52
CA GLY G 206 -1.41 -20.45 -54.40
C GLY G 206 0.06 -20.58 -54.05
N THR G 207 0.65 -19.45 -53.70
CA THR G 207 2.06 -19.37 -53.37
C THR G 207 2.32 -20.10 -52.09
N PRO G 208 3.26 -21.04 -52.10
CA PRO G 208 3.59 -21.82 -50.89
C PRO G 208 4.53 -21.09 -49.92
N ASN G 209 4.05 -19.97 -49.38
CA ASN G 209 4.85 -19.06 -48.58
C ASN G 209 5.42 -19.75 -47.34
N GLY G 210 4.62 -20.63 -46.73
CA GLY G 210 5.07 -21.35 -45.56
C GLY G 210 6.27 -22.24 -45.80
N ALA G 211 6.19 -22.98 -46.88
CA ALA G 211 7.31 -23.84 -47.28
C ALA G 211 8.56 -23.00 -47.58
N TYR G 212 8.39 -21.91 -48.35
CA TYR G 212 9.50 -21.07 -48.76
C TYR G 212 10.14 -20.48 -47.52
N GLN G 213 9.31 -19.98 -46.61
CA GLN G 213 9.78 -19.44 -45.33
C GLN G 213 10.63 -20.45 -44.56
N MSE G 214 10.17 -21.69 -44.48
CA MSE G 214 10.94 -22.72 -43.78
C MSE G 214 12.18 -23.15 -44.53
O MSE G 214 13.24 -23.46 -43.92
CB MSE G 214 10.08 -23.95 -43.49
CG MSE G 214 10.79 -24.95 -42.60
SE MSE G 214 9.49 -25.83 -41.42
CE MSE G 214 8.52 -26.82 -42.88
N GLY G 215 12.09 -23.16 -45.85
CA GLY G 215 13.26 -23.34 -46.68
C GLY G 215 14.32 -22.28 -46.50
N ASN G 216 13.89 -21.02 -46.34
CA ASN G 216 14.82 -19.93 -46.07
C ASN G 216 15.46 -20.00 -44.67
N MSE G 217 14.69 -20.50 -43.70
CA MSE G 217 15.22 -20.75 -42.36
C MSE G 217 16.26 -21.88 -42.41
O MSE G 217 17.36 -21.81 -41.87
CB MSE G 217 14.06 -21.08 -41.43
CG MSE G 217 14.44 -21.36 -39.99
SE MSE G 217 15.18 -19.82 -38.99
CE MSE G 217 13.85 -18.65 -38.92
N LEU G 218 15.90 -22.93 -43.12
CA LEU G 218 16.79 -24.09 -43.26
C LEU G 218 18.14 -23.75 -43.89
N GLU G 219 18.10 -22.88 -44.90
CA GLU G 219 19.29 -22.54 -45.64
C GLU G 219 20.34 -21.93 -44.73
N GLN G 220 19.90 -21.24 -43.68
CA GLN G 220 20.80 -20.61 -42.71
C GLN G 220 21.54 -21.62 -41.82
N TYR G 221 21.06 -22.87 -41.77
CA TYR G 221 21.67 -23.94 -40.95
C TYR G 221 22.25 -25.06 -41.80
N ARG G 222 22.30 -24.85 -43.11
CA ARG G 222 22.73 -25.85 -44.08
C ARG G 222 24.15 -26.37 -43.79
N ASP G 223 25.05 -25.47 -43.40
CA ASP G 223 26.42 -25.85 -43.01
C ASP G 223 26.50 -26.67 -41.71
N LYS G 224 25.42 -26.69 -40.92
CA LYS G 224 25.39 -27.39 -39.66
C LYS G 224 24.77 -28.78 -39.79
N ILE G 225 24.42 -29.21 -41.00
CA ILE G 225 23.86 -30.57 -41.15
C ILE G 225 24.50 -31.35 -42.28
N ASP G 226 24.24 -32.64 -42.25
CA ASP G 226 24.69 -33.57 -43.26
C ASP G 226 23.60 -33.63 -44.32
N GLU G 227 23.94 -33.18 -45.52
CA GLU G 227 22.94 -33.10 -46.60
C GLU G 227 22.42 -34.46 -47.07
N ASP G 228 23.27 -35.47 -47.02
CA ASP G 228 22.83 -36.84 -47.32
C ASP G 228 21.78 -37.32 -46.33
N LYS G 229 21.97 -36.99 -45.06
CA LYS G 229 21.00 -37.33 -44.03
C LYS G 229 19.71 -36.58 -44.27
N ALA G 230 19.83 -35.31 -44.64
CA ALA G 230 18.67 -34.49 -44.96
C ALA G 230 17.85 -35.06 -46.13
N VAL G 231 18.54 -35.50 -47.18
CA VAL G 231 17.90 -36.13 -48.32
C VAL G 231 17.14 -37.37 -47.87
N GLU G 232 17.78 -38.21 -47.10
CA GLU G 232 17.13 -39.40 -46.57
C GLU G 232 15.85 -39.10 -45.74
N ILE G 233 15.94 -38.10 -44.87
CA ILE G 233 14.84 -37.72 -44.02
C ILE G 233 13.68 -37.15 -44.88
N PHE G 234 14.02 -36.26 -45.80
CA PHE G 234 13.02 -35.65 -46.67
C PHE G 234 12.29 -36.71 -47.50
N ASN G 235 13.06 -37.63 -48.07
CA ASN G 235 12.52 -38.65 -48.94
C ASN G 235 11.64 -39.62 -48.17
N THR G 236 12.01 -39.89 -46.93
CA THR G 236 11.17 -40.71 -46.05
C THR G 236 9.80 -40.06 -45.85
N ALA G 237 9.80 -38.77 -45.56
CA ALA G 237 8.54 -38.04 -45.39
C ALA G 237 7.72 -38.02 -46.66
N MSE G 238 8.37 -37.76 -47.79
CA MSE G 238 7.70 -37.77 -49.09
C MSE G 238 7.07 -39.13 -49.38
O MSE G 238 5.93 -39.22 -49.81
CB MSE G 238 8.66 -37.41 -50.22
CG MSE G 238 9.01 -35.96 -50.23
SE MSE G 238 7.47 -34.86 -50.91
CE MSE G 238 7.23 -35.68 -52.76
N ASN G 239 7.81 -40.20 -49.09
CA ASN G 239 7.29 -41.53 -49.23
C ASN G 239 6.10 -41.79 -48.33
N TYR G 240 6.11 -41.27 -47.09
CA TYR G 240 4.93 -41.42 -46.24
C TYR G 240 3.71 -40.66 -46.82
N GLU G 241 3.92 -39.49 -47.38
CA GLU G 241 2.84 -38.78 -48.05
C GLU G 241 2.22 -39.66 -49.12
N LEU G 242 3.06 -40.26 -49.94
CA LEU G 242 2.55 -41.16 -50.99
C LEU G 242 1.76 -42.33 -50.43
N LYS G 243 2.28 -42.96 -49.38
CA LYS G 243 1.62 -44.14 -48.76
C LYS G 243 0.26 -43.75 -48.16
N VAL G 244 0.22 -42.63 -47.47
CA VAL G 244 -1.00 -42.13 -46.90
C VAL G 244 -2.05 -41.83 -47.98
N PHE G 245 -1.68 -41.08 -49.01
CA PHE G 245 -2.65 -40.84 -50.08
C PHE G 245 -3.09 -42.12 -50.81
N THR G 246 -2.16 -43.04 -51.01
CA THR G 246 -2.48 -44.29 -51.64
C THR G 246 -3.49 -45.09 -50.80
N SER G 247 -3.27 -45.14 -49.48
CA SER G 247 -4.10 -46.01 -48.65
C SER G 247 -5.45 -45.37 -48.35
N SER G 248 -5.57 -44.06 -48.60
CA SER G 248 -6.78 -43.30 -48.22
C SER G 248 -8.07 -43.77 -48.92
N THR G 249 -7.95 -44.36 -50.10
CA THR G 249 -9.09 -44.77 -50.86
C THR G 249 -9.33 -46.26 -50.76
N ILE G 250 -8.53 -46.96 -49.98
CA ILE G 250 -8.75 -48.37 -49.72
C ILE G 250 -9.52 -48.50 -48.40
N LEU G 251 -10.84 -48.63 -48.50
CA LEU G 251 -11.75 -48.64 -47.32
C LEU G 251 -12.30 -50.05 -47.03
C1 EDO H . 6.83 -20.67 0.14
O1 EDO H . 6.33 -21.80 0.89
C2 EDO H . 5.76 -19.75 -0.46
O2 EDO H . 5.80 -19.80 -1.90
C1 EDO I . 4.76 -18.36 -5.55
O1 EDO I . 5.23 -17.50 -4.47
C2 EDO I . 3.26 -18.25 -5.75
O2 EDO I . 2.77 -16.90 -6.01
C1 EDO J . 9.04 -22.21 -10.47
O1 EDO J . 10.40 -22.31 -9.95
C2 EDO J . 8.77 -21.03 -11.42
O2 EDO J . 9.21 -19.69 -11.01
C1 EDO K . 14.88 -19.42 -21.82
O1 EDO K . 16.21 -19.03 -22.25
C2 EDO K . 14.14 -19.80 -23.11
O2 EDO K . 13.53 -18.67 -23.72
C1 EDO L . 31.06 -28.69 1.28
O1 EDO L . 31.16 -30.13 1.22
C2 EDO L . 31.64 -28.01 0.03
O2 EDO L . 33.07 -28.06 -0.05
K K M . -40.58 -15.79 -19.17
K K N . -7.91 -34.33 -14.54
C1 EDO O . -13.63 -16.13 -3.15
O1 EDO O . -13.79 -14.71 -3.34
C2 EDO O . -12.16 -16.58 -3.32
O2 EDO O . -11.38 -16.46 -2.10
C1 EDO P . -19.60 -21.00 -3.33
O1 EDO P . -20.65 -20.03 -3.58
C2 EDO P . -18.97 -20.98 -1.94
O2 EDO P . -19.46 -19.97 -0.99
K K Q . -21.62 4.99 24.31
C1 EDO R . -24.02 7.55 20.97
O1 EDO R . -22.90 6.65 20.85
C2 EDO R . -23.57 9.01 20.89
O2 EDO R . -22.95 9.38 19.63
C1 EDO S . -31.33 5.71 21.88
O1 EDO S . -31.39 4.29 22.10
C2 EDO S . -31.54 6.18 20.43
O2 EDO S . -30.73 5.57 19.37
C1 EDO T . -39.19 -13.39 40.19
O1 EDO T . -40.36 -13.14 39.44
C2 EDO T . -38.02 -12.75 39.45
O2 EDO T . -37.53 -13.66 38.46
K K U . -34.14 24.29 31.81
K K V . -15.57 25.49 17.22
C1 EDO W . -15.18 22.60 21.98
O1 EDO W . -14.68 21.23 21.90
C2 EDO W . -15.17 23.41 20.71
O2 EDO W . -13.85 23.64 20.20
C1 EDO X . -14.74 30.26 25.84
O1 EDO X . -14.14 30.94 24.69
C2 EDO X . -13.97 29.05 26.41
O2 EDO X . -12.55 28.85 26.07
C1 EDO Y . -32.78 54.31 22.23
O1 EDO Y . -31.98 55.52 22.20
C2 EDO Y . -32.50 53.49 20.98
O2 EDO Y . -31.14 52.98 20.99
C1 EDO Z . -18.42 54.76 15.23
O1 EDO Z . -17.61 55.50 16.14
C2 EDO Z . -17.69 53.57 14.63
O2 EDO Z . -16.45 53.99 14.05
K K AA . 39.87 25.76 4.45
C1 EDO BA . 19.79 22.36 12.89
O1 EDO BA . 18.59 21.76 13.40
C2 EDO BA . 20.15 21.75 11.54
O2 EDO BA . 19.04 21.52 10.64
C1 EDO CA . 20.47 30.28 13.80
O1 EDO CA . 19.16 29.68 13.72
C2 EDO CA . 21.61 29.44 14.41
O2 EDO CA . 21.73 29.66 15.84
C1 EDO DA . 20.83 19.01 18.33
O1 EDO DA . 22.01 18.28 18.80
C2 EDO DA . 20.44 18.81 16.85
O2 EDO DA . 20.44 20.07 16.11
C1 EDO EA . 29.59 34.13 39.81
O1 EDO EA . 28.24 34.44 40.05
C2 EDO EA . 30.16 35.38 39.20
O2 EDO EA . 29.88 36.44 40.11
C1 EDO FA . 11.83 26.32 29.55
O1 EDO FA . 11.92 27.71 29.98
C2 EDO FA . 11.99 26.13 28.03
O2 EDO FA . 10.75 25.67 27.47
K K GA . 22.82 12.52 -4.41
C1 EDO HA . 31.36 7.09 -2.55
O1 EDO HA . 30.03 6.59 -2.22
C2 EDO HA . 31.43 8.30 -3.48
O2 EDO HA . 31.19 7.97 -4.87
C1 EDO IA . 8.18 -0.58 -0.99
O1 EDO IA . 7.46 0.01 0.13
C2 EDO IA . 9.17 -1.70 -0.60
O2 EDO IA . 10.46 -1.30 -0.07
C1 EDO JA . 36.21 10.25 -29.63
O1 EDO JA . 35.49 9.01 -29.58
C2 EDO JA . 37.37 10.06 -30.61
O2 EDO JA . 38.34 9.13 -30.13
C1 EDO KA . 24.83 11.00 0.56
O1 EDO KA . 23.97 10.80 1.69
C2 EDO KA . 24.03 11.16 -0.72
O2 EDO KA . 23.63 9.91 -1.22
C1 EDO LA . 32.84 -1.02 6.28
O1 EDO LA . 32.92 -2.10 5.32
C2 EDO LA . 33.59 0.25 5.86
O2 EDO LA . 34.96 0.38 6.33
K K MA . -9.50 -39.36 -25.35
C1 EDO NA . -7.30 -34.21 -46.86
O1 EDO NA . -7.66 -33.41 -48.02
C2 EDO NA . -8.53 -34.91 -46.28
O2 EDO NA . -9.29 -35.70 -47.24
C1 EDO OA . -0.11 -35.65 -43.91
O1 EDO OA . 0.47 -34.55 -44.65
C2 EDO OA . -0.74 -36.81 -44.71
O2 EDO OA . -0.49 -36.90 -46.15
C1 EDO PA . 16.68 -15.14 -38.37
O1 EDO PA . 17.77 -15.94 -38.81
C2 EDO PA . 15.60 -14.98 -39.44
O2 EDO PA . 16.20 -14.95 -40.74
C1 EDO QA . 9.07 -45.56 -44.75
O1 EDO QA . 8.34 -46.66 -45.32
C2 EDO QA . 8.93 -44.35 -45.67
O2 EDO QA . 10.10 -44.32 -46.54
#